data_3VHJ
# 
_entry.id   3VHJ 
# 
_audit_conform.dict_name       mmcif_pdbx.dic 
_audit_conform.dict_version    5.398 
_audit_conform.dict_location   http://mmcif.pdb.org/dictionaries/ascii/mmcif_pdbx.dic 
# 
loop_
_database_2.database_id 
_database_2.database_code 
_database_2.pdbx_database_accession 
_database_2.pdbx_DOI 
PDB   3VHJ         pdb_00003vhj 10.2210/pdb3vhj/pdb 
RCSB  RCSB095051   ?            ?                   
WWPDB D_1000095051 ?            ?                   
# 
loop_
_pdbx_audit_revision_history.ordinal 
_pdbx_audit_revision_history.data_content_type 
_pdbx_audit_revision_history.major_revision 
_pdbx_audit_revision_history.minor_revision 
_pdbx_audit_revision_history.revision_date 
1 'Structure model' 1 0 2012-05-23 
2 'Structure model' 1 1 2024-10-30 
# 
_pdbx_audit_revision_details.ordinal             1 
_pdbx_audit_revision_details.revision_ordinal    1 
_pdbx_audit_revision_details.data_content_type   'Structure model' 
_pdbx_audit_revision_details.provider            repository 
_pdbx_audit_revision_details.type                'Initial release' 
_pdbx_audit_revision_details.description         ? 
_pdbx_audit_revision_details.details             ? 
# 
loop_
_pdbx_audit_revision_group.ordinal 
_pdbx_audit_revision_group.revision_ordinal 
_pdbx_audit_revision_group.data_content_type 
_pdbx_audit_revision_group.group 
1 2 'Structure model' 'Data collection'      
2 2 'Structure model' 'Database references'  
3 2 'Structure model' 'Derived calculations' 
4 2 'Structure model' 'Structure summary'    
# 
loop_
_pdbx_audit_revision_category.ordinal 
_pdbx_audit_revision_category.revision_ordinal 
_pdbx_audit_revision_category.data_content_type 
_pdbx_audit_revision_category.category 
1 2 'Structure model' chem_comp_atom            
2 2 'Structure model' chem_comp_bond            
3 2 'Structure model' database_2                
4 2 'Structure model' pdbx_entry_details        
5 2 'Structure model' pdbx_modification_feature 
6 2 'Structure model' struct_conn               
7 2 'Structure model' struct_ref_seq_dif        
# 
loop_
_pdbx_audit_revision_item.ordinal 
_pdbx_audit_revision_item.revision_ordinal 
_pdbx_audit_revision_item.data_content_type 
_pdbx_audit_revision_item.item 
1 2 'Structure model' '_database_2.pdbx_DOI'                
2 2 'Structure model' '_database_2.pdbx_database_accession' 
3 2 'Structure model' '_struct_conn.pdbx_leaving_atom_flag' 
4 2 'Structure model' '_struct_ref_seq_dif.details'         
# 
_pdbx_database_status.status_code                     REL 
_pdbx_database_status.entry_id                        3VHJ 
_pdbx_database_status.recvd_initial_deposition_date   2011-08-25 
_pdbx_database_status.deposit_site                    PDBJ 
_pdbx_database_status.process_site                    PDBJ 
_pdbx_database_status.status_code_sf                  REL 
_pdbx_database_status.status_code_mr                  ? 
_pdbx_database_status.SG_entry                        ? 
_pdbx_database_status.status_code_cs                  ? 
_pdbx_database_status.methods_development_category    ? 
_pdbx_database_status.pdb_format_compatible           Y 
_pdbx_database_status.status_code_nmr_data            ? 
# 
loop_
_audit_author.name 
_audit_author.pdbx_ordinal 
'Yamagata, A.'     1 
'Tainer, J.A.'     2 
'Donnenberg, M.S.' 3 
# 
_citation.id                        primary 
_citation.title                     
'Structure of an Essential Type IV Pilus Biogenesis Protein Provides Insights into Pilus and Type II Secretion Systems' 
_citation.journal_abbrev            J.Mol.Biol. 
_citation.journal_volume            419 
_citation.page_first                110 
_citation.page_last                 124 
_citation.year                      2012 
_citation.journal_id_ASTM           JMOBAK 
_citation.country                   UK 
_citation.journal_id_ISSN           0022-2836 
_citation.journal_id_CSD            0070 
_citation.book_publisher            ? 
_citation.pdbx_database_id_PubMed   22387466 
_citation.pdbx_database_id_DOI      10.1016/j.jmb.2012.02.041 
# 
loop_
_citation_author.citation_id 
_citation_author.name 
_citation_author.ordinal 
_citation_author.identifier_ORCID 
primary 'Yamagata, A.'     1 ? 
primary 'Milgotina, E.'    2 ? 
primary 'Scanlon, K.'      3 ? 
primary 'Craig, L.'        4 ? 
primary 'Tainer, J.A.'     5 ? 
primary 'Donnenberg, M.S.' 6 ? 
# 
loop_
_entity.id 
_entity.type 
_entity.src_method 
_entity.pdbx_description 
_entity.formula_weight 
_entity.pdbx_number_of_molecules 
_entity.pdbx_ec 
_entity.pdbx_mutation 
_entity.pdbx_fragment 
_entity.details 
1 polymer man BfpC  19286.238 1   ? I2V 'N terminal domain, UNP residues 1-165' ? 
2 water   nat water 18.015    119 ? ?   ?                                       ? 
# 
_entity_name_com.entity_id   1 
_entity_name_com.name        'Putative uncharacterized protein bfpC' 
# 
_entity_poly.entity_id                      1 
_entity_poly.type                           'polypeptide(L)' 
_entity_poly.nstd_linkage                   no 
_entity_poly.nstd_monomer                   yes 
_entity_poly.pdbx_seq_one_letter_code       
;(MSE)VKNNLGVAVIGSKQYAVNLLWGSSQDTETTNQALNKSLTL(MSE)SSKLYSVIGRFQGEQFAVGDKNIGHKRGQV
TLLSAIDFDGSSFCGLFPADNELWLVIGVDKDG(MSE)VHFDKSFHSKDDAKKFFFDHVAYGYPWDRTYSPSDVGVGESR
SISELSLIKGKKLKEKGSHHHHHH
;
_entity_poly.pdbx_seq_one_letter_code_can   
;MVKNNLGVAVIGSKQYAVNLLWGSSQDTETTNQALNKSLTLMSSKLYSVIGRFQGEQFAVGDKNIGHKRGQVTLLSAIDF
DGSSFCGLFPADNELWLVIGVDKDGMVHFDKSFHSKDDAKKFFFDHVAYGYPWDRTYSPSDVGVGESRSISELSLIKGKK
LKEKGSHHHHHH
;
_entity_poly.pdbx_strand_id                 A 
_entity_poly.pdbx_target_identifier         ? 
# 
_pdbx_entity_nonpoly.entity_id   2 
_pdbx_entity_nonpoly.name        water 
_pdbx_entity_nonpoly.comp_id     HOH 
# 
loop_
_entity_poly_seq.entity_id 
_entity_poly_seq.num 
_entity_poly_seq.mon_id 
_entity_poly_seq.hetero 
1 1   MSE n 
1 2   VAL n 
1 3   LYS n 
1 4   ASN n 
1 5   ASN n 
1 6   LEU n 
1 7   GLY n 
1 8   VAL n 
1 9   ALA n 
1 10  VAL n 
1 11  ILE n 
1 12  GLY n 
1 13  SER n 
1 14  LYS n 
1 15  GLN n 
1 16  TYR n 
1 17  ALA n 
1 18  VAL n 
1 19  ASN n 
1 20  LEU n 
1 21  LEU n 
1 22  TRP n 
1 23  GLY n 
1 24  SER n 
1 25  SER n 
1 26  GLN n 
1 27  ASP n 
1 28  THR n 
1 29  GLU n 
1 30  THR n 
1 31  THR n 
1 32  ASN n 
1 33  GLN n 
1 34  ALA n 
1 35  LEU n 
1 36  ASN n 
1 37  LYS n 
1 38  SER n 
1 39  LEU n 
1 40  THR n 
1 41  LEU n 
1 42  MSE n 
1 43  SER n 
1 44  SER n 
1 45  LYS n 
1 46  LEU n 
1 47  TYR n 
1 48  SER n 
1 49  VAL n 
1 50  ILE n 
1 51  GLY n 
1 52  ARG n 
1 53  PHE n 
1 54  GLN n 
1 55  GLY n 
1 56  GLU n 
1 57  GLN n 
1 58  PHE n 
1 59  ALA n 
1 60  VAL n 
1 61  GLY n 
1 62  ASP n 
1 63  LYS n 
1 64  ASN n 
1 65  ILE n 
1 66  GLY n 
1 67  HIS n 
1 68  LYS n 
1 69  ARG n 
1 70  GLY n 
1 71  GLN n 
1 72  VAL n 
1 73  THR n 
1 74  LEU n 
1 75  LEU n 
1 76  SER n 
1 77  ALA n 
1 78  ILE n 
1 79  ASP n 
1 80  PHE n 
1 81  ASP n 
1 82  GLY n 
1 83  SER n 
1 84  SER n 
1 85  PHE n 
1 86  CYS n 
1 87  GLY n 
1 88  LEU n 
1 89  PHE n 
1 90  PRO n 
1 91  ALA n 
1 92  ASP n 
1 93  ASN n 
1 94  GLU n 
1 95  LEU n 
1 96  TRP n 
1 97  LEU n 
1 98  VAL n 
1 99  ILE n 
1 100 GLY n 
1 101 VAL n 
1 102 ASP n 
1 103 LYS n 
1 104 ASP n 
1 105 GLY n 
1 106 MSE n 
1 107 VAL n 
1 108 HIS n 
1 109 PHE n 
1 110 ASP n 
1 111 LYS n 
1 112 SER n 
1 113 PHE n 
1 114 HIS n 
1 115 SER n 
1 116 LYS n 
1 117 ASP n 
1 118 ASP n 
1 119 ALA n 
1 120 LYS n 
1 121 LYS n 
1 122 PHE n 
1 123 PHE n 
1 124 PHE n 
1 125 ASP n 
1 126 HIS n 
1 127 VAL n 
1 128 ALA n 
1 129 TYR n 
1 130 GLY n 
1 131 TYR n 
1 132 PRO n 
1 133 TRP n 
1 134 ASP n 
1 135 ARG n 
1 136 THR n 
1 137 TYR n 
1 138 SER n 
1 139 PRO n 
1 140 SER n 
1 141 ASP n 
1 142 VAL n 
1 143 GLY n 
1 144 VAL n 
1 145 GLY n 
1 146 GLU n 
1 147 SER n 
1 148 ARG n 
1 149 SER n 
1 150 ILE n 
1 151 SER n 
1 152 GLU n 
1 153 LEU n 
1 154 SER n 
1 155 LEU n 
1 156 ILE n 
1 157 LYS n 
1 158 GLY n 
1 159 LYS n 
1 160 LYS n 
1 161 LEU n 
1 162 LYS n 
1 163 GLU n 
1 164 LYS n 
1 165 GLY n 
1 166 SER n 
1 167 HIS n 
1 168 HIS n 
1 169 HIS n 
1 170 HIS n 
1 171 HIS n 
1 172 HIS n 
# 
_entity_src_gen.entity_id                          1 
_entity_src_gen.pdbx_src_id                        1 
_entity_src_gen.pdbx_alt_source_flag               sample 
_entity_src_gen.pdbx_seq_type                      ? 
_entity_src_gen.pdbx_beg_seq_num                   ? 
_entity_src_gen.pdbx_end_seq_num                   ? 
_entity_src_gen.gene_src_common_name               ? 
_entity_src_gen.gene_src_genus                     ? 
_entity_src_gen.pdbx_gene_src_gene                 'bfpC, MAR006' 
_entity_src_gen.gene_src_species                   ? 
_entity_src_gen.gene_src_strain                    ? 
_entity_src_gen.gene_src_tissue                    ? 
_entity_src_gen.gene_src_tissue_fraction           ? 
_entity_src_gen.gene_src_details                   ? 
_entity_src_gen.pdbx_gene_src_fragment             ? 
_entity_src_gen.pdbx_gene_src_scientific_name      'Escherichia coli' 
_entity_src_gen.pdbx_gene_src_ncbi_taxonomy_id     562 
_entity_src_gen.pdbx_gene_src_variant              ? 
_entity_src_gen.pdbx_gene_src_cell_line            ? 
_entity_src_gen.pdbx_gene_src_atcc                 ? 
_entity_src_gen.pdbx_gene_src_organ                ? 
_entity_src_gen.pdbx_gene_src_organelle            ? 
_entity_src_gen.pdbx_gene_src_cell                 ? 
_entity_src_gen.pdbx_gene_src_cellular_location    ? 
_entity_src_gen.host_org_common_name               ? 
_entity_src_gen.pdbx_host_org_scientific_name      'Escherichia coli' 
_entity_src_gen.pdbx_host_org_ncbi_taxonomy_id     562 
_entity_src_gen.host_org_genus                     ? 
_entity_src_gen.pdbx_host_org_gene                 ? 
_entity_src_gen.pdbx_host_org_organ                ? 
_entity_src_gen.host_org_species                   ? 
_entity_src_gen.pdbx_host_org_tissue               ? 
_entity_src_gen.pdbx_host_org_tissue_fraction      ? 
_entity_src_gen.pdbx_host_org_strain               B834 
_entity_src_gen.pdbx_host_org_variant              ? 
_entity_src_gen.pdbx_host_org_cell_line            ? 
_entity_src_gen.pdbx_host_org_atcc                 ? 
_entity_src_gen.pdbx_host_org_culture_collection   ? 
_entity_src_gen.pdbx_host_org_cell                 ? 
_entity_src_gen.pdbx_host_org_organelle            ? 
_entity_src_gen.pdbx_host_org_cellular_location    ? 
_entity_src_gen.pdbx_host_org_vector_type          plasmid 
_entity_src_gen.pdbx_host_org_vector               ? 
_entity_src_gen.host_org_details                   ? 
_entity_src_gen.expression_system_id               ? 
_entity_src_gen.plasmid_name                       pRPA302 
_entity_src_gen.plasmid_details                    ? 
_entity_src_gen.pdbx_description                   ? 
# 
loop_
_chem_comp.id 
_chem_comp.type 
_chem_comp.mon_nstd_flag 
_chem_comp.name 
_chem_comp.pdbx_synonyms 
_chem_comp.formula 
_chem_comp.formula_weight 
ALA 'L-peptide linking' y ALANINE          ? 'C3 H7 N O2'     89.093  
ARG 'L-peptide linking' y ARGININE         ? 'C6 H15 N4 O2 1' 175.209 
ASN 'L-peptide linking' y ASPARAGINE       ? 'C4 H8 N2 O3'    132.118 
ASP 'L-peptide linking' y 'ASPARTIC ACID'  ? 'C4 H7 N O4'     133.103 
CYS 'L-peptide linking' y CYSTEINE         ? 'C3 H7 N O2 S'   121.158 
GLN 'L-peptide linking' y GLUTAMINE        ? 'C5 H10 N2 O3'   146.144 
GLU 'L-peptide linking' y 'GLUTAMIC ACID'  ? 'C5 H9 N O4'     147.129 
GLY 'peptide linking'   y GLYCINE          ? 'C2 H5 N O2'     75.067  
HIS 'L-peptide linking' y HISTIDINE        ? 'C6 H10 N3 O2 1' 156.162 
HOH non-polymer         . WATER            ? 'H2 O'           18.015  
ILE 'L-peptide linking' y ISOLEUCINE       ? 'C6 H13 N O2'    131.173 
LEU 'L-peptide linking' y LEUCINE          ? 'C6 H13 N O2'    131.173 
LYS 'L-peptide linking' y LYSINE           ? 'C6 H15 N2 O2 1' 147.195 
MSE 'L-peptide linking' n SELENOMETHIONINE ? 'C5 H11 N O2 Se' 196.106 
PHE 'L-peptide linking' y PHENYLALANINE    ? 'C9 H11 N O2'    165.189 
PRO 'L-peptide linking' y PROLINE          ? 'C5 H9 N O2'     115.130 
SER 'L-peptide linking' y SERINE           ? 'C3 H7 N O3'     105.093 
THR 'L-peptide linking' y THREONINE        ? 'C4 H9 N O3'     119.119 
TRP 'L-peptide linking' y TRYPTOPHAN       ? 'C11 H12 N2 O2'  204.225 
TYR 'L-peptide linking' y TYROSINE         ? 'C9 H11 N O3'    181.189 
VAL 'L-peptide linking' y VALINE           ? 'C5 H11 N O2'    117.146 
# 
loop_
_pdbx_poly_seq_scheme.asym_id 
_pdbx_poly_seq_scheme.entity_id 
_pdbx_poly_seq_scheme.seq_id 
_pdbx_poly_seq_scheme.mon_id 
_pdbx_poly_seq_scheme.ndb_seq_num 
_pdbx_poly_seq_scheme.pdb_seq_num 
_pdbx_poly_seq_scheme.auth_seq_num 
_pdbx_poly_seq_scheme.pdb_mon_id 
_pdbx_poly_seq_scheme.auth_mon_id 
_pdbx_poly_seq_scheme.pdb_strand_id 
_pdbx_poly_seq_scheme.pdb_ins_code 
_pdbx_poly_seq_scheme.hetero 
A 1 1   MSE 1   1   ?   ?   ?   A . n 
A 1 2   VAL 2   2   ?   ?   ?   A . n 
A 1 3   LYS 3   3   3   LYS LYS A . n 
A 1 4   ASN 4   4   4   ASN ASN A . n 
A 1 5   ASN 5   5   5   ASN ASN A . n 
A 1 6   LEU 6   6   6   LEU LEU A . n 
A 1 7   GLY 7   7   7   GLY GLY A . n 
A 1 8   VAL 8   8   8   VAL VAL A . n 
A 1 9   ALA 9   9   9   ALA ALA A . n 
A 1 10  VAL 10  10  10  VAL VAL A . n 
A 1 11  ILE 11  11  11  ILE ILE A . n 
A 1 12  GLY 12  12  12  GLY GLY A . n 
A 1 13  SER 13  13  13  SER SER A . n 
A 1 14  LYS 14  14  14  LYS LYS A . n 
A 1 15  GLN 15  15  15  GLN GLN A . n 
A 1 16  TYR 16  16  16  TYR TYR A . n 
A 1 17  ALA 17  17  17  ALA ALA A . n 
A 1 18  VAL 18  18  18  VAL VAL A . n 
A 1 19  ASN 19  19  19  ASN ASN A . n 
A 1 20  LEU 20  20  20  LEU LEU A . n 
A 1 21  LEU 21  21  21  LEU LEU A . n 
A 1 22  TRP 22  22  22  TRP TRP A . n 
A 1 23  GLY 23  23  23  GLY GLY A . n 
A 1 24  SER 24  24  24  SER SER A . n 
A 1 25  SER 25  25  25  SER SER A . n 
A 1 26  GLN 26  26  26  GLN GLN A . n 
A 1 27  ASP 27  27  27  ASP ASP A . n 
A 1 28  THR 28  28  28  THR THR A . n 
A 1 29  GLU 29  29  29  GLU GLU A . n 
A 1 30  THR 30  30  30  THR THR A . n 
A 1 31  THR 31  31  31  THR THR A . n 
A 1 32  ASN 32  32  32  ASN ASN A . n 
A 1 33  GLN 33  33  33  GLN GLN A . n 
A 1 34  ALA 34  34  34  ALA ALA A . n 
A 1 35  LEU 35  35  35  LEU LEU A . n 
A 1 36  ASN 36  36  36  ASN ASN A . n 
A 1 37  LYS 37  37  37  LYS LYS A . n 
A 1 38  SER 38  38  38  SER SER A . n 
A 1 39  LEU 39  39  39  LEU LEU A . n 
A 1 40  THR 40  40  40  THR THR A . n 
A 1 41  LEU 41  41  41  LEU LEU A . n 
A 1 42  MSE 42  42  42  MSE MSE A . n 
A 1 43  SER 43  43  43  SER SER A . n 
A 1 44  SER 44  44  44  SER SER A . n 
A 1 45  LYS 45  45  45  LYS LYS A . n 
A 1 46  LEU 46  46  46  LEU LEU A . n 
A 1 47  TYR 47  47  47  TYR TYR A . n 
A 1 48  SER 48  48  48  SER SER A . n 
A 1 49  VAL 49  49  49  VAL VAL A . n 
A 1 50  ILE 50  50  50  ILE ILE A . n 
A 1 51  GLY 51  51  51  GLY GLY A . n 
A 1 52  ARG 52  52  52  ARG ARG A . n 
A 1 53  PHE 53  53  53  PHE PHE A . n 
A 1 54  GLN 54  54  54  GLN GLN A . n 
A 1 55  GLY 55  55  55  GLY GLY A . n 
A 1 56  GLU 56  56  56  GLU GLU A . n 
A 1 57  GLN 57  57  57  GLN GLN A . n 
A 1 58  PHE 58  58  58  PHE PHE A . n 
A 1 59  ALA 59  59  59  ALA ALA A . n 
A 1 60  VAL 60  60  60  VAL VAL A . n 
A 1 61  GLY 61  61  61  GLY GLY A . n 
A 1 62  ASP 62  62  62  ASP ASP A . n 
A 1 63  LYS 63  63  63  LYS LYS A . n 
A 1 64  ASN 64  64  64  ASN ASN A . n 
A 1 65  ILE 65  65  65  ILE ILE A . n 
A 1 66  GLY 66  66  66  GLY GLY A . n 
A 1 67  HIS 67  67  67  HIS HIS A . n 
A 1 68  LYS 68  68  68  LYS LYS A . n 
A 1 69  ARG 69  69  69  ARG ARG A . n 
A 1 70  GLY 70  70  70  GLY GLY A . n 
A 1 71  GLN 71  71  71  GLN GLN A . n 
A 1 72  VAL 72  72  72  VAL VAL A . n 
A 1 73  THR 73  73  73  THR THR A . n 
A 1 74  LEU 74  74  74  LEU LEU A . n 
A 1 75  LEU 75  75  75  LEU LEU A . n 
A 1 76  SER 76  76  76  SER SER A . n 
A 1 77  ALA 77  77  77  ALA ALA A . n 
A 1 78  ILE 78  78  78  ILE ILE A . n 
A 1 79  ASP 79  79  79  ASP ASP A . n 
A 1 80  PHE 80  80  80  PHE PHE A . n 
A 1 81  ASP 81  81  81  ASP ASP A . n 
A 1 82  GLY 82  82  82  GLY GLY A . n 
A 1 83  SER 83  83  83  SER SER A . n 
A 1 84  SER 84  84  84  SER SER A . n 
A 1 85  PHE 85  85  85  PHE PHE A . n 
A 1 86  CYS 86  86  86  CYS CYS A . n 
A 1 87  GLY 87  87  87  GLY GLY A . n 
A 1 88  LEU 88  88  88  LEU LEU A . n 
A 1 89  PHE 89  89  89  PHE PHE A . n 
A 1 90  PRO 90  90  90  PRO PRO A . n 
A 1 91  ALA 91  91  91  ALA ALA A . n 
A 1 92  ASP 92  92  92  ASP ASP A . n 
A 1 93  ASN 93  93  93  ASN ASN A . n 
A 1 94  GLU 94  94  94  GLU GLU A . n 
A 1 95  LEU 95  95  95  LEU LEU A . n 
A 1 96  TRP 96  96  96  TRP TRP A . n 
A 1 97  LEU 97  97  97  LEU LEU A . n 
A 1 98  VAL 98  98  98  VAL VAL A . n 
A 1 99  ILE 99  99  99  ILE ILE A . n 
A 1 100 GLY 100 100 100 GLY GLY A . n 
A 1 101 VAL 101 101 101 VAL VAL A . n 
A 1 102 ASP 102 102 102 ASP ASP A . n 
A 1 103 LYS 103 103 103 LYS LYS A . n 
A 1 104 ASP 104 104 104 ASP ASP A . n 
A 1 105 GLY 105 105 105 GLY GLY A . n 
A 1 106 MSE 106 106 106 MSE MSE A . n 
A 1 107 VAL 107 107 107 VAL VAL A . n 
A 1 108 HIS 108 108 108 HIS HIS A . n 
A 1 109 PHE 109 109 109 PHE PHE A . n 
A 1 110 ASP 110 110 110 ASP ASP A . n 
A 1 111 LYS 111 111 111 LYS LYS A . n 
A 1 112 SER 112 112 112 SER SER A . n 
A 1 113 PHE 113 113 113 PHE PHE A . n 
A 1 114 HIS 114 114 114 HIS HIS A . n 
A 1 115 SER 115 115 115 SER SER A . n 
A 1 116 LYS 116 116 116 LYS LYS A . n 
A 1 117 ASP 117 117 117 ASP ASP A . n 
A 1 118 ASP 118 118 118 ASP ASP A . n 
A 1 119 ALA 119 119 119 ALA ALA A . n 
A 1 120 LYS 120 120 120 LYS LYS A . n 
A 1 121 LYS 121 121 121 LYS LYS A . n 
A 1 122 PHE 122 122 122 PHE PHE A . n 
A 1 123 PHE 123 123 123 PHE PHE A . n 
A 1 124 PHE 124 124 124 PHE PHE A . n 
A 1 125 ASP 125 125 125 ASP ASP A . n 
A 1 126 HIS 126 126 126 HIS HIS A . n 
A 1 127 VAL 127 127 127 VAL VAL A . n 
A 1 128 ALA 128 128 128 ALA ALA A . n 
A 1 129 TYR 129 129 129 TYR TYR A . n 
A 1 130 GLY 130 130 130 GLY GLY A . n 
A 1 131 TYR 131 131 131 TYR TYR A . n 
A 1 132 PRO 132 132 132 PRO PRO A . n 
A 1 133 TRP 133 133 133 TRP TRP A . n 
A 1 134 ASP 134 134 134 ASP ASP A . n 
A 1 135 ARG 135 135 135 ARG ARG A . n 
A 1 136 THR 136 136 136 THR THR A . n 
A 1 137 TYR 137 137 137 TYR TYR A . n 
A 1 138 SER 138 138 138 SER SER A . n 
A 1 139 PRO 139 139 139 PRO PRO A . n 
A 1 140 SER 140 140 140 SER SER A . n 
A 1 141 ASP 141 141 141 ASP ASP A . n 
A 1 142 VAL 142 142 142 VAL VAL A . n 
A 1 143 GLY 143 143 143 GLY GLY A . n 
A 1 144 VAL 144 144 144 VAL VAL A . n 
A 1 145 GLY 145 145 145 GLY GLY A . n 
A 1 146 GLU 146 146 146 GLU GLU A . n 
A 1 147 SER 147 147 147 SER SER A . n 
A 1 148 ARG 148 148 148 ARG ARG A . n 
A 1 149 SER 149 149 149 SER SER A . n 
A 1 150 ILE 150 150 150 ILE ILE A . n 
A 1 151 SER 151 151 151 SER SER A . n 
A 1 152 GLU 152 152 152 GLU GLU A . n 
A 1 153 LEU 153 153 153 LEU LEU A . n 
A 1 154 SER 154 154 154 SER SER A . n 
A 1 155 LEU 155 155 155 LEU LEU A . n 
A 1 156 ILE 156 156 156 ILE ILE A . n 
A 1 157 LYS 157 157 157 LYS LYS A . n 
A 1 158 GLY 158 158 158 GLY GLY A . n 
A 1 159 LYS 159 159 159 LYS LYS A . n 
A 1 160 LYS 160 160 160 LYS LYS A . n 
A 1 161 LEU 161 161 161 LEU LEU A . n 
A 1 162 LYS 162 162 162 LYS LYS A . n 
A 1 163 GLU 163 163 163 GLU GLU A . n 
A 1 164 LYS 164 164 164 LYS LYS A . n 
A 1 165 GLY 165 165 ?   ?   ?   A . n 
A 1 166 SER 166 166 ?   ?   ?   A . n 
A 1 167 HIS 167 167 ?   ?   ?   A . n 
A 1 168 HIS 168 168 ?   ?   ?   A . n 
A 1 169 HIS 169 169 ?   ?   ?   A . n 
A 1 170 HIS 170 170 ?   ?   ?   A . n 
A 1 171 HIS 171 171 ?   ?   ?   A . n 
A 1 172 HIS 172 172 ?   ?   ?   A . n 
# 
loop_
_pdbx_nonpoly_scheme.asym_id 
_pdbx_nonpoly_scheme.entity_id 
_pdbx_nonpoly_scheme.mon_id 
_pdbx_nonpoly_scheme.ndb_seq_num 
_pdbx_nonpoly_scheme.pdb_seq_num 
_pdbx_nonpoly_scheme.auth_seq_num 
_pdbx_nonpoly_scheme.pdb_mon_id 
_pdbx_nonpoly_scheme.auth_mon_id 
_pdbx_nonpoly_scheme.pdb_strand_id 
_pdbx_nonpoly_scheme.pdb_ins_code 
B 2 HOH 1   201 1   HOH WAT A . 
B 2 HOH 2   202 2   HOH WAT A . 
B 2 HOH 3   203 3   HOH WAT A . 
B 2 HOH 4   204 4   HOH WAT A . 
B 2 HOH 5   205 5   HOH WAT A . 
B 2 HOH 6   206 6   HOH WAT A . 
B 2 HOH 7   207 7   HOH WAT A . 
B 2 HOH 8   208 8   HOH WAT A . 
B 2 HOH 9   209 9   HOH WAT A . 
B 2 HOH 10  210 10  HOH WAT A . 
B 2 HOH 11  211 11  HOH WAT A . 
B 2 HOH 12  212 12  HOH WAT A . 
B 2 HOH 13  213 13  HOH WAT A . 
B 2 HOH 14  214 14  HOH WAT A . 
B 2 HOH 15  215 15  HOH WAT A . 
B 2 HOH 16  216 16  HOH WAT A . 
B 2 HOH 17  217 17  HOH WAT A . 
B 2 HOH 18  218 18  HOH WAT A . 
B 2 HOH 19  219 19  HOH WAT A . 
B 2 HOH 20  220 20  HOH WAT A . 
B 2 HOH 21  221 21  HOH WAT A . 
B 2 HOH 22  222 22  HOH WAT A . 
B 2 HOH 23  223 23  HOH WAT A . 
B 2 HOH 24  224 24  HOH WAT A . 
B 2 HOH 25  225 25  HOH WAT A . 
B 2 HOH 26  226 26  HOH WAT A . 
B 2 HOH 27  227 27  HOH WAT A . 
B 2 HOH 28  228 28  HOH WAT A . 
B 2 HOH 29  229 29  HOH WAT A . 
B 2 HOH 30  230 30  HOH WAT A . 
B 2 HOH 31  231 31  HOH WAT A . 
B 2 HOH 32  232 32  HOH WAT A . 
B 2 HOH 33  233 33  HOH WAT A . 
B 2 HOH 34  234 34  HOH WAT A . 
B 2 HOH 35  235 35  HOH WAT A . 
B 2 HOH 36  236 36  HOH WAT A . 
B 2 HOH 37  237 37  HOH WAT A . 
B 2 HOH 38  238 38  HOH WAT A . 
B 2 HOH 39  239 39  HOH WAT A . 
B 2 HOH 40  240 40  HOH WAT A . 
B 2 HOH 41  241 41  HOH WAT A . 
B 2 HOH 42  242 42  HOH WAT A . 
B 2 HOH 43  243 43  HOH WAT A . 
B 2 HOH 44  244 44  HOH WAT A . 
B 2 HOH 45  245 45  HOH WAT A . 
B 2 HOH 46  246 46  HOH WAT A . 
B 2 HOH 47  247 47  HOH WAT A . 
B 2 HOH 48  248 48  HOH WAT A . 
B 2 HOH 49  249 49  HOH WAT A . 
B 2 HOH 50  250 50  HOH WAT A . 
B 2 HOH 51  251 51  HOH WAT A . 
B 2 HOH 52  252 52  HOH WAT A . 
B 2 HOH 53  253 53  HOH WAT A . 
B 2 HOH 54  254 54  HOH WAT A . 
B 2 HOH 55  255 55  HOH WAT A . 
B 2 HOH 56  256 56  HOH WAT A . 
B 2 HOH 57  257 57  HOH WAT A . 
B 2 HOH 58  258 58  HOH WAT A . 
B 2 HOH 59  259 59  HOH WAT A . 
B 2 HOH 60  260 60  HOH WAT A . 
B 2 HOH 61  261 61  HOH WAT A . 
B 2 HOH 62  262 62  HOH WAT A . 
B 2 HOH 63  263 63  HOH WAT A . 
B 2 HOH 64  264 64  HOH WAT A . 
B 2 HOH 65  265 65  HOH WAT A . 
B 2 HOH 66  266 66  HOH WAT A . 
B 2 HOH 67  267 67  HOH WAT A . 
B 2 HOH 68  268 68  HOH WAT A . 
B 2 HOH 69  269 70  HOH WAT A . 
B 2 HOH 70  270 71  HOH WAT A . 
B 2 HOH 71  271 72  HOH WAT A . 
B 2 HOH 72  272 73  HOH WAT A . 
B 2 HOH 73  273 74  HOH WAT A . 
B 2 HOH 74  274 75  HOH WAT A . 
B 2 HOH 75  275 76  HOH WAT A . 
B 2 HOH 76  276 77  HOH WAT A . 
B 2 HOH 77  277 78  HOH WAT A . 
B 2 HOH 78  278 79  HOH WAT A . 
B 2 HOH 79  279 81  HOH WAT A . 
B 2 HOH 80  280 85  HOH WAT A . 
B 2 HOH 81  281 86  HOH WAT A . 
B 2 HOH 82  282 88  HOH WAT A . 
B 2 HOH 83  283 89  HOH WAT A . 
B 2 HOH 84  284 90  HOH WAT A . 
B 2 HOH 85  285 92  HOH WAT A . 
B 2 HOH 86  286 93  HOH WAT A . 
B 2 HOH 87  287 97  HOH WAT A . 
B 2 HOH 88  288 98  HOH WAT A . 
B 2 HOH 89  289 99  HOH WAT A . 
B 2 HOH 90  290 100 HOH WAT A . 
B 2 HOH 91  291 101 HOH WAT A . 
B 2 HOH 92  292 102 HOH WAT A . 
B 2 HOH 93  293 103 HOH WAT A . 
B 2 HOH 94  294 104 HOH WAT A . 
B 2 HOH 95  295 107 HOH WAT A . 
B 2 HOH 96  296 108 HOH WAT A . 
B 2 HOH 97  297 110 HOH WAT A . 
B 2 HOH 98  298 113 HOH WAT A . 
B 2 HOH 99  299 117 HOH WAT A . 
B 2 HOH 100 300 118 HOH WAT A . 
B 2 HOH 101 301 119 HOH WAT A . 
B 2 HOH 102 302 121 HOH WAT A . 
B 2 HOH 103 303 122 HOH WAT A . 
B 2 HOH 104 304 123 HOH WAT A . 
B 2 HOH 105 305 127 HOH WAT A . 
B 2 HOH 106 306 128 HOH WAT A . 
B 2 HOH 107 307 129 HOH WAT A . 
B 2 HOH 108 308 130 HOH WAT A . 
B 2 HOH 109 309 132 HOH WAT A . 
B 2 HOH 110 310 133 HOH WAT A . 
B 2 HOH 111 311 134 HOH WAT A . 
B 2 HOH 112 312 135 HOH WAT A . 
B 2 HOH 113 313 136 HOH WAT A . 
B 2 HOH 114 314 137 HOH WAT A . 
B 2 HOH 115 315 138 HOH WAT A . 
B 2 HOH 116 316 139 HOH WAT A . 
B 2 HOH 117 317 140 HOH WAT A . 
B 2 HOH 118 318 141 HOH WAT A . 
B 2 HOH 119 319 142 HOH WAT A . 
# 
loop_
_software.name 
_software.classification 
_software.version 
_software.citation_id 
_software.pdbx_ordinal 
HKL-2000 'data collection' .   ? 1 
SOLVE    phasing           .   ? 2 
CNS      refinement        1.2 ? 3 
HKL-2000 'data reduction'  .   ? 4 
HKL-2000 'data scaling'    .   ? 5 
# 
_cell.entry_id           3VHJ 
_cell.length_a           42.837 
_cell.length_b           61.836 
_cell.length_c           78.271 
_cell.angle_alpha        90.00 
_cell.angle_beta         90.00 
_cell.angle_gamma        90.00 
_cell.Z_PDB              4 
_cell.pdbx_unique_axis   ? 
_cell.length_a_esd       ? 
_cell.length_b_esd       ? 
_cell.length_c_esd       ? 
_cell.angle_alpha_esd    ? 
_cell.angle_beta_esd     ? 
_cell.angle_gamma_esd    ? 
# 
_symmetry.entry_id                         3VHJ 
_symmetry.space_group_name_H-M             'P 21 21 21' 
_symmetry.pdbx_full_space_group_name_H-M   ? 
_symmetry.cell_setting                     ? 
_symmetry.Int_Tables_number                19 
_symmetry.space_group_name_Hall            ? 
# 
_exptl.entry_id          3VHJ 
_exptl.method            'X-RAY DIFFRACTION' 
_exptl.crystals_number   1 
# 
_exptl_crystal.id                    1 
_exptl_crystal.density_meas          ? 
_exptl_crystal.density_Matthews      2.71 
_exptl_crystal.density_percent_sol   54.57 
_exptl_crystal.description           ? 
_exptl_crystal.F_000                 ? 
_exptl_crystal.preparation           ? 
# 
_exptl_crystal_grow.crystal_id      1 
_exptl_crystal_grow.method          'VAPOR DIFFUSION, HANGING DROP' 
_exptl_crystal_grow.temp            298 
_exptl_crystal_grow.temp_details    ? 
_exptl_crystal_grow.pH              5.5 
_exptl_crystal_grow.pdbx_pH_range   ? 
_exptl_crystal_grow.pdbx_details    '2.0M Ammonium sulfate, pH 5.5, VAPOR DIFFUSION, HANGING DROP, temperature 298K' 
# 
_diffrn.id                     1 
_diffrn.ambient_temp           100 
_diffrn.ambient_temp_details   ? 
_diffrn.crystal_id             1 
# 
_diffrn_detector.diffrn_id              1 
_diffrn_detector.detector               CCD 
_diffrn_detector.type                   'ADSC QUANTUM 315' 
_diffrn_detector.pdbx_collection_date   2004-01-01 
_diffrn_detector.details                ? 
# 
_diffrn_radiation.diffrn_id                        1 
_diffrn_radiation.wavelength_id                    1 
_diffrn_radiation.pdbx_monochromatic_or_laue_m_l   M 
_diffrn_radiation.monochromator                    ? 
_diffrn_radiation.pdbx_diffrn_protocol             MAD 
_diffrn_radiation.pdbx_scattering_type             x-ray 
# 
loop_
_diffrn_radiation_wavelength.id 
_diffrn_radiation_wavelength.wavelength 
_diffrn_radiation_wavelength.wt 
1 0.9791 1.0 
2 0.9793 1.0 
3 0.9639 1.0 
# 
_diffrn_source.diffrn_id                   1 
_diffrn_source.source                      SYNCHROTRON 
_diffrn_source.type                        'ALS BEAMLINE 5.0.2' 
_diffrn_source.pdbx_synchrotron_site       ALS 
_diffrn_source.pdbx_synchrotron_beamline   5.0.2 
_diffrn_source.pdbx_wavelength             ? 
_diffrn_source.pdbx_wavelength_list        '0.9791, 0.9793, 0.9639' 
# 
_reflns.pdbx_diffrn_id               1 
_reflns.pdbx_ordinal                 1 
_reflns.entry_id                     3VHJ 
_reflns.observed_criterion_sigma_I   ? 
_reflns.observed_criterion_sigma_F   ? 
_reflns.d_resolution_low             20 
_reflns.d_resolution_high            1.9 
_reflns.number_obs                   16999 
_reflns.number_all                   ? 
_reflns.percent_possible_obs         99.9 
_reflns.pdbx_Rmerge_I_obs            ? 
_reflns.pdbx_Rsym_value              ? 
_reflns.pdbx_netI_over_sigmaI        ? 
_reflns.B_iso_Wilson_estimate        14.3 
_reflns.pdbx_redundancy              ? 
_reflns.R_free_details               ? 
_reflns.limit_h_max                  ? 
_reflns.limit_h_min                  ? 
_reflns.limit_k_max                  ? 
_reflns.limit_k_min                  ? 
_reflns.limit_l_max                  ? 
_reflns.limit_l_min                  ? 
_reflns.observed_criterion_F_max     ? 
_reflns.observed_criterion_F_min     ? 
_reflns.pdbx_chi_squared             ? 
_reflns.pdbx_scaling_rejects         ? 
# 
_refine.pdbx_refine_id                           'X-RAY DIFFRACTION' 
_refine.entry_id                                 3VHJ 
_refine.pdbx_diffrn_id                           1 
_refine.pdbx_TLS_residual_ADP_flag               ? 
_refine.ls_number_reflns_obs                     16509 
_refine.ls_number_reflns_all                     ? 
_refine.pdbx_ls_sigma_I                          ? 
_refine.pdbx_ls_sigma_F                          0.0 
_refine.pdbx_data_cutoff_high_absF               164402.40 
_refine.pdbx_data_cutoff_low_absF                0.000000 
_refine.pdbx_data_cutoff_high_rms_absF           ? 
_refine.ls_d_res_low                             19.93 
_refine.ls_d_res_high                            1.90 
_refine.ls_percent_reflns_obs                    97.0 
_refine.ls_R_factor_obs                          0.217 
_refine.ls_R_factor_all                          ? 
_refine.ls_R_factor_R_work                       0.217 
_refine.ls_R_factor_R_free                       0.2273 
_refine.ls_R_factor_R_free_error                 0.008 
_refine.ls_R_factor_R_free_error_details         ? 
_refine.ls_percent_reflns_R_free                 4.8 
_refine.ls_number_reflns_R_free                  810 
_refine.ls_number_parameters                     ? 
_refine.ls_number_restraints                     ? 
_refine.occupancy_min                            ? 
_refine.occupancy_max                            ? 
_refine.correlation_coeff_Fo_to_Fc               ? 
_refine.correlation_coeff_Fo_to_Fc_free          ? 
_refine.B_iso_mean                               26.1372 
_refine.aniso_B[1][1]                            1.0870 
_refine.aniso_B[2][2]                            -8.2120 
_refine.aniso_B[3][3]                            7.1250 
_refine.aniso_B[1][2]                            0.0000 
_refine.aniso_B[1][3]                            0.0000 
_refine.aniso_B[2][3]                            0.0000 
_refine.solvent_model_details                    'FLAT MODEL' 
_refine.solvent_model_param_ksol                 0.45 
_refine.solvent_model_param_bsol                 63.7389 
_refine.pdbx_solvent_vdw_probe_radii             ? 
_refine.pdbx_solvent_ion_probe_radii             ? 
_refine.pdbx_solvent_shrinkage_radii             ? 
_refine.pdbx_ls_cross_valid_method               THROUGHOUT 
_refine.details                                  'BULK SOLVENT MODEL USED' 
_refine.pdbx_starting_model                      ? 
_refine.pdbx_method_to_determine_struct          MAD 
_refine.pdbx_isotropic_thermal_model             RESTRAINED 
_refine.pdbx_stereochemistry_target_values       ? 
_refine.pdbx_stereochem_target_val_spec_case     ? 
_refine.pdbx_R_Free_selection_details            RANDOM 
_refine.pdbx_overall_ESU_R                       ? 
_refine.pdbx_overall_ESU_R_Free                  ? 
_refine.overall_SU_ML                            ? 
_refine.pdbx_overall_phase_error                 ? 
_refine.overall_SU_B                             ? 
_refine.overall_SU_R_Cruickshank_DPI             ? 
_refine.pdbx_overall_SU_R_free_Cruickshank_DPI   ? 
_refine.pdbx_overall_SU_R_Blow_DPI               ? 
_refine.pdbx_overall_SU_R_free_Blow_DPI          ? 
_refine.ls_redundancy_reflns_obs                 ? 
_refine.B_iso_min                                ? 
_refine.B_iso_max                                ? 
_refine.overall_SU_R_free                        ? 
_refine.ls_wR_factor_R_free                      ? 
_refine.ls_wR_factor_R_work                      ? 
_refine.overall_FOM_free_R_set                   ? 
_refine.overall_FOM_work_R_set                   ? 
# 
_refine_analyze.pdbx_refine_id                  'X-RAY DIFFRACTION' 
_refine_analyze.entry_id                        3VHJ 
_refine_analyze.Luzzati_coordinate_error_obs    0.22 
_refine_analyze.Luzzati_sigma_a_obs             0.12 
_refine_analyze.Luzzati_d_res_low_obs           5.00 
_refine_analyze.Luzzati_coordinate_error_free   0.24 
_refine_analyze.Luzzati_sigma_a_free            0.16 
_refine_analyze.Luzzati_d_res_low_free          ? 
_refine_analyze.number_disordered_residues      ? 
_refine_analyze.occupancy_sum_hydrogen          ? 
_refine_analyze.occupancy_sum_non_hydrogen      ? 
_refine_analyze.pdbx_Luzzati_d_res_high_obs     ? 
# 
_refine_hist.pdbx_refine_id                   'X-RAY DIFFRACTION' 
_refine_hist.cycle_id                         LAST 
_refine_hist.pdbx_number_atoms_protein        1265 
_refine_hist.pdbx_number_atoms_nucleic_acid   0 
_refine_hist.pdbx_number_atoms_ligand         0 
_refine_hist.number_atoms_solvent             119 
_refine_hist.number_atoms_total               1384 
_refine_hist.d_res_high                       1.90 
_refine_hist.d_res_low                        19.93 
# 
loop_
_refine_ls_restr.type 
_refine_ls_restr.dev_ideal 
_refine_ls_restr.dev_ideal_target 
_refine_ls_restr.weight 
_refine_ls_restr.number 
_refine_ls_restr.pdbx_refine_id 
_refine_ls_restr.pdbx_restraint_function 
c_bond_d                0.005 ?    ? ? 'X-RAY DIFFRACTION' ? 
c_bond_d_na             ?     ?    ? ? 'X-RAY DIFFRACTION' ? 
c_bond_d_prot           ?     ?    ? ? 'X-RAY DIFFRACTION' ? 
c_angle_d               ?     ?    ? ? 'X-RAY DIFFRACTION' ? 
c_angle_d_na            ?     ?    ? ? 'X-RAY DIFFRACTION' ? 
c_angle_d_prot          ?     ?    ? ? 'X-RAY DIFFRACTION' ? 
c_angle_deg             1.2   ?    ? ? 'X-RAY DIFFRACTION' ? 
c_angle_deg_na          ?     ?    ? ? 'X-RAY DIFFRACTION' ? 
c_angle_deg_prot        ?     ?    ? ? 'X-RAY DIFFRACTION' ? 
c_dihedral_angle_d      24.1  ?    ? ? 'X-RAY DIFFRACTION' ? 
c_dihedral_angle_d_na   ?     ?    ? ? 'X-RAY DIFFRACTION' ? 
c_dihedral_angle_d_prot ?     ?    ? ? 'X-RAY DIFFRACTION' ? 
c_improper_angle_d      0.67  ?    ? ? 'X-RAY DIFFRACTION' ? 
c_improper_angle_d_na   ?     ?    ? ? 'X-RAY DIFFRACTION' ? 
c_improper_angle_d_prot ?     ?    ? ? 'X-RAY DIFFRACTION' ? 
c_mcbond_it             1.250 1.50 ? ? 'X-RAY DIFFRACTION' ? 
c_mcangle_it            1.929 2.00 ? ? 'X-RAY DIFFRACTION' ? 
c_scbond_it             2.206 2.00 ? ? 'X-RAY DIFFRACTION' ? 
c_scangle_it            3.292 2.50 ? ? 'X-RAY DIFFRACTION' ? 
# 
_refine_ls_shell.pdbx_refine_id                   'X-RAY DIFFRACTION' 
_refine_ls_shell.pdbx_total_number_of_bins_used   6 
_refine_ls_shell.d_res_high                       1.90 
_refine_ls_shell.d_res_low                        2.02 
_refine_ls_shell.number_reflns_R_work             2457 
_refine_ls_shell.R_factor_R_work                  0.237 
_refine_ls_shell.percent_reflns_obs               92.8 
_refine_ls_shell.R_factor_R_free                  0.262 
_refine_ls_shell.R_factor_R_free_error            0.024 
_refine_ls_shell.percent_reflns_R_free            4.5 
_refine_ls_shell.number_reflns_R_free             115 
_refine_ls_shell.number_reflns_all                ? 
_refine_ls_shell.R_factor_all                     ? 
_refine_ls_shell.redundancy_reflns_obs            ? 
_refine_ls_shell.number_reflns_obs                ? 
# 
loop_
_pdbx_xplor_file.pdbx_refine_id 
_pdbx_xplor_file.serial_no 
_pdbx_xplor_file.param_file 
_pdbx_xplor_file.topol_file 
'X-RAY DIFFRACTION' 1 protein_rep.param protein.top 
'X-RAY DIFFRACTION' 2 water.param       water.top   
# 
_struct.entry_id                  3VHJ 
_struct.title                     'Crystal structure of the cytoplasmic domain of BfpC' 
_struct.pdbx_model_details        ? 
_struct.pdbx_CASP_flag            ? 
_struct.pdbx_model_type_details   ? 
# 
_struct_keywords.entry_id        3VHJ 
_struct_keywords.pdbx_keywords   'MEMBRANE PROTEIN' 
_struct_keywords.text            'type IV pilus biogenesis, BfpD, membrane, MEMBRANE PROTEIN' 
# 
loop_
_struct_asym.id 
_struct_asym.pdbx_blank_PDB_chainid_flag 
_struct_asym.pdbx_modified 
_struct_asym.entity_id 
_struct_asym.details 
A N N 1 ? 
B N N 2 ? 
# 
_struct_ref.id                         1 
_struct_ref.db_name                    UNP 
_struct_ref.db_code                    Q57029_ECOLX 
_struct_ref.pdbx_db_accession          Q57029 
_struct_ref.entity_id                  1 
_struct_ref.pdbx_seq_one_letter_code   
;MIKNNLGVAVIGSKQYAVNLLWGSSQDTETTNQALNKSLTLMSSKLYSVIGRFQGEQFAVGDKNIGHKRGQVTLLSAIDF
DGSSFCGLFPADNELWLVIGVDKDGMVHFDKSFHSKDDAKKFFFDHVAYGYPWDRTYSPSDVGVGESRSISELSLIKGKK
LKEKG
;
_struct_ref.pdbx_align_begin           1 
_struct_ref.pdbx_db_isoform            ? 
# 
_struct_ref_seq.align_id                      1 
_struct_ref_seq.ref_id                        1 
_struct_ref_seq.pdbx_PDB_id_code              3VHJ 
_struct_ref_seq.pdbx_strand_id                A 
_struct_ref_seq.seq_align_beg                 1 
_struct_ref_seq.pdbx_seq_align_beg_ins_code   ? 
_struct_ref_seq.seq_align_end                 165 
_struct_ref_seq.pdbx_seq_align_end_ins_code   ? 
_struct_ref_seq.pdbx_db_accession             Q57029 
_struct_ref_seq.db_align_beg                  1 
_struct_ref_seq.pdbx_db_align_beg_ins_code    ? 
_struct_ref_seq.db_align_end                  165 
_struct_ref_seq.pdbx_db_align_end_ins_code    ? 
_struct_ref_seq.pdbx_auth_seq_align_beg       1 
_struct_ref_seq.pdbx_auth_seq_align_end       165 
# 
loop_
_struct_ref_seq_dif.align_id 
_struct_ref_seq_dif.pdbx_pdb_id_code 
_struct_ref_seq_dif.mon_id 
_struct_ref_seq_dif.pdbx_pdb_strand_id 
_struct_ref_seq_dif.seq_num 
_struct_ref_seq_dif.pdbx_pdb_ins_code 
_struct_ref_seq_dif.pdbx_seq_db_name 
_struct_ref_seq_dif.pdbx_seq_db_accession_code 
_struct_ref_seq_dif.db_mon_id 
_struct_ref_seq_dif.pdbx_seq_db_seq_num 
_struct_ref_seq_dif.details 
_struct_ref_seq_dif.pdbx_auth_seq_num 
_struct_ref_seq_dif.pdbx_ordinal 
1 3VHJ VAL A 2   ? UNP Q57029 ILE 2 'engineered mutation' 2   1 
1 3VHJ SER A 166 ? UNP Q57029 ?   ? 'expression tag'      166 2 
1 3VHJ HIS A 167 ? UNP Q57029 ?   ? 'expression tag'      167 3 
1 3VHJ HIS A 168 ? UNP Q57029 ?   ? 'expression tag'      168 4 
1 3VHJ HIS A 169 ? UNP Q57029 ?   ? 'expression tag'      169 5 
1 3VHJ HIS A 170 ? UNP Q57029 ?   ? 'expression tag'      170 6 
1 3VHJ HIS A 171 ? UNP Q57029 ?   ? 'expression tag'      171 7 
1 3VHJ HIS A 172 ? UNP Q57029 ?   ? 'expression tag'      172 8 
# 
_pdbx_struct_assembly.id                   1 
_pdbx_struct_assembly.details              author_and_software_defined_assembly 
_pdbx_struct_assembly.method_details       PISA 
_pdbx_struct_assembly.oligomeric_details   monomeric 
_pdbx_struct_assembly.oligomeric_count     1 
# 
_pdbx_struct_assembly_gen.assembly_id       1 
_pdbx_struct_assembly_gen.oper_expression   1 
_pdbx_struct_assembly_gen.asym_id_list      A,B 
# 
_pdbx_struct_oper_list.id                   1 
_pdbx_struct_oper_list.type                 'identity operation' 
_pdbx_struct_oper_list.name                 1_555 
_pdbx_struct_oper_list.symmetry_operation   x,y,z 
_pdbx_struct_oper_list.matrix[1][1]         1.0000000000 
_pdbx_struct_oper_list.matrix[1][2]         0.0000000000 
_pdbx_struct_oper_list.matrix[1][3]         0.0000000000 
_pdbx_struct_oper_list.vector[1]            0.0000000000 
_pdbx_struct_oper_list.matrix[2][1]         0.0000000000 
_pdbx_struct_oper_list.matrix[2][2]         1.0000000000 
_pdbx_struct_oper_list.matrix[2][3]         0.0000000000 
_pdbx_struct_oper_list.vector[2]            0.0000000000 
_pdbx_struct_oper_list.matrix[3][1]         0.0000000000 
_pdbx_struct_oper_list.matrix[3][2]         0.0000000000 
_pdbx_struct_oper_list.matrix[3][3]         1.0000000000 
_pdbx_struct_oper_list.vector[3]            0.0000000000 
# 
_struct_biol.id        1 
_struct_biol.details   ? 
# 
loop_
_struct_conf.conf_type_id 
_struct_conf.id 
_struct_conf.pdbx_PDB_helix_id 
_struct_conf.beg_label_comp_id 
_struct_conf.beg_label_asym_id 
_struct_conf.beg_label_seq_id 
_struct_conf.pdbx_beg_PDB_ins_code 
_struct_conf.end_label_comp_id 
_struct_conf.end_label_asym_id 
_struct_conf.end_label_seq_id 
_struct_conf.pdbx_end_PDB_ins_code 
_struct_conf.beg_auth_comp_id 
_struct_conf.beg_auth_asym_id 
_struct_conf.beg_auth_seq_id 
_struct_conf.end_auth_comp_id 
_struct_conf.end_auth_asym_id 
_struct_conf.end_auth_seq_id 
_struct_conf.pdbx_PDB_helix_class 
_struct_conf.details 
_struct_conf.pdbx_PDB_helix_length 
HELX_P HELX_P1 1 THR A 30  ? SER A 43  ? THR A 30  SER A 43  1 ? 14 
HELX_P HELX_P2 2 ASP A 62  ? GLY A 66  ? ASP A 62  GLY A 66  5 ? 5  
HELX_P HELX_P3 3 LEU A 74  ? ILE A 78  ? LEU A 74  ILE A 78  1 ? 5  
HELX_P HELX_P4 4 SER A 115 ? VAL A 127 ? SER A 115 VAL A 127 1 ? 13 
HELX_P HELX_P5 5 SER A 149 ? LEU A 153 ? SER A 149 LEU A 153 5 ? 5  
# 
_struct_conf_type.id          HELX_P 
_struct_conf_type.criteria    ? 
_struct_conf_type.reference   ? 
# 
loop_
_struct_conn.id 
_struct_conn.conn_type_id 
_struct_conn.pdbx_leaving_atom_flag 
_struct_conn.pdbx_PDB_id 
_struct_conn.ptnr1_label_asym_id 
_struct_conn.ptnr1_label_comp_id 
_struct_conn.ptnr1_label_seq_id 
_struct_conn.ptnr1_label_atom_id 
_struct_conn.pdbx_ptnr1_label_alt_id 
_struct_conn.pdbx_ptnr1_PDB_ins_code 
_struct_conn.pdbx_ptnr1_standard_comp_id 
_struct_conn.ptnr1_symmetry 
_struct_conn.ptnr2_label_asym_id 
_struct_conn.ptnr2_label_comp_id 
_struct_conn.ptnr2_label_seq_id 
_struct_conn.ptnr2_label_atom_id 
_struct_conn.pdbx_ptnr2_label_alt_id 
_struct_conn.pdbx_ptnr2_PDB_ins_code 
_struct_conn.ptnr1_auth_asym_id 
_struct_conn.ptnr1_auth_comp_id 
_struct_conn.ptnr1_auth_seq_id 
_struct_conn.ptnr2_auth_asym_id 
_struct_conn.ptnr2_auth_comp_id 
_struct_conn.ptnr2_auth_seq_id 
_struct_conn.ptnr2_symmetry 
_struct_conn.pdbx_ptnr3_label_atom_id 
_struct_conn.pdbx_ptnr3_label_seq_id 
_struct_conn.pdbx_ptnr3_label_comp_id 
_struct_conn.pdbx_ptnr3_label_asym_id 
_struct_conn.pdbx_ptnr3_label_alt_id 
_struct_conn.pdbx_ptnr3_PDB_ins_code 
_struct_conn.details 
_struct_conn.pdbx_dist_value 
_struct_conn.pdbx_value_order 
_struct_conn.pdbx_role 
covale1 covale both ? A LEU 41  C ? ? ? 1_555 A MSE 42  N ? ? A LEU 41  A MSE 42  1_555 ? ? ? ? ? ? ? 1.326 ? ? 
covale2 covale both ? A MSE 42  C ? ? ? 1_555 A SER 43  N ? ? A MSE 42  A SER 43  1_555 ? ? ? ? ? ? ? 1.329 ? ? 
covale3 covale both ? A GLY 105 C ? ? ? 1_555 A MSE 106 N ? ? A GLY 105 A MSE 106 1_555 ? ? ? ? ? ? ? 1.328 ? ? 
covale4 covale both ? A MSE 106 C ? ? ? 1_555 A VAL 107 N ? ? A MSE 106 A VAL 107 1_555 ? ? ? ? ? ? ? 1.327 ? ? 
# 
_struct_conn_type.id          covale 
_struct_conn_type.criteria    ? 
_struct_conn_type.reference   ? 
# 
loop_
_pdbx_modification_feature.ordinal 
_pdbx_modification_feature.label_comp_id 
_pdbx_modification_feature.label_asym_id 
_pdbx_modification_feature.label_seq_id 
_pdbx_modification_feature.label_alt_id 
_pdbx_modification_feature.modified_residue_label_comp_id 
_pdbx_modification_feature.modified_residue_label_asym_id 
_pdbx_modification_feature.modified_residue_label_seq_id 
_pdbx_modification_feature.modified_residue_label_alt_id 
_pdbx_modification_feature.auth_comp_id 
_pdbx_modification_feature.auth_asym_id 
_pdbx_modification_feature.auth_seq_id 
_pdbx_modification_feature.PDB_ins_code 
_pdbx_modification_feature.symmetry 
_pdbx_modification_feature.modified_residue_auth_comp_id 
_pdbx_modification_feature.modified_residue_auth_asym_id 
_pdbx_modification_feature.modified_residue_auth_seq_id 
_pdbx_modification_feature.modified_residue_PDB_ins_code 
_pdbx_modification_feature.modified_residue_symmetry 
_pdbx_modification_feature.comp_id_linking_atom 
_pdbx_modification_feature.modified_residue_id_linking_atom 
_pdbx_modification_feature.modified_residue_id 
_pdbx_modification_feature.ref_pcm_id 
_pdbx_modification_feature.ref_comp_id 
_pdbx_modification_feature.type 
_pdbx_modification_feature.category 
1 MSE A 42  ? . . . . MSE A 42  ? 1_555 . . . . . . . MET 1 MSE Selenomethionine 'Named protein modification' 
2 MSE A 106 ? . . . . MSE A 106 ? 1_555 . . . . . . . MET 1 MSE Selenomethionine 'Named protein modification' 
# 
loop_
_struct_sheet.id 
_struct_sheet.type 
_struct_sheet.number_strands 
_struct_sheet.details 
A ? 3 ? 
B ? 4 ? 
C ? 4 ? 
# 
loop_
_struct_sheet_order.sheet_id 
_struct_sheet_order.range_id_1 
_struct_sheet_order.range_id_2 
_struct_sheet_order.offset 
_struct_sheet_order.sense 
A 1 2 ? anti-parallel 
A 2 3 ? parallel      
B 1 2 ? anti-parallel 
B 2 3 ? anti-parallel 
B 3 4 ? anti-parallel 
C 1 2 ? anti-parallel 
C 2 3 ? anti-parallel 
C 3 4 ? parallel      
# 
loop_
_struct_sheet_range.sheet_id 
_struct_sheet_range.id 
_struct_sheet_range.beg_label_comp_id 
_struct_sheet_range.beg_label_asym_id 
_struct_sheet_range.beg_label_seq_id 
_struct_sheet_range.pdbx_beg_PDB_ins_code 
_struct_sheet_range.end_label_comp_id 
_struct_sheet_range.end_label_asym_id 
_struct_sheet_range.end_label_seq_id 
_struct_sheet_range.pdbx_end_PDB_ins_code 
_struct_sheet_range.beg_auth_comp_id 
_struct_sheet_range.beg_auth_asym_id 
_struct_sheet_range.beg_auth_seq_id 
_struct_sheet_range.end_auth_comp_id 
_struct_sheet_range.end_auth_asym_id 
_struct_sheet_range.end_auth_seq_id 
A 1 VAL A 8   ? ILE A 11  ? VAL A 8   ILE A 11  
A 2 LYS A 14  ? ALA A 17  ? LYS A 14  ALA A 17  
A 3 VAL A 72  ? THR A 73  ? VAL A 72  THR A 73  
B 1 LEU A 21  ? GLY A 23  ? LEU A 21  GLY A 23  
B 2 GLY A 55  ? VAL A 60  ? GLY A 55  VAL A 60  
B 3 LEU A 46  ? ARG A 52  ? LEU A 46  ARG A 52  
B 4 LYS A 162 ? GLU A 163 ? LYS A 162 GLU A 163 
C 1 VAL A 107 ? PHE A 113 ? VAL A 107 PHE A 113 
C 2 TRP A 96  ? VAL A 101 ? TRP A 96  VAL A 101 
C 3 PHE A 85  ? PRO A 90  ? PHE A 85  PRO A 90  
C 4 ARG A 135 ? TYR A 137 ? ARG A 135 TYR A 137 
# 
loop_
_pdbx_struct_sheet_hbond.sheet_id 
_pdbx_struct_sheet_hbond.range_id_1 
_pdbx_struct_sheet_hbond.range_id_2 
_pdbx_struct_sheet_hbond.range_1_label_atom_id 
_pdbx_struct_sheet_hbond.range_1_label_comp_id 
_pdbx_struct_sheet_hbond.range_1_label_asym_id 
_pdbx_struct_sheet_hbond.range_1_label_seq_id 
_pdbx_struct_sheet_hbond.range_1_PDB_ins_code 
_pdbx_struct_sheet_hbond.range_1_auth_atom_id 
_pdbx_struct_sheet_hbond.range_1_auth_comp_id 
_pdbx_struct_sheet_hbond.range_1_auth_asym_id 
_pdbx_struct_sheet_hbond.range_1_auth_seq_id 
_pdbx_struct_sheet_hbond.range_2_label_atom_id 
_pdbx_struct_sheet_hbond.range_2_label_comp_id 
_pdbx_struct_sheet_hbond.range_2_label_asym_id 
_pdbx_struct_sheet_hbond.range_2_label_seq_id 
_pdbx_struct_sheet_hbond.range_2_PDB_ins_code 
_pdbx_struct_sheet_hbond.range_2_auth_atom_id 
_pdbx_struct_sheet_hbond.range_2_auth_comp_id 
_pdbx_struct_sheet_hbond.range_2_auth_asym_id 
_pdbx_struct_sheet_hbond.range_2_auth_seq_id 
A 1 2 N ALA A 9   ? N ALA A 9   O TYR A 16  ? O TYR A 16  
A 2 3 N ALA A 17  ? N ALA A 17  O VAL A 72  ? O VAL A 72  
B 1 2 N GLY A 23  ? N GLY A 23  O PHE A 58  ? O PHE A 58  
B 2 3 O GLN A 57  ? O GLN A 57  N ILE A 50  ? N ILE A 50  
B 3 4 N TYR A 47  ? N TYR A 47  O LYS A 162 ? O LYS A 162 
C 1 2 O PHE A 113 ? O PHE A 113 N TRP A 96  ? N TRP A 96  
C 2 3 O LEU A 97  ? O LEU A 97  N PHE A 89  ? N PHE A 89  
C 3 4 N LEU A 88  ? N LEU A 88  O TYR A 137 ? O TYR A 137 
# 
_pdbx_entry_details.entry_id                   3VHJ 
_pdbx_entry_details.compound_details           ? 
_pdbx_entry_details.source_details             ? 
_pdbx_entry_details.nonpolymer_details         ? 
_pdbx_entry_details.sequence_details           ? 
_pdbx_entry_details.has_ligand_of_interest     ? 
_pdbx_entry_details.has_protein_modification   Y 
# 
loop_
_pdbx_validate_torsion.id 
_pdbx_validate_torsion.PDB_model_num 
_pdbx_validate_torsion.auth_comp_id 
_pdbx_validate_torsion.auth_asym_id 
_pdbx_validate_torsion.auth_seq_id 
_pdbx_validate_torsion.PDB_ins_code 
_pdbx_validate_torsion.label_alt_id 
_pdbx_validate_torsion.phi 
_pdbx_validate_torsion.psi 
1 1 ASP A 27  ? ? 56.32   -131.74 
2 1 ASN A 93  ? ? -112.88 50.07   
3 1 ASP A 110 ? ? -153.70 87.49   
4 1 VAL A 127 ? ? -103.97 -61.73  
# 
loop_
_pdbx_struct_mod_residue.id 
_pdbx_struct_mod_residue.label_asym_id 
_pdbx_struct_mod_residue.label_comp_id 
_pdbx_struct_mod_residue.label_seq_id 
_pdbx_struct_mod_residue.auth_asym_id 
_pdbx_struct_mod_residue.auth_comp_id 
_pdbx_struct_mod_residue.auth_seq_id 
_pdbx_struct_mod_residue.PDB_ins_code 
_pdbx_struct_mod_residue.parent_comp_id 
_pdbx_struct_mod_residue.details 
1 A MSE 42  A MSE 42  ? MET SELENOMETHIONINE 
2 A MSE 106 A MSE 106 ? MET SELENOMETHIONINE 
# 
loop_
_pdbx_unobs_or_zero_occ_residues.id 
_pdbx_unobs_or_zero_occ_residues.PDB_model_num 
_pdbx_unobs_or_zero_occ_residues.polymer_flag 
_pdbx_unobs_or_zero_occ_residues.occupancy_flag 
_pdbx_unobs_or_zero_occ_residues.auth_asym_id 
_pdbx_unobs_or_zero_occ_residues.auth_comp_id 
_pdbx_unobs_or_zero_occ_residues.auth_seq_id 
_pdbx_unobs_or_zero_occ_residues.PDB_ins_code 
_pdbx_unobs_or_zero_occ_residues.label_asym_id 
_pdbx_unobs_or_zero_occ_residues.label_comp_id 
_pdbx_unobs_or_zero_occ_residues.label_seq_id 
1  1 Y 1 A MSE 1   ? A MSE 1   
2  1 Y 1 A VAL 2   ? A VAL 2   
3  1 Y 1 A GLY 165 ? A GLY 165 
4  1 Y 1 A SER 166 ? A SER 166 
5  1 Y 1 A HIS 167 ? A HIS 167 
6  1 Y 1 A HIS 168 ? A HIS 168 
7  1 Y 1 A HIS 169 ? A HIS 169 
8  1 Y 1 A HIS 170 ? A HIS 170 
9  1 Y 1 A HIS 171 ? A HIS 171 
10 1 Y 1 A HIS 172 ? A HIS 172 
# 
loop_
_chem_comp_atom.comp_id 
_chem_comp_atom.atom_id 
_chem_comp_atom.type_symbol 
_chem_comp_atom.pdbx_aromatic_flag 
_chem_comp_atom.pdbx_stereo_config 
_chem_comp_atom.pdbx_ordinal 
ALA N    N  N N 1   
ALA CA   C  N S 2   
ALA C    C  N N 3   
ALA O    O  N N 4   
ALA CB   C  N N 5   
ALA OXT  O  N N 6   
ALA H    H  N N 7   
ALA H2   H  N N 8   
ALA HA   H  N N 9   
ALA HB1  H  N N 10  
ALA HB2  H  N N 11  
ALA HB3  H  N N 12  
ALA HXT  H  N N 13  
ARG N    N  N N 14  
ARG CA   C  N S 15  
ARG C    C  N N 16  
ARG O    O  N N 17  
ARG CB   C  N N 18  
ARG CG   C  N N 19  
ARG CD   C  N N 20  
ARG NE   N  N N 21  
ARG CZ   C  N N 22  
ARG NH1  N  N N 23  
ARG NH2  N  N N 24  
ARG OXT  O  N N 25  
ARG H    H  N N 26  
ARG H2   H  N N 27  
ARG HA   H  N N 28  
ARG HB2  H  N N 29  
ARG HB3  H  N N 30  
ARG HG2  H  N N 31  
ARG HG3  H  N N 32  
ARG HD2  H  N N 33  
ARG HD3  H  N N 34  
ARG HE   H  N N 35  
ARG HH11 H  N N 36  
ARG HH12 H  N N 37  
ARG HH21 H  N N 38  
ARG HH22 H  N N 39  
ARG HXT  H  N N 40  
ASN N    N  N N 41  
ASN CA   C  N S 42  
ASN C    C  N N 43  
ASN O    O  N N 44  
ASN CB   C  N N 45  
ASN CG   C  N N 46  
ASN OD1  O  N N 47  
ASN ND2  N  N N 48  
ASN OXT  O  N N 49  
ASN H    H  N N 50  
ASN H2   H  N N 51  
ASN HA   H  N N 52  
ASN HB2  H  N N 53  
ASN HB3  H  N N 54  
ASN HD21 H  N N 55  
ASN HD22 H  N N 56  
ASN HXT  H  N N 57  
ASP N    N  N N 58  
ASP CA   C  N S 59  
ASP C    C  N N 60  
ASP O    O  N N 61  
ASP CB   C  N N 62  
ASP CG   C  N N 63  
ASP OD1  O  N N 64  
ASP OD2  O  N N 65  
ASP OXT  O  N N 66  
ASP H    H  N N 67  
ASP H2   H  N N 68  
ASP HA   H  N N 69  
ASP HB2  H  N N 70  
ASP HB3  H  N N 71  
ASP HD2  H  N N 72  
ASP HXT  H  N N 73  
CYS N    N  N N 74  
CYS CA   C  N R 75  
CYS C    C  N N 76  
CYS O    O  N N 77  
CYS CB   C  N N 78  
CYS SG   S  N N 79  
CYS OXT  O  N N 80  
CYS H    H  N N 81  
CYS H2   H  N N 82  
CYS HA   H  N N 83  
CYS HB2  H  N N 84  
CYS HB3  H  N N 85  
CYS HG   H  N N 86  
CYS HXT  H  N N 87  
GLN N    N  N N 88  
GLN CA   C  N S 89  
GLN C    C  N N 90  
GLN O    O  N N 91  
GLN CB   C  N N 92  
GLN CG   C  N N 93  
GLN CD   C  N N 94  
GLN OE1  O  N N 95  
GLN NE2  N  N N 96  
GLN OXT  O  N N 97  
GLN H    H  N N 98  
GLN H2   H  N N 99  
GLN HA   H  N N 100 
GLN HB2  H  N N 101 
GLN HB3  H  N N 102 
GLN HG2  H  N N 103 
GLN HG3  H  N N 104 
GLN HE21 H  N N 105 
GLN HE22 H  N N 106 
GLN HXT  H  N N 107 
GLU N    N  N N 108 
GLU CA   C  N S 109 
GLU C    C  N N 110 
GLU O    O  N N 111 
GLU CB   C  N N 112 
GLU CG   C  N N 113 
GLU CD   C  N N 114 
GLU OE1  O  N N 115 
GLU OE2  O  N N 116 
GLU OXT  O  N N 117 
GLU H    H  N N 118 
GLU H2   H  N N 119 
GLU HA   H  N N 120 
GLU HB2  H  N N 121 
GLU HB3  H  N N 122 
GLU HG2  H  N N 123 
GLU HG3  H  N N 124 
GLU HE2  H  N N 125 
GLU HXT  H  N N 126 
GLY N    N  N N 127 
GLY CA   C  N N 128 
GLY C    C  N N 129 
GLY O    O  N N 130 
GLY OXT  O  N N 131 
GLY H    H  N N 132 
GLY H2   H  N N 133 
GLY HA2  H  N N 134 
GLY HA3  H  N N 135 
GLY HXT  H  N N 136 
HIS N    N  N N 137 
HIS CA   C  N S 138 
HIS C    C  N N 139 
HIS O    O  N N 140 
HIS CB   C  N N 141 
HIS CG   C  Y N 142 
HIS ND1  N  Y N 143 
HIS CD2  C  Y N 144 
HIS CE1  C  Y N 145 
HIS NE2  N  Y N 146 
HIS OXT  O  N N 147 
HIS H    H  N N 148 
HIS H2   H  N N 149 
HIS HA   H  N N 150 
HIS HB2  H  N N 151 
HIS HB3  H  N N 152 
HIS HD1  H  N N 153 
HIS HD2  H  N N 154 
HIS HE1  H  N N 155 
HIS HE2  H  N N 156 
HIS HXT  H  N N 157 
HOH O    O  N N 158 
HOH H1   H  N N 159 
HOH H2   H  N N 160 
ILE N    N  N N 161 
ILE CA   C  N S 162 
ILE C    C  N N 163 
ILE O    O  N N 164 
ILE CB   C  N S 165 
ILE CG1  C  N N 166 
ILE CG2  C  N N 167 
ILE CD1  C  N N 168 
ILE OXT  O  N N 169 
ILE H    H  N N 170 
ILE H2   H  N N 171 
ILE HA   H  N N 172 
ILE HB   H  N N 173 
ILE HG12 H  N N 174 
ILE HG13 H  N N 175 
ILE HG21 H  N N 176 
ILE HG22 H  N N 177 
ILE HG23 H  N N 178 
ILE HD11 H  N N 179 
ILE HD12 H  N N 180 
ILE HD13 H  N N 181 
ILE HXT  H  N N 182 
LEU N    N  N N 183 
LEU CA   C  N S 184 
LEU C    C  N N 185 
LEU O    O  N N 186 
LEU CB   C  N N 187 
LEU CG   C  N N 188 
LEU CD1  C  N N 189 
LEU CD2  C  N N 190 
LEU OXT  O  N N 191 
LEU H    H  N N 192 
LEU H2   H  N N 193 
LEU HA   H  N N 194 
LEU HB2  H  N N 195 
LEU HB3  H  N N 196 
LEU HG   H  N N 197 
LEU HD11 H  N N 198 
LEU HD12 H  N N 199 
LEU HD13 H  N N 200 
LEU HD21 H  N N 201 
LEU HD22 H  N N 202 
LEU HD23 H  N N 203 
LEU HXT  H  N N 204 
LYS N    N  N N 205 
LYS CA   C  N S 206 
LYS C    C  N N 207 
LYS O    O  N N 208 
LYS CB   C  N N 209 
LYS CG   C  N N 210 
LYS CD   C  N N 211 
LYS CE   C  N N 212 
LYS NZ   N  N N 213 
LYS OXT  O  N N 214 
LYS H    H  N N 215 
LYS H2   H  N N 216 
LYS HA   H  N N 217 
LYS HB2  H  N N 218 
LYS HB3  H  N N 219 
LYS HG2  H  N N 220 
LYS HG3  H  N N 221 
LYS HD2  H  N N 222 
LYS HD3  H  N N 223 
LYS HE2  H  N N 224 
LYS HE3  H  N N 225 
LYS HZ1  H  N N 226 
LYS HZ2  H  N N 227 
LYS HZ3  H  N N 228 
LYS HXT  H  N N 229 
MSE N    N  N N 230 
MSE CA   C  N S 231 
MSE C    C  N N 232 
MSE O    O  N N 233 
MSE OXT  O  N N 234 
MSE CB   C  N N 235 
MSE CG   C  N N 236 
MSE SE   SE N N 237 
MSE CE   C  N N 238 
MSE H    H  N N 239 
MSE H2   H  N N 240 
MSE HA   H  N N 241 
MSE HXT  H  N N 242 
MSE HB2  H  N N 243 
MSE HB3  H  N N 244 
MSE HG2  H  N N 245 
MSE HG3  H  N N 246 
MSE HE1  H  N N 247 
MSE HE2  H  N N 248 
MSE HE3  H  N N 249 
PHE N    N  N N 250 
PHE CA   C  N S 251 
PHE C    C  N N 252 
PHE O    O  N N 253 
PHE CB   C  N N 254 
PHE CG   C  Y N 255 
PHE CD1  C  Y N 256 
PHE CD2  C  Y N 257 
PHE CE1  C  Y N 258 
PHE CE2  C  Y N 259 
PHE CZ   C  Y N 260 
PHE OXT  O  N N 261 
PHE H    H  N N 262 
PHE H2   H  N N 263 
PHE HA   H  N N 264 
PHE HB2  H  N N 265 
PHE HB3  H  N N 266 
PHE HD1  H  N N 267 
PHE HD2  H  N N 268 
PHE HE1  H  N N 269 
PHE HE2  H  N N 270 
PHE HZ   H  N N 271 
PHE HXT  H  N N 272 
PRO N    N  N N 273 
PRO CA   C  N S 274 
PRO C    C  N N 275 
PRO O    O  N N 276 
PRO CB   C  N N 277 
PRO CG   C  N N 278 
PRO CD   C  N N 279 
PRO OXT  O  N N 280 
PRO H    H  N N 281 
PRO HA   H  N N 282 
PRO HB2  H  N N 283 
PRO HB3  H  N N 284 
PRO HG2  H  N N 285 
PRO HG3  H  N N 286 
PRO HD2  H  N N 287 
PRO HD3  H  N N 288 
PRO HXT  H  N N 289 
SER N    N  N N 290 
SER CA   C  N S 291 
SER C    C  N N 292 
SER O    O  N N 293 
SER CB   C  N N 294 
SER OG   O  N N 295 
SER OXT  O  N N 296 
SER H    H  N N 297 
SER H2   H  N N 298 
SER HA   H  N N 299 
SER HB2  H  N N 300 
SER HB3  H  N N 301 
SER HG   H  N N 302 
SER HXT  H  N N 303 
THR N    N  N N 304 
THR CA   C  N S 305 
THR C    C  N N 306 
THR O    O  N N 307 
THR CB   C  N R 308 
THR OG1  O  N N 309 
THR CG2  C  N N 310 
THR OXT  O  N N 311 
THR H    H  N N 312 
THR H2   H  N N 313 
THR HA   H  N N 314 
THR HB   H  N N 315 
THR HG1  H  N N 316 
THR HG21 H  N N 317 
THR HG22 H  N N 318 
THR HG23 H  N N 319 
THR HXT  H  N N 320 
TRP N    N  N N 321 
TRP CA   C  N S 322 
TRP C    C  N N 323 
TRP O    O  N N 324 
TRP CB   C  N N 325 
TRP CG   C  Y N 326 
TRP CD1  C  Y N 327 
TRP CD2  C  Y N 328 
TRP NE1  N  Y N 329 
TRP CE2  C  Y N 330 
TRP CE3  C  Y N 331 
TRP CZ2  C  Y N 332 
TRP CZ3  C  Y N 333 
TRP CH2  C  Y N 334 
TRP OXT  O  N N 335 
TRP H    H  N N 336 
TRP H2   H  N N 337 
TRP HA   H  N N 338 
TRP HB2  H  N N 339 
TRP HB3  H  N N 340 
TRP HD1  H  N N 341 
TRP HE1  H  N N 342 
TRP HE3  H  N N 343 
TRP HZ2  H  N N 344 
TRP HZ3  H  N N 345 
TRP HH2  H  N N 346 
TRP HXT  H  N N 347 
TYR N    N  N N 348 
TYR CA   C  N S 349 
TYR C    C  N N 350 
TYR O    O  N N 351 
TYR CB   C  N N 352 
TYR CG   C  Y N 353 
TYR CD1  C  Y N 354 
TYR CD2  C  Y N 355 
TYR CE1  C  Y N 356 
TYR CE2  C  Y N 357 
TYR CZ   C  Y N 358 
TYR OH   O  N N 359 
TYR OXT  O  N N 360 
TYR H    H  N N 361 
TYR H2   H  N N 362 
TYR HA   H  N N 363 
TYR HB2  H  N N 364 
TYR HB3  H  N N 365 
TYR HD1  H  N N 366 
TYR HD2  H  N N 367 
TYR HE1  H  N N 368 
TYR HE2  H  N N 369 
TYR HH   H  N N 370 
TYR HXT  H  N N 371 
VAL N    N  N N 372 
VAL CA   C  N S 373 
VAL C    C  N N 374 
VAL O    O  N N 375 
VAL CB   C  N N 376 
VAL CG1  C  N N 377 
VAL CG2  C  N N 378 
VAL OXT  O  N N 379 
VAL H    H  N N 380 
VAL H2   H  N N 381 
VAL HA   H  N N 382 
VAL HB   H  N N 383 
VAL HG11 H  N N 384 
VAL HG12 H  N N 385 
VAL HG13 H  N N 386 
VAL HG21 H  N N 387 
VAL HG22 H  N N 388 
VAL HG23 H  N N 389 
VAL HXT  H  N N 390 
# 
loop_
_chem_comp_bond.comp_id 
_chem_comp_bond.atom_id_1 
_chem_comp_bond.atom_id_2 
_chem_comp_bond.value_order 
_chem_comp_bond.pdbx_aromatic_flag 
_chem_comp_bond.pdbx_stereo_config 
_chem_comp_bond.pdbx_ordinal 
ALA N   CA   sing N N 1   
ALA N   H    sing N N 2   
ALA N   H2   sing N N 3   
ALA CA  C    sing N N 4   
ALA CA  CB   sing N N 5   
ALA CA  HA   sing N N 6   
ALA C   O    doub N N 7   
ALA C   OXT  sing N N 8   
ALA CB  HB1  sing N N 9   
ALA CB  HB2  sing N N 10  
ALA CB  HB3  sing N N 11  
ALA OXT HXT  sing N N 12  
ARG N   CA   sing N N 13  
ARG N   H    sing N N 14  
ARG N   H2   sing N N 15  
ARG CA  C    sing N N 16  
ARG CA  CB   sing N N 17  
ARG CA  HA   sing N N 18  
ARG C   O    doub N N 19  
ARG C   OXT  sing N N 20  
ARG CB  CG   sing N N 21  
ARG CB  HB2  sing N N 22  
ARG CB  HB3  sing N N 23  
ARG CG  CD   sing N N 24  
ARG CG  HG2  sing N N 25  
ARG CG  HG3  sing N N 26  
ARG CD  NE   sing N N 27  
ARG CD  HD2  sing N N 28  
ARG CD  HD3  sing N N 29  
ARG NE  CZ   sing N N 30  
ARG NE  HE   sing N N 31  
ARG CZ  NH1  sing N N 32  
ARG CZ  NH2  doub N N 33  
ARG NH1 HH11 sing N N 34  
ARG NH1 HH12 sing N N 35  
ARG NH2 HH21 sing N N 36  
ARG NH2 HH22 sing N N 37  
ARG OXT HXT  sing N N 38  
ASN N   CA   sing N N 39  
ASN N   H    sing N N 40  
ASN N   H2   sing N N 41  
ASN CA  C    sing N N 42  
ASN CA  CB   sing N N 43  
ASN CA  HA   sing N N 44  
ASN C   O    doub N N 45  
ASN C   OXT  sing N N 46  
ASN CB  CG   sing N N 47  
ASN CB  HB2  sing N N 48  
ASN CB  HB3  sing N N 49  
ASN CG  OD1  doub N N 50  
ASN CG  ND2  sing N N 51  
ASN ND2 HD21 sing N N 52  
ASN ND2 HD22 sing N N 53  
ASN OXT HXT  sing N N 54  
ASP N   CA   sing N N 55  
ASP N   H    sing N N 56  
ASP N   H2   sing N N 57  
ASP CA  C    sing N N 58  
ASP CA  CB   sing N N 59  
ASP CA  HA   sing N N 60  
ASP C   O    doub N N 61  
ASP C   OXT  sing N N 62  
ASP CB  CG   sing N N 63  
ASP CB  HB2  sing N N 64  
ASP CB  HB3  sing N N 65  
ASP CG  OD1  doub N N 66  
ASP CG  OD2  sing N N 67  
ASP OD2 HD2  sing N N 68  
ASP OXT HXT  sing N N 69  
CYS N   CA   sing N N 70  
CYS N   H    sing N N 71  
CYS N   H2   sing N N 72  
CYS CA  C    sing N N 73  
CYS CA  CB   sing N N 74  
CYS CA  HA   sing N N 75  
CYS C   O    doub N N 76  
CYS C   OXT  sing N N 77  
CYS CB  SG   sing N N 78  
CYS CB  HB2  sing N N 79  
CYS CB  HB3  sing N N 80  
CYS SG  HG   sing N N 81  
CYS OXT HXT  sing N N 82  
GLN N   CA   sing N N 83  
GLN N   H    sing N N 84  
GLN N   H2   sing N N 85  
GLN CA  C    sing N N 86  
GLN CA  CB   sing N N 87  
GLN CA  HA   sing N N 88  
GLN C   O    doub N N 89  
GLN C   OXT  sing N N 90  
GLN CB  CG   sing N N 91  
GLN CB  HB2  sing N N 92  
GLN CB  HB3  sing N N 93  
GLN CG  CD   sing N N 94  
GLN CG  HG2  sing N N 95  
GLN CG  HG3  sing N N 96  
GLN CD  OE1  doub N N 97  
GLN CD  NE2  sing N N 98  
GLN NE2 HE21 sing N N 99  
GLN NE2 HE22 sing N N 100 
GLN OXT HXT  sing N N 101 
GLU N   CA   sing N N 102 
GLU N   H    sing N N 103 
GLU N   H2   sing N N 104 
GLU CA  C    sing N N 105 
GLU CA  CB   sing N N 106 
GLU CA  HA   sing N N 107 
GLU C   O    doub N N 108 
GLU C   OXT  sing N N 109 
GLU CB  CG   sing N N 110 
GLU CB  HB2  sing N N 111 
GLU CB  HB3  sing N N 112 
GLU CG  CD   sing N N 113 
GLU CG  HG2  sing N N 114 
GLU CG  HG3  sing N N 115 
GLU CD  OE1  doub N N 116 
GLU CD  OE2  sing N N 117 
GLU OE2 HE2  sing N N 118 
GLU OXT HXT  sing N N 119 
GLY N   CA   sing N N 120 
GLY N   H    sing N N 121 
GLY N   H2   sing N N 122 
GLY CA  C    sing N N 123 
GLY CA  HA2  sing N N 124 
GLY CA  HA3  sing N N 125 
GLY C   O    doub N N 126 
GLY C   OXT  sing N N 127 
GLY OXT HXT  sing N N 128 
HIS N   CA   sing N N 129 
HIS N   H    sing N N 130 
HIS N   H2   sing N N 131 
HIS CA  C    sing N N 132 
HIS CA  CB   sing N N 133 
HIS CA  HA   sing N N 134 
HIS C   O    doub N N 135 
HIS C   OXT  sing N N 136 
HIS CB  CG   sing N N 137 
HIS CB  HB2  sing N N 138 
HIS CB  HB3  sing N N 139 
HIS CG  ND1  sing Y N 140 
HIS CG  CD2  doub Y N 141 
HIS ND1 CE1  doub Y N 142 
HIS ND1 HD1  sing N N 143 
HIS CD2 NE2  sing Y N 144 
HIS CD2 HD2  sing N N 145 
HIS CE1 NE2  sing Y N 146 
HIS CE1 HE1  sing N N 147 
HIS NE2 HE2  sing N N 148 
HIS OXT HXT  sing N N 149 
HOH O   H1   sing N N 150 
HOH O   H2   sing N N 151 
ILE N   CA   sing N N 152 
ILE N   H    sing N N 153 
ILE N   H2   sing N N 154 
ILE CA  C    sing N N 155 
ILE CA  CB   sing N N 156 
ILE CA  HA   sing N N 157 
ILE C   O    doub N N 158 
ILE C   OXT  sing N N 159 
ILE CB  CG1  sing N N 160 
ILE CB  CG2  sing N N 161 
ILE CB  HB   sing N N 162 
ILE CG1 CD1  sing N N 163 
ILE CG1 HG12 sing N N 164 
ILE CG1 HG13 sing N N 165 
ILE CG2 HG21 sing N N 166 
ILE CG2 HG22 sing N N 167 
ILE CG2 HG23 sing N N 168 
ILE CD1 HD11 sing N N 169 
ILE CD1 HD12 sing N N 170 
ILE CD1 HD13 sing N N 171 
ILE OXT HXT  sing N N 172 
LEU N   CA   sing N N 173 
LEU N   H    sing N N 174 
LEU N   H2   sing N N 175 
LEU CA  C    sing N N 176 
LEU CA  CB   sing N N 177 
LEU CA  HA   sing N N 178 
LEU C   O    doub N N 179 
LEU C   OXT  sing N N 180 
LEU CB  CG   sing N N 181 
LEU CB  HB2  sing N N 182 
LEU CB  HB3  sing N N 183 
LEU CG  CD1  sing N N 184 
LEU CG  CD2  sing N N 185 
LEU CG  HG   sing N N 186 
LEU CD1 HD11 sing N N 187 
LEU CD1 HD12 sing N N 188 
LEU CD1 HD13 sing N N 189 
LEU CD2 HD21 sing N N 190 
LEU CD2 HD22 sing N N 191 
LEU CD2 HD23 sing N N 192 
LEU OXT HXT  sing N N 193 
LYS N   CA   sing N N 194 
LYS N   H    sing N N 195 
LYS N   H2   sing N N 196 
LYS CA  C    sing N N 197 
LYS CA  CB   sing N N 198 
LYS CA  HA   sing N N 199 
LYS C   O    doub N N 200 
LYS C   OXT  sing N N 201 
LYS CB  CG   sing N N 202 
LYS CB  HB2  sing N N 203 
LYS CB  HB3  sing N N 204 
LYS CG  CD   sing N N 205 
LYS CG  HG2  sing N N 206 
LYS CG  HG3  sing N N 207 
LYS CD  CE   sing N N 208 
LYS CD  HD2  sing N N 209 
LYS CD  HD3  sing N N 210 
LYS CE  NZ   sing N N 211 
LYS CE  HE2  sing N N 212 
LYS CE  HE3  sing N N 213 
LYS NZ  HZ1  sing N N 214 
LYS NZ  HZ2  sing N N 215 
LYS NZ  HZ3  sing N N 216 
LYS OXT HXT  sing N N 217 
MSE N   CA   sing N N 218 
MSE N   H    sing N N 219 
MSE N   H2   sing N N 220 
MSE CA  C    sing N N 221 
MSE CA  CB   sing N N 222 
MSE CA  HA   sing N N 223 
MSE C   O    doub N N 224 
MSE C   OXT  sing N N 225 
MSE OXT HXT  sing N N 226 
MSE CB  CG   sing N N 227 
MSE CB  HB2  sing N N 228 
MSE CB  HB3  sing N N 229 
MSE CG  SE   sing N N 230 
MSE CG  HG2  sing N N 231 
MSE CG  HG3  sing N N 232 
MSE SE  CE   sing N N 233 
MSE CE  HE1  sing N N 234 
MSE CE  HE2  sing N N 235 
MSE CE  HE3  sing N N 236 
PHE N   CA   sing N N 237 
PHE N   H    sing N N 238 
PHE N   H2   sing N N 239 
PHE CA  C    sing N N 240 
PHE CA  CB   sing N N 241 
PHE CA  HA   sing N N 242 
PHE C   O    doub N N 243 
PHE C   OXT  sing N N 244 
PHE CB  CG   sing N N 245 
PHE CB  HB2  sing N N 246 
PHE CB  HB3  sing N N 247 
PHE CG  CD1  doub Y N 248 
PHE CG  CD2  sing Y N 249 
PHE CD1 CE1  sing Y N 250 
PHE CD1 HD1  sing N N 251 
PHE CD2 CE2  doub Y N 252 
PHE CD2 HD2  sing N N 253 
PHE CE1 CZ   doub Y N 254 
PHE CE1 HE1  sing N N 255 
PHE CE2 CZ   sing Y N 256 
PHE CE2 HE2  sing N N 257 
PHE CZ  HZ   sing N N 258 
PHE OXT HXT  sing N N 259 
PRO N   CA   sing N N 260 
PRO N   CD   sing N N 261 
PRO N   H    sing N N 262 
PRO CA  C    sing N N 263 
PRO CA  CB   sing N N 264 
PRO CA  HA   sing N N 265 
PRO C   O    doub N N 266 
PRO C   OXT  sing N N 267 
PRO CB  CG   sing N N 268 
PRO CB  HB2  sing N N 269 
PRO CB  HB3  sing N N 270 
PRO CG  CD   sing N N 271 
PRO CG  HG2  sing N N 272 
PRO CG  HG3  sing N N 273 
PRO CD  HD2  sing N N 274 
PRO CD  HD3  sing N N 275 
PRO OXT HXT  sing N N 276 
SER N   CA   sing N N 277 
SER N   H    sing N N 278 
SER N   H2   sing N N 279 
SER CA  C    sing N N 280 
SER CA  CB   sing N N 281 
SER CA  HA   sing N N 282 
SER C   O    doub N N 283 
SER C   OXT  sing N N 284 
SER CB  OG   sing N N 285 
SER CB  HB2  sing N N 286 
SER CB  HB3  sing N N 287 
SER OG  HG   sing N N 288 
SER OXT HXT  sing N N 289 
THR N   CA   sing N N 290 
THR N   H    sing N N 291 
THR N   H2   sing N N 292 
THR CA  C    sing N N 293 
THR CA  CB   sing N N 294 
THR CA  HA   sing N N 295 
THR C   O    doub N N 296 
THR C   OXT  sing N N 297 
THR CB  OG1  sing N N 298 
THR CB  CG2  sing N N 299 
THR CB  HB   sing N N 300 
THR OG1 HG1  sing N N 301 
THR CG2 HG21 sing N N 302 
THR CG2 HG22 sing N N 303 
THR CG2 HG23 sing N N 304 
THR OXT HXT  sing N N 305 
TRP N   CA   sing N N 306 
TRP N   H    sing N N 307 
TRP N   H2   sing N N 308 
TRP CA  C    sing N N 309 
TRP CA  CB   sing N N 310 
TRP CA  HA   sing N N 311 
TRP C   O    doub N N 312 
TRP C   OXT  sing N N 313 
TRP CB  CG   sing N N 314 
TRP CB  HB2  sing N N 315 
TRP CB  HB3  sing N N 316 
TRP CG  CD1  doub Y N 317 
TRP CG  CD2  sing Y N 318 
TRP CD1 NE1  sing Y N 319 
TRP CD1 HD1  sing N N 320 
TRP CD2 CE2  doub Y N 321 
TRP CD2 CE3  sing Y N 322 
TRP NE1 CE2  sing Y N 323 
TRP NE1 HE1  sing N N 324 
TRP CE2 CZ2  sing Y N 325 
TRP CE3 CZ3  doub Y N 326 
TRP CE3 HE3  sing N N 327 
TRP CZ2 CH2  doub Y N 328 
TRP CZ2 HZ2  sing N N 329 
TRP CZ3 CH2  sing Y N 330 
TRP CZ3 HZ3  sing N N 331 
TRP CH2 HH2  sing N N 332 
TRP OXT HXT  sing N N 333 
TYR N   CA   sing N N 334 
TYR N   H    sing N N 335 
TYR N   H2   sing N N 336 
TYR CA  C    sing N N 337 
TYR CA  CB   sing N N 338 
TYR CA  HA   sing N N 339 
TYR C   O    doub N N 340 
TYR C   OXT  sing N N 341 
TYR CB  CG   sing N N 342 
TYR CB  HB2  sing N N 343 
TYR CB  HB3  sing N N 344 
TYR CG  CD1  doub Y N 345 
TYR CG  CD2  sing Y N 346 
TYR CD1 CE1  sing Y N 347 
TYR CD1 HD1  sing N N 348 
TYR CD2 CE2  doub Y N 349 
TYR CD2 HD2  sing N N 350 
TYR CE1 CZ   doub Y N 351 
TYR CE1 HE1  sing N N 352 
TYR CE2 CZ   sing Y N 353 
TYR CE2 HE2  sing N N 354 
TYR CZ  OH   sing N N 355 
TYR OH  HH   sing N N 356 
TYR OXT HXT  sing N N 357 
VAL N   CA   sing N N 358 
VAL N   H    sing N N 359 
VAL N   H2   sing N N 360 
VAL CA  C    sing N N 361 
VAL CA  CB   sing N N 362 
VAL CA  HA   sing N N 363 
VAL C   O    doub N N 364 
VAL C   OXT  sing N N 365 
VAL CB  CG1  sing N N 366 
VAL CB  CG2  sing N N 367 
VAL CB  HB   sing N N 368 
VAL CG1 HG11 sing N N 369 
VAL CG1 HG12 sing N N 370 
VAL CG1 HG13 sing N N 371 
VAL CG2 HG21 sing N N 372 
VAL CG2 HG22 sing N N 373 
VAL CG2 HG23 sing N N 374 
VAL OXT HXT  sing N N 375 
# 
_atom_sites.entry_id                    3VHJ 
_atom_sites.fract_transf_matrix[1][1]   0.00760455 
_atom_sites.fract_transf_matrix[1][2]   -0.02203898 
_atom_sites.fract_transf_matrix[1][3]   -0.00118167 
_atom_sites.fract_transf_matrix[2][1]   0.00674807 
_atom_sites.fract_transf_matrix[2][2]   0.00309871 
_atom_sites.fract_transf_matrix[2][3]   -0.01436646 
_atom_sites.fract_transf_matrix[3][1]   0.01083904 
_atom_sites.fract_transf_matrix[3][2]   0.00342739 
_atom_sites.fract_transf_matrix[3][3]   0.00583047 
_atom_sites.fract_transf_vector[1]      0.401994 
_atom_sites.fract_transf_vector[2]      0.826319 
_atom_sites.fract_transf_vector[3]      0.165176 
# 
loop_
_atom_type.symbol 
C  
N  
O  
S  
SE 
# 
loop_
_atom_site.group_PDB 
_atom_site.id 
_atom_site.type_symbol 
_atom_site.label_atom_id 
_atom_site.label_alt_id 
_atom_site.label_comp_id 
_atom_site.label_asym_id 
_atom_site.label_entity_id 
_atom_site.label_seq_id 
_atom_site.pdbx_PDB_ins_code 
_atom_site.Cartn_x 
_atom_site.Cartn_y 
_atom_site.Cartn_z 
_atom_site.occupancy 
_atom_site.B_iso_or_equiv 
_atom_site.pdbx_formal_charge 
_atom_site.auth_seq_id 
_atom_site.auth_comp_id 
_atom_site.auth_asym_id 
_atom_site.auth_atom_id 
_atom_site.pdbx_PDB_model_num 
ATOM   1    N  N   . LYS A 1 3   ? 14.223  13.662  -8.051  1.00 31.96 ? 3   LYS A N   1 
ATOM   2    C  CA  . LYS A 1 3   ? 13.260  12.537  -8.235  1.00 32.36 ? 3   LYS A CA  1 
ATOM   3    C  C   . LYS A 1 3   ? 13.911  11.157  -8.154  1.00 32.28 ? 3   LYS A C   1 
ATOM   4    O  O   . LYS A 1 3   ? 14.986  10.928  -8.717  1.00 33.52 ? 3   LYS A O   1 
ATOM   5    C  CB  . LYS A 1 3   ? 12.543  12.675  -9.575  1.00 33.41 ? 3   LYS A CB  1 
ATOM   6    C  CG  . LYS A 1 3   ? 11.598  13.862  -9.646  1.00 34.34 ? 3   LYS A CG  1 
ATOM   7    C  CD  . LYS A 1 3   ? 10.827  13.830  -10.946 1.00 37.27 ? 3   LYS A CD  1 
ATOM   8    C  CE  . LYS A 1 3   ? 9.646   14.783  -10.922 1.00 37.93 ? 3   LYS A CE  1 
ATOM   9    N  NZ  . LYS A 1 3   ? 8.857   14.617  -12.172 1.00 37.82 ? 3   LYS A NZ  1 
ATOM   10   N  N   . ASN A 1 4   ? 13.254  10.244  -7.441  1.00 30.72 ? 4   ASN A N   1 
ATOM   11   C  CA  . ASN A 1 4   ? 13.747  8.878   -7.292  1.00 27.49 ? 4   ASN A CA  1 
ATOM   12   C  C   . ASN A 1 4   ? 12.649  7.913   -7.738  1.00 25.74 ? 4   ASN A C   1 
ATOM   13   O  O   . ASN A 1 4   ? 11.590  8.345   -8.198  1.00 24.27 ? 4   ASN A O   1 
ATOM   14   C  CB  . ASN A 1 4   ? 14.157  8.595   -5.836  1.00 27.71 ? 4   ASN A CB  1 
ATOM   15   C  CG  . ASN A 1 4   ? 12.999  8.708   -4.851  1.00 28.01 ? 4   ASN A CG  1 
ATOM   16   O  OD1 . ASN A 1 4   ? 11.984  8.027   -4.979  1.00 24.28 ? 4   ASN A OD1 1 
ATOM   17   N  ND2 . ASN A 1 4   ? 13.161  9.562   -3.851  1.00 27.96 ? 4   ASN A ND2 1 
ATOM   18   N  N   . ASN A 1 5   ? 12.890  6.613   -7.620  1.00 23.80 ? 5   ASN A N   1 
ATOM   19   C  CA  . ASN A 1 5   ? 11.876  5.654   -8.042  1.00 21.83 ? 5   ASN A CA  1 
ATOM   20   C  C   . ASN A 1 5   ? 11.395  4.766   -6.906  1.00 20.65 ? 5   ASN A C   1 
ATOM   21   O  O   . ASN A 1 5   ? 11.004  3.619   -7.119  1.00 21.26 ? 5   ASN A O   1 
ATOM   22   C  CB  . ASN A 1 5   ? 12.392  4.810   -9.219  1.00 21.90 ? 5   ASN A CB  1 
ATOM   23   C  CG  . ASN A 1 5   ? 13.629  3.992   -8.875  1.00 23.09 ? 5   ASN A CG  1 
ATOM   24   O  OD1 . ASN A 1 5   ? 14.243  3.382   -9.757  1.00 24.61 ? 5   ASN A OD1 1 
ATOM   25   N  ND2 . ASN A 1 5   ? 13.997  3.968   -7.603  1.00 18.97 ? 5   ASN A ND2 1 
ATOM   26   N  N   . LEU A 1 6   ? 11.406  5.317   -5.697  1.00 21.21 ? 6   LEU A N   1 
ATOM   27   C  CA  . LEU A 1 6   ? 10.973  4.591   -4.506  1.00 21.76 ? 6   LEU A CA  1 
ATOM   28   C  C   . LEU A 1 6   ? 9.513   4.162   -4.581  1.00 20.67 ? 6   LEU A C   1 
ATOM   29   O  O   . LEU A 1 6   ? 9.105   3.210   -3.915  1.00 21.27 ? 6   LEU A O   1 
ATOM   30   C  CB  . LEU A 1 6   ? 11.151  5.466   -3.266  1.00 26.44 ? 6   LEU A CB  1 
ATOM   31   C  CG  . LEU A 1 6   ? 12.366  5.274   -2.361  1.00 30.48 ? 6   LEU A CG  1 
ATOM   32   C  CD1 . LEU A 1 6   ? 12.449  6.440   -1.378  1.00 31.07 ? 6   LEU A CD1 1 
ATOM   33   C  CD2 . LEU A 1 6   ? 12.247  3.948   -1.615  1.00 31.44 ? 6   LEU A CD2 1 
ATOM   34   N  N   . GLY A 1 7   ? 8.727   4.870   -5.383  1.00 19.00 ? 7   GLY A N   1 
ATOM   35   C  CA  . GLY A 1 7   ? 7.315   4.553   -5.487  1.00 16.28 ? 7   GLY A CA  1 
ATOM   36   C  C   . GLY A 1 7   ? 6.906   3.489   -6.490  1.00 17.19 ? 7   GLY A C   1 
ATOM   37   O  O   . GLY A 1 7   ? 5.711   3.260   -6.684  1.00 16.01 ? 7   GLY A O   1 
ATOM   38   N  N   . VAL A 1 8   ? 7.867   2.834   -7.132  1.00 16.41 ? 8   VAL A N   1 
ATOM   39   C  CA  . VAL A 1 8   ? 7.517   1.808   -8.109  1.00 16.45 ? 8   VAL A CA  1 
ATOM   40   C  C   . VAL A 1 8   ? 8.157   0.466   -7.788  1.00 18.26 ? 8   VAL A C   1 
ATOM   41   O  O   . VAL A 1 8   ? 9.377   0.329   -7.790  1.00 17.50 ? 8   VAL A O   1 
ATOM   42   C  CB  . VAL A 1 8   ? 7.920   2.237   -9.541  1.00 17.57 ? 8   VAL A CB  1 
ATOM   43   C  CG1 . VAL A 1 8   ? 7.523   1.166   -10.546 1.00 17.42 ? 8   VAL A CG1 1 
ATOM   44   C  CG2 . VAL A 1 8   ? 7.243   3.550   -9.893  1.00 19.33 ? 8   VAL A CG2 1 
ATOM   45   N  N   . ALA A 1 9   ? 7.324   -0.533  -7.525  1.00 17.36 ? 9   ALA A N   1 
ATOM   46   C  CA  . ALA A 1 9   ? 7.836   -1.853  -7.203  1.00 17.73 ? 9   ALA A CA  1 
ATOM   47   C  C   . ALA A 1 9   ? 7.656   -2.809  -8.368  1.00 18.57 ? 9   ALA A C   1 
ATOM   48   O  O   . ALA A 1 9   ? 6.744   -2.652  -9.179  1.00 18.29 ? 9   ALA A O   1 
ATOM   49   C  CB  . ALA A 1 9   ? 7.124   -2.399  -5.966  1.00 15.47 ? 9   ALA A CB  1 
ATOM   50   N  N   . VAL A 1 10  ? 8.544   -3.791  -8.456  1.00 19.12 ? 10  VAL A N   1 
ATOM   51   C  CA  . VAL A 1 10  ? 8.456   -4.805  -9.497  1.00 21.29 ? 10  VAL A CA  1 
ATOM   52   C  C   . VAL A 1 10  ? 8.194   -6.137  -8.809  1.00 22.42 ? 10  VAL A C   1 
ATOM   53   O  O   . VAL A 1 10  ? 8.893   -6.512  -7.870  1.00 22.84 ? 10  VAL A O   1 
ATOM   54   C  CB  . VAL A 1 10  ? 9.769   -4.946  -10.307 1.00 22.47 ? 10  VAL A CB  1 
ATOM   55   C  CG1 . VAL A 1 10  ? 9.649   -6.116  -11.284 1.00 23.13 ? 10  VAL A CG1 1 
ATOM   56   C  CG2 . VAL A 1 10  ? 10.063  -3.670  -11.066 1.00 21.00 ? 10  VAL A CG2 1 
ATOM   57   N  N   . ILE A 1 11  ? 7.160   -6.831  -9.261  1.00 24.12 ? 11  ILE A N   1 
ATOM   58   C  CA  . ILE A 1 11  ? 6.822   -8.136  -8.717  1.00 25.57 ? 11  ILE A CA  1 
ATOM   59   C  C   . ILE A 1 11  ? 6.593   -9.002  -9.939  1.00 26.28 ? 11  ILE A C   1 
ATOM   60   O  O   . ILE A 1 11  ? 5.562   -8.897  -10.599 1.00 25.64 ? 11  ILE A O   1 
ATOM   61   C  CB  . ILE A 1 11  ? 5.544   -8.086  -7.858  1.00 26.24 ? 11  ILE A CB  1 
ATOM   62   C  CG1 . ILE A 1 11  ? 5.744   -7.117  -6.691  1.00 28.29 ? 11  ILE A CG1 1 
ATOM   63   C  CG2 . ILE A 1 11  ? 5.220   -9.477  -7.324  1.00 28.25 ? 11  ILE A CG2 1 
ATOM   64   C  CD1 . ILE A 1 11  ? 4.474   -6.805  -5.927  1.00 30.82 ? 11  ILE A CD1 1 
ATOM   65   N  N   . GLY A 1 12  ? 7.571   -9.841  -10.252 1.00 28.08 ? 12  GLY A N   1 
ATOM   66   C  CA  . GLY A 1 12  ? 7.452   -10.690 -11.420 1.00 28.32 ? 12  GLY A CA  1 
ATOM   67   C  C   . GLY A 1 12  ? 7.564   -9.836  -12.670 1.00 28.02 ? 12  GLY A C   1 
ATOM   68   O  O   . GLY A 1 12  ? 8.527   -9.086  -12.832 1.00 27.81 ? 12  GLY A O   1 
ATOM   69   N  N   . SER A 1 13  ? 6.578   -9.937  -13.553 1.00 28.98 ? 13  SER A N   1 
ATOM   70   C  CA  . SER A 1 13  ? 6.592   -9.158  -14.786 1.00 30.26 ? 13  SER A CA  1 
ATOM   71   C  C   . SER A 1 13  ? 5.702   -7.929  -14.669 1.00 29.23 ? 13  SER A C   1 
ATOM   72   O  O   . SER A 1 13  ? 5.408   -7.276  -15.669 1.00 29.12 ? 13  SER A O   1 
ATOM   73   C  CB  . SER A 1 13  ? 6.107   -10.013 -15.962 1.00 32.26 ? 13  SER A CB  1 
ATOM   74   O  OG  . SER A 1 13  ? 4.728   -10.331 -15.830 1.00 35.97 ? 13  SER A OG  1 
ATOM   75   N  N   . LYS A 1 14  ? 5.276   -7.607  -13.450 1.00 27.38 ? 14  LYS A N   1 
ATOM   76   C  CA  . LYS A 1 14  ? 4.395   -6.460  -13.247 1.00 24.79 ? 14  LYS A CA  1 
ATOM   77   C  C   . LYS A 1 14  ? 5.023   -5.339  -12.429 1.00 23.48 ? 14  LYS A C   1 
ATOM   78   O  O   . LYS A 1 14  ? 5.845   -5.576  -11.546 1.00 22.42 ? 14  LYS A O   1 
ATOM   79   C  CB  . LYS A 1 14  ? 3.101   -6.903  -12.559 1.00 26.47 ? 14  LYS A CB  1 
ATOM   80   C  CG  . LYS A 1 14  ? 2.350   -8.032  -13.256 1.00 31.05 ? 14  LYS A CG  1 
ATOM   81   C  CD  . LYS A 1 14  ? 1.831   -7.622  -14.622 1.00 33.76 ? 14  LYS A CD  1 
ATOM   82   C  CE  . LYS A 1 14  ? 1.056   -8.769  -15.264 1.00 37.33 ? 14  LYS A CE  1 
ATOM   83   N  NZ  . LYS A 1 14  ? 0.586   -8.447  -16.642 1.00 38.51 ? 14  LYS A NZ  1 
ATOM   84   N  N   . GLN A 1 15  ? 4.617   -4.116  -12.733 1.00 20.32 ? 15  GLN A N   1 
ATOM   85   C  CA  . GLN A 1 15  ? 5.105   -2.942  -12.024 1.00 19.39 ? 15  GLN A CA  1 
ATOM   86   C  C   . GLN A 1 15  ? 3.915   -2.361  -11.273 1.00 19.98 ? 15  GLN A C   1 
ATOM   87   O  O   . GLN A 1 15  ? 2.799   -2.327  -11.800 1.00 19.34 ? 15  GLN A O   1 
ATOM   88   C  CB  . GLN A 1 15  ? 5.690   -1.933  -13.018 1.00 19.45 ? 15  GLN A CB  1 
ATOM   89   C  CG  . GLN A 1 15  ? 7.038   -2.392  -13.588 1.00 18.95 ? 15  GLN A CG  1 
ATOM   90   C  CD  . GLN A 1 15  ? 7.549   -1.521  -14.723 1.00 22.38 ? 15  GLN A CD  1 
ATOM   91   O  OE1 . GLN A 1 15  ? 8.619   -1.782  -15.282 1.00 24.34 ? 15  GLN A OE1 1 
ATOM   92   N  NE2 . GLN A 1 15  ? 6.789   -0.492  -15.075 1.00 17.13 ? 15  GLN A NE2 1 
ATOM   93   N  N   . TYR A 1 16  ? 4.150   -1.924  -10.040 1.00 17.26 ? 16  TYR A N   1 
ATOM   94   C  CA  . TYR A 1 16  ? 3.086   -1.376  -9.211  1.00 18.26 ? 16  TYR A CA  1 
ATOM   95   C  C   . TYR A 1 16  ? 3.510   -0.115  -8.491  1.00 18.54 ? 16  TYR A C   1 
ATOM   96   O  O   . TYR A 1 16  ? 4.667   0.024   -8.089  1.00 16.91 ? 16  TYR A O   1 
ATOM   97   C  CB  . TYR A 1 16  ? 2.684   -2.373  -8.133  1.00 18.76 ? 16  TYR A CB  1 
ATOM   98   C  CG  . TYR A 1 16  ? 2.196   -3.701  -8.642  1.00 18.88 ? 16  TYR A CG  1 
ATOM   99   C  CD1 . TYR A 1 16  ? 0.854   -3.896  -8.945  1.00 20.08 ? 16  TYR A CD1 1 
ATOM   100  C  CD2 . TYR A 1 16  ? 3.070   -4.776  -8.780  1.00 20.23 ? 16  TYR A CD2 1 
ATOM   101  C  CE1 . TYR A 1 16  ? 0.385   -5.137  -9.367  1.00 21.93 ? 16  TYR A CE1 1 
ATOM   102  C  CE2 . TYR A 1 16  ? 2.612   -6.021  -9.205  1.00 20.98 ? 16  TYR A CE2 1 
ATOM   103  C  CZ  . TYR A 1 16  ? 1.267   -6.193  -9.493  1.00 22.79 ? 16  TYR A CZ  1 
ATOM   104  O  OH  . TYR A 1 16  ? 0.794   -7.423  -9.886  1.00 24.27 ? 16  TYR A OH  1 
ATOM   105  N  N   . ALA A 1 17  ? 2.552   0.785   -8.306  1.00 17.23 ? 17  ALA A N   1 
ATOM   106  C  CA  . ALA A 1 17  ? 2.797   2.017   -7.582  1.00 16.55 ? 17  ALA A CA  1 
ATOM   107  C  C   . ALA A 1 17  ? 2.680   1.649   -6.108  1.00 16.09 ? 17  ALA A C   1 
ATOM   108  O  O   . ALA A 1 17  ? 1.668   1.083   -5.688  1.00 16.87 ? 17  ALA A O   1 
ATOM   109  C  CB  . ALA A 1 17  ? 1.738   3.060   -7.948  1.00 16.24 ? 17  ALA A CB  1 
ATOM   110  N  N   . VAL A 1 18  ? 3.720   1.943   -5.331  1.00 15.72 ? 18  VAL A N   1 
ATOM   111  C  CA  . VAL A 1 18  ? 3.713   1.665   -3.899  1.00 13.73 ? 18  VAL A CA  1 
ATOM   112  C  C   . VAL A 1 18  ? 4.063   2.949   -3.146  1.00 14.84 ? 18  VAL A C   1 
ATOM   113  O  O   . VAL A 1 18  ? 4.453   3.947   -3.753  1.00 15.26 ? 18  VAL A O   1 
ATOM   114  C  CB  . VAL A 1 18  ? 4.740   0.548   -3.522  1.00 14.36 ? 18  VAL A CB  1 
ATOM   115  C  CG1 . VAL A 1 18  ? 4.344   -0.766  -4.180  1.00 13.08 ? 18  VAL A CG1 1 
ATOM   116  C  CG2 . VAL A 1 18  ? 6.144   0.946   -3.964  1.00 15.12 ? 18  VAL A CG2 1 
ATOM   117  N  N   . ASN A 1 19  ? 3.922   2.920   -1.825  1.00 15.23 ? 19  ASN A N   1 
ATOM   118  C  CA  . ASN A 1 19  ? 4.211   4.080   -0.987  1.00 16.52 ? 19  ASN A CA  1 
ATOM   119  C  C   . ASN A 1 19  ? 3.272   5.240   -1.293  1.00 16.29 ? 19  ASN A C   1 
ATOM   120  O  O   . ASN A 1 19  ? 3.689   6.396   -1.349  1.00 15.91 ? 19  ASN A O   1 
ATOM   121  C  CB  . ASN A 1 19  ? 5.656   4.546   -1.170  1.00 18.20 ? 19  ASN A CB  1 
ATOM   122  C  CG  . ASN A 1 19  ? 6.129   5.417   -0.024  1.00 21.81 ? 19  ASN A CG  1 
ATOM   123  O  OD1 . ASN A 1 19  ? 6.410   4.925   1.065   1.00 24.35 ? 19  ASN A OD1 1 
ATOM   124  N  ND2 . ASN A 1 19  ? 6.208   6.721   -0.261  1.00 29.12 ? 19  ASN A ND2 1 
ATOM   125  N  N   . LEU A 1 20  ? 2.001   4.927   -1.505  1.00 15.86 ? 20  LEU A N   1 
ATOM   126  C  CA  . LEU A 1 20  ? 1.002   5.953   -1.771  1.00 16.47 ? 20  LEU A CA  1 
ATOM   127  C  C   . LEU A 1 20  ? 0.433   6.421   -0.437  1.00 16.28 ? 20  LEU A C   1 
ATOM   128  O  O   . LEU A 1 20  ? 0.583   5.744   0.577   1.00 17.03 ? 20  LEU A O   1 
ATOM   129  C  CB  . LEU A 1 20  ? -0.129  5.380   -2.624  1.00 17.23 ? 20  LEU A CB  1 
ATOM   130  C  CG  . LEU A 1 20  ? 0.251   4.935   -4.038  1.00 19.32 ? 20  LEU A CG  1 
ATOM   131  C  CD1 . LEU A 1 20  ? -0.686  3.842   -4.489  1.00 23.36 ? 20  LEU A CD1 1 
ATOM   132  C  CD2 . LEU A 1 20  ? 0.195   6.122   -4.980  1.00 20.46 ? 20  LEU A CD2 1 
ATOM   133  N  N   . LEU A 1 21  ? -0.199  7.587   -0.433  1.00 14.96 ? 21  LEU A N   1 
ATOM   134  C  CA  . LEU A 1 21  ? -0.820  8.103   0.779   1.00 16.44 ? 21  LEU A CA  1 
ATOM   135  C  C   . LEU A 1 21  ? -2.273  7.663   0.715   1.00 17.43 ? 21  LEU A C   1 
ATOM   136  O  O   . LEU A 1 21  ? -3.023  8.142   -0.128  1.00 17.64 ? 21  LEU A O   1 
ATOM   137  C  CB  . LEU A 1 21  ? -0.759  9.629   0.814   1.00 18.71 ? 21  LEU A CB  1 
ATOM   138  C  CG  . LEU A 1 21  ? -1.445  10.321  2.000   1.00 20.07 ? 21  LEU A CG  1 
ATOM   139  C  CD1 . LEU A 1 21  ? -0.789  9.890   3.303   1.00 24.65 ? 21  LEU A CD1 1 
ATOM   140  C  CD2 . LEU A 1 21  ? -1.340  11.830  1.831   1.00 23.31 ? 21  LEU A CD2 1 
ATOM   141  N  N   . TRP A 1 22  ? -2.665  6.756   1.604   1.00 17.91 ? 22  TRP A N   1 
ATOM   142  C  CA  . TRP A 1 22  ? -4.024  6.245   1.619   1.00 18.28 ? 22  TRP A CA  1 
ATOM   143  C  C   . TRP A 1 22  ? -4.891  6.899   2.672   1.00 19.99 ? 22  TRP A C   1 
ATOM   144  O  O   . TRP A 1 22  ? -4.431  7.224   3.763   1.00 21.29 ? 22  TRP A O   1 
ATOM   145  C  CB  . TRP A 1 22  ? -4.029  4.733   1.856   1.00 16.54 ? 22  TRP A CB  1 
ATOM   146  C  CG  . TRP A 1 22  ? -3.417  3.943   0.742   1.00 16.64 ? 22  TRP A CG  1 
ATOM   147  C  CD1 . TRP A 1 22  ? -2.090  3.677   0.552   1.00 16.32 ? 22  TRP A CD1 1 
ATOM   148  C  CD2 . TRP A 1 22  ? -4.109  3.335   -0.348  1.00 17.14 ? 22  TRP A CD2 1 
ATOM   149  N  NE1 . TRP A 1 22  ? -1.913  2.939   -0.592  1.00 13.86 ? 22  TRP A NE1 1 
ATOM   150  C  CE2 . TRP A 1 22  ? -3.139  2.712   -1.163  1.00 16.72 ? 22  TRP A CE2 1 
ATOM   151  C  CE3 . TRP A 1 22  ? -5.460  3.253   -0.715  1.00 16.59 ? 22  TRP A CE3 1 
ATOM   152  C  CZ2 . TRP A 1 22  ? -3.476  2.018   -2.330  1.00 15.31 ? 22  TRP A CZ2 1 
ATOM   153  C  CZ3 . TRP A 1 22  ? -5.795  2.566   -1.873  1.00 17.07 ? 22  TRP A CZ3 1 
ATOM   154  C  CH2 . TRP A 1 22  ? -4.805  1.955   -2.668  1.00 18.51 ? 22  TRP A CH2 1 
ATOM   155  N  N   . GLY A 1 23  ? -6.164  7.064   2.338   1.00 20.39 ? 23  GLY A N   1 
ATOM   156  C  CA  . GLY A 1 23  ? -7.091  7.664   3.270   1.00 21.80 ? 23  GLY A CA  1 
ATOM   157  C  C   . GLY A 1 23  ? -8.528  7.337   2.922   1.00 20.74 ? 23  GLY A C   1 
ATOM   158  O  O   . GLY A 1 23  ? -8.829  6.807   1.851   1.00 19.40 ? 23  GLY A O   1 
ATOM   159  N  N   . SER A 1 24  ? -9.414  7.632   3.861   1.00 22.94 ? 24  SER A N   1 
ATOM   160  C  CA  . SER A 1 24  ? -10.838 7.416   3.674   1.00 23.00 ? 24  SER A CA  1 
ATOM   161  C  C   . SER A 1 24  ? -11.526 8.547   4.419   1.00 24.29 ? 24  SER A C   1 
ATOM   162  O  O   . SER A 1 24  ? -10.959 9.128   5.346   1.00 25.42 ? 24  SER A O   1 
ATOM   163  C  CB  . SER A 1 24  ? -11.267 6.051   4.224   1.00 21.65 ? 24  SER A CB  1 
ATOM   164  O  OG  . SER A 1 24  ? -10.888 5.885   5.579   1.00 22.93 ? 24  SER A OG  1 
ATOM   165  N  N   . SER A 1 25  ? -12.734 8.882   3.999   1.00 25.46 ? 25  SER A N   1 
ATOM   166  C  CA  . SER A 1 25  ? -13.464 9.961   4.645   1.00 26.88 ? 25  SER A CA  1 
ATOM   167  C  C   . SER A 1 25  ? -14.018 9.496   5.976   1.00 28.86 ? 25  SER A C   1 
ATOM   168  O  O   . SER A 1 25  ? -14.160 8.300   6.217   1.00 29.78 ? 25  SER A O   1 
ATOM   169  C  CB  . SER A 1 25  ? -14.619 10.417  3.768   1.00 24.64 ? 25  SER A CB  1 
ATOM   170  O  OG  . SER A 1 25  ? -15.595 9.403   3.692   1.00 23.87 ? 25  SER A OG  1 
ATOM   171  N  N   . GLN A 1 26  ? -14.326 10.459  6.836   1.00 30.91 ? 26  GLN A N   1 
ATOM   172  C  CA  . GLN A 1 26  ? -14.890 10.184  8.147   1.00 33.62 ? 26  GLN A CA  1 
ATOM   173  C  C   . GLN A 1 26  ? -16.070 11.114  8.378   1.00 32.62 ? 26  GLN A C   1 
ATOM   174  O  O   . GLN A 1 26  ? -16.218 12.123  7.692   1.00 31.41 ? 26  GLN A O   1 
ATOM   175  C  CB  . GLN A 1 26  ? -13.861 10.438  9.252   1.00 37.05 ? 26  GLN A CB  1 
ATOM   176  C  CG  . GLN A 1 26  ? -12.646 9.535   9.228   1.00 42.46 ? 26  GLN A CG  1 
ATOM   177  C  CD  . GLN A 1 26  ? -11.820 9.668   10.493  1.00 45.63 ? 26  GLN A CD  1 
ATOM   178  O  OE1 . GLN A 1 26  ? -11.383 10.763  10.850  1.00 49.05 ? 26  GLN A OE1 1 
ATOM   179  N  NE2 . GLN A 1 26  ? -11.603 8.551   11.178  1.00 48.22 ? 26  GLN A NE2 1 
ATOM   180  N  N   . ASP A 1 27  ? -16.900 10.771  9.354   1.00 34.15 ? 27  ASP A N   1 
ATOM   181  C  CA  . ASP A 1 27  ? -18.049 11.593  9.702   1.00 35.15 ? 27  ASP A CA  1 
ATOM   182  C  C   . ASP A 1 27  ? -18.952 11.818  8.494   1.00 33.40 ? 27  ASP A C   1 
ATOM   183  O  O   . ASP A 1 27  ? -19.288 10.877  7.779   1.00 32.37 ? 27  ASP A O   1 
ATOM   184  C  CB  . ASP A 1 27  ? -17.567 12.937  10.258  1.00 38.28 ? 27  ASP A CB  1 
ATOM   185  C  CG  . ASP A 1 27  ? -18.655 13.694  10.998  1.00 41.96 ? 27  ASP A CG  1 
ATOM   186  O  OD1 . ASP A 1 27  ? -19.216 13.137  11.969  1.00 43.13 ? 27  ASP A OD1 1 
ATOM   187  O  OD2 . ASP A 1 27  ? -18.943 14.848  10.613  1.00 43.71 ? 27  ASP A OD2 1 
ATOM   188  N  N   . THR A 1 28  ? -19.331 13.069  8.265   1.00 32.87 ? 28  THR A N   1 
ATOM   189  C  CA  . THR A 1 28  ? -20.215 13.409  7.156   1.00 32.64 ? 28  THR A CA  1 
ATOM   190  C  C   . THR A 1 28  ? -19.439 13.754  5.897   1.00 31.94 ? 28  THR A C   1 
ATOM   191  O  O   . THR A 1 28  ? -20.009 14.230  4.911   1.00 32.67 ? 28  THR A O   1 
ATOM   192  C  CB  . THR A 1 28  ? -21.098 14.612  7.501   1.00 32.93 ? 28  THR A CB  1 
ATOM   193  O  OG1 . THR A 1 28  ? -20.266 15.753  7.743   1.00 34.56 ? 28  THR A OG1 1 
ATOM   194  C  CG2 . THR A 1 28  ? -21.942 14.316  8.739   1.00 33.07 ? 28  THR A CG2 1 
ATOM   195  N  N   . GLU A 1 29  ? -18.134 13.524  5.930   1.00 29.05 ? 29  GLU A N   1 
ATOM   196  C  CA  . GLU A 1 29  ? -17.297 13.821  4.780   1.00 28.07 ? 29  GLU A CA  1 
ATOM   197  C  C   . GLU A 1 29  ? -17.442 12.704  3.752   1.00 25.82 ? 29  GLU A C   1 
ATOM   198  O  O   . GLU A 1 29  ? -17.442 11.524  4.102   1.00 24.89 ? 29  GLU A O   1 
ATOM   199  C  CB  . GLU A 1 29  ? -15.831 13.936  5.214   1.00 29.55 ? 29  GLU A CB  1 
ATOM   200  C  CG  . GLU A 1 29  ? -14.921 14.647  4.220   1.00 29.82 ? 29  GLU A CG  1 
ATOM   201  C  CD  . GLU A 1 29  ? -13.450 14.567  4.606   1.00 31.08 ? 29  GLU A CD  1 
ATOM   202  O  OE1 . GLU A 1 29  ? -12.637 15.288  3.991   1.00 34.43 ? 29  GLU A OE1 1 
ATOM   203  O  OE2 . GLU A 1 29  ? -13.104 13.776  5.512   1.00 30.12 ? 29  GLU A OE2 1 
ATOM   204  N  N   . THR A 1 30  ? -17.581 13.080  2.488   1.00 23.96 ? 30  THR A N   1 
ATOM   205  C  CA  . THR A 1 30  ? -17.694 12.099  1.422   1.00 21.13 ? 30  THR A CA  1 
ATOM   206  C  C   . THR A 1 30  ? -16.278 11.719  0.997   1.00 20.86 ? 30  THR A C   1 
ATOM   207  O  O   . THR A 1 30  ? -15.313 12.424  1.308   1.00 17.11 ? 30  THR A O   1 
ATOM   208  C  CB  . THR A 1 30  ? -18.422 12.668  0.191   1.00 21.67 ? 30  THR A CB  1 
ATOM   209  O  OG1 . THR A 1 30  ? -17.653 13.742  -0.360  1.00 20.88 ? 30  THR A OG1 1 
ATOM   210  C  CG2 . THR A 1 30  ? -19.807 13.168  0.572   1.00 21.71 ? 30  THR A CG2 1 
ATOM   211  N  N   . THR A 1 31  ? -16.164 10.603  0.291   1.00 19.35 ? 31  THR A N   1 
ATOM   212  C  CA  . THR A 1 31  ? -14.876 10.135  -0.197  1.00 19.12 ? 31  THR A CA  1 
ATOM   213  C  C   . THR A 1 31  ? -14.311 11.176  -1.153  1.00 20.53 ? 31  THR A C   1 
ATOM   214  O  O   . THR A 1 31  ? -13.114 11.482  -1.119  1.00 19.46 ? 31  THR A O   1 
ATOM   215  C  CB  . THR A 1 31  ? -15.042 8.788   -0.928  1.00 19.30 ? 31  THR A CB  1 
ATOM   216  O  OG1 . THR A 1 31  ? -15.403 7.790   0.027   1.00 17.59 ? 31  THR A OG1 1 
ATOM   217  C  CG2 . THR A 1 31  ? -13.758 8.377   -1.632  1.00 20.58 ? 31  THR A CG2 1 
ATOM   218  N  N   . ASN A 1 32  ? -15.179 11.737  -1.993  1.00 18.86 ? 32  ASN A N   1 
ATOM   219  C  CA  . ASN A 1 32  ? -14.747 12.736  -2.956  1.00 20.21 ? 32  ASN A CA  1 
ATOM   220  C  C   . ASN A 1 32  ? -14.144 13.960  -2.270  1.00 19.45 ? 32  ASN A C   1 
ATOM   221  O  O   . ASN A 1 32  ? -13.141 14.497  -2.723  1.00 21.16 ? 32  ASN A O   1 
ATOM   222  C  CB  . ASN A 1 32  ? -15.918 13.165  -3.849  1.00 21.10 ? 32  ASN A CB  1 
ATOM   223  C  CG  . ASN A 1 32  ? -15.473 14.039  -5.009  1.00 24.51 ? 32  ASN A CG  1 
ATOM   224  O  OD1 . ASN A 1 32  ? -14.697 13.608  -5.863  1.00 26.28 ? 32  ASN A OD1 1 
ATOM   225  N  ND2 . ASN A 1 32  ? -15.956 15.277  -5.041  1.00 22.71 ? 32  ASN A ND2 1 
ATOM   226  N  N   . GLN A 1 33  ? -14.754 14.400  -1.177  1.00 21.03 ? 33  GLN A N   1 
ATOM   227  C  CA  . GLN A 1 33  ? -14.240 15.561  -0.456  1.00 22.23 ? 33  GLN A CA  1 
ATOM   228  C  C   . GLN A 1 33  ? -12.915 15.250  0.215   1.00 21.95 ? 33  GLN A C   1 
ATOM   229  O  O   . GLN A 1 33  ? -11.971 16.038  0.148   1.00 20.85 ? 33  GLN A O   1 
ATOM   230  C  CB  . GLN A 1 33  ? -15.233 16.013  0.605   1.00 21.91 ? 33  GLN A CB  1 
ATOM   231  C  CG  . GLN A 1 33  ? -16.471 16.660  0.046   1.00 25.71 ? 33  GLN A CG  1 
ATOM   232  C  CD  . GLN A 1 33  ? -17.435 17.040  1.139   1.00 27.34 ? 33  GLN A CD  1 
ATOM   233  O  OE1 . GLN A 1 33  ? -17.931 16.181  1.869   1.00 29.05 ? 33  GLN A OE1 1 
ATOM   234  N  NE2 . GLN A 1 33  ? -17.699 18.332  1.269   1.00 29.78 ? 33  GLN A NE2 1 
ATOM   235  N  N   . ALA A 1 34  ? -12.853 14.098  0.869   1.00 22.06 ? 34  ALA A N   1 
ATOM   236  C  CA  . ALA A 1 34  ? -11.641 13.683  1.555   1.00 21.11 ? 34  ALA A CA  1 
ATOM   237  C  C   . ALA A 1 34  ? -10.485 13.590  0.567   1.00 21.55 ? 34  ALA A C   1 
ATOM   238  O  O   . ALA A 1 34  ? -9.390  14.074  0.840   1.00 23.16 ? 34  ALA A O   1 
ATOM   239  C  CB  . ALA A 1 34  ? -11.864 12.339  2.242   1.00 22.47 ? 34  ALA A CB  1 
ATOM   240  N  N   . LEU A 1 35  ? -10.729 12.972  -0.586  1.00 20.51 ? 35  LEU A N   1 
ATOM   241  C  CA  . LEU A 1 35  ? -9.689  12.830  -1.596  1.00 21.05 ? 35  LEU A CA  1 
ATOM   242  C  C   . LEU A 1 35  ? -9.178  14.176  -2.081  1.00 22.23 ? 35  LEU A C   1 
ATOM   243  O  O   . LEU A 1 35  ? -7.973  14.415  -2.128  1.00 20.51 ? 35  LEU A O   1 
ATOM   244  C  CB  . LEU A 1 35  ? -10.204 12.029  -2.794  1.00 19.52 ? 35  LEU A CB  1 
ATOM   245  C  CG  . LEU A 1 35  ? -9.276  11.989  -4.011  1.00 20.30 ? 35  LEU A CG  1 
ATOM   246  C  CD1 . LEU A 1 35  ? -7.923  11.418  -3.615  1.00 20.26 ? 35  LEU A CD1 1 
ATOM   247  C  CD2 . LEU A 1 35  ? -9.912  11.147  -5.111  1.00 23.43 ? 35  LEU A CD2 1 
ATOM   248  N  N   . ASN A 1 36  ? -10.100 15.056  -2.452  1.00 21.71 ? 36  ASN A N   1 
ATOM   249  C  CA  . ASN A 1 36  ? -9.706  16.363  -2.942  1.00 22.61 ? 36  ASN A CA  1 
ATOM   250  C  C   . ASN A 1 36  ? -8.958  17.185  -1.910  1.00 23.37 ? 36  ASN A C   1 
ATOM   251  O  O   . ASN A 1 36  ? -8.086  17.979  -2.264  1.00 24.01 ? 36  ASN A O   1 
ATOM   252  C  CB  . ASN A 1 36  ? -10.933 17.114  -3.453  1.00 23.25 ? 36  ASN A CB  1 
ATOM   253  C  CG  . ASN A 1 36  ? -11.276 16.734  -4.871  1.00 25.04 ? 36  ASN A CG  1 
ATOM   254  O  OD1 . ASN A 1 36  ? -10.552 17.079  -5.807  1.00 25.47 ? 36  ASN A OD1 1 
ATOM   255  N  ND2 . ASN A 1 36  ? -12.372 16.012  -5.044  1.00 27.60 ? 36  ASN A ND2 1 
ATOM   256  N  N   . LYS A 1 37  ? -9.292  16.991  -0.637  1.00 24.06 ? 37  LYS A N   1 
ATOM   257  C  CA  . LYS A 1 37  ? -8.618  17.711  0.436   1.00 25.87 ? 37  LYS A CA  1 
ATOM   258  C  C   . LYS A 1 37  ? -7.198  17.176  0.552   1.00 25.92 ? 37  LYS A C   1 
ATOM   259  O  O   . LYS A 1 37  ? -6.258  17.925  0.817   1.00 24.90 ? 37  LYS A O   1 
ATOM   260  C  CB  . LYS A 1 37  ? -9.359  17.525  1.764   1.00 28.77 ? 37  LYS A CB  1 
ATOM   261  C  CG  . LYS A 1 37  ? -10.653 18.331  1.857   1.00 33.78 ? 37  LYS A CG  1 
ATOM   262  C  CD  . LYS A 1 37  ? -11.491 17.956  3.078   1.00 36.63 ? 37  LYS A CD  1 
ATOM   263  C  CE  . LYS A 1 37  ? -10.759 18.219  4.386   1.00 39.05 ? 37  LYS A CE  1 
ATOM   264  N  NZ  . LYS A 1 37  ? -11.614 17.899  5.563   1.00 39.90 ? 37  LYS A NZ  1 
ATOM   265  N  N   . SER A 1 38  ? -7.048  15.874  0.340   1.00 22.58 ? 38  SER A N   1 
ATOM   266  C  CA  . SER A 1 38  ? -5.738  15.243  0.414   1.00 22.76 ? 38  SER A CA  1 
ATOM   267  C  C   . SER A 1 38  ? -4.877  15.681  -0.769  1.00 22.42 ? 38  SER A C   1 
ATOM   268  O  O   . SER A 1 38  ? -3.695  15.994  -0.608  1.00 23.09 ? 38  SER A O   1 
ATOM   269  C  CB  . SER A 1 38  ? -5.890  13.719  0.422   1.00 23.39 ? 38  SER A CB  1 
ATOM   270  O  OG  . SER A 1 38  ? -4.631  13.084  0.534   1.00 22.22 ? 38  SER A OG  1 
ATOM   271  N  N   . LEU A 1 39  ? -5.470  15.706  -1.959  1.00 21.14 ? 39  LEU A N   1 
ATOM   272  C  CA  . LEU A 1 39  ? -4.748  16.124  -3.161  1.00 22.11 ? 39  LEU A CA  1 
ATOM   273  C  C   . LEU A 1 39  ? -4.262  17.563  -3.002  1.00 23.69 ? 39  LEU A C   1 
ATOM   274  O  O   . LEU A 1 39  ? -3.135  17.895  -3.367  1.00 22.88 ? 39  LEU A O   1 
ATOM   275  C  CB  . LEU A 1 39  ? -5.657  16.029  -4.388  1.00 21.69 ? 39  LEU A CB  1 
ATOM   276  C  CG  . LEU A 1 39  ? -5.984  14.623  -4.899  1.00 19.70 ? 39  LEU A CG  1 
ATOM   277  C  CD1 . LEU A 1 39  ? -7.082  14.704  -5.934  1.00 20.77 ? 39  LEU A CD1 1 
ATOM   278  C  CD2 . LEU A 1 39  ? -4.733  13.987  -5.490  1.00 20.26 ? 39  LEU A CD2 1 
ATOM   279  N  N   . THR A 1 40  ? -5.123  18.414  -2.456  1.00 25.73 ? 40  THR A N   1 
ATOM   280  C  CA  . THR A 1 40  ? -4.775  19.815  -2.250  1.00 27.26 ? 40  THR A CA  1 
ATOM   281  C  C   . THR A 1 40  ? -3.639  19.933  -1.243  1.00 27.79 ? 40  THR A C   1 
ATOM   282  O  O   . THR A 1 40  ? -2.664  20.647  -1.472  1.00 28.76 ? 40  THR A O   1 
ATOM   283  C  CB  . THR A 1 40  ? -5.988  20.614  -1.737  1.00 26.52 ? 40  THR A CB  1 
ATOM   284  O  OG1 . THR A 1 40  ? -7.012  20.602  -2.734  1.00 26.33 ? 40  THR A OG1 1 
ATOM   285  C  CG2 . THR A 1 40  ? -5.593  22.061  -1.439  1.00 28.36 ? 40  THR A CG2 1 
ATOM   286  N  N   . LEU A 1 41  ? -3.775  19.222  -0.130  1.00 28.06 ? 41  LEU A N   1 
ATOM   287  C  CA  . LEU A 1 41  ? -2.767  19.236  0.922   1.00 29.11 ? 41  LEU A CA  1 
ATOM   288  C  C   . LEU A 1 41  ? -1.408  18.743  0.443   1.00 29.43 ? 41  LEU A C   1 
ATOM   289  O  O   . LEU A 1 41  ? -0.376  19.224  0.894   1.00 29.29 ? 41  LEU A O   1 
ATOM   290  C  CB  . LEU A 1 41  ? -3.218  18.367  2.097   1.00 29.93 ? 41  LEU A CB  1 
ATOM   291  C  CG  . LEU A 1 41  ? -2.184  18.164  3.211   1.00 31.86 ? 41  LEU A CG  1 
ATOM   292  C  CD1 . LEU A 1 41  ? -1.937  19.488  3.926   1.00 33.65 ? 41  LEU A CD1 1 
ATOM   293  C  CD2 . LEU A 1 41  ? -2.684  17.121  4.192   1.00 32.29 ? 41  LEU A CD2 1 
HETATM 294  N  N   . MSE A 1 42  ? -1.405  17.784  -0.473  1.00 29.25 ? 42  MSE A N   1 
HETATM 295  C  CA  . MSE A 1 42  ? -0.149  17.232  -0.968  1.00 29.45 ? 42  MSE A CA  1 
HETATM 296  C  C   . MSE A 1 42  ? 0.308   17.837  -2.285  1.00 27.65 ? 42  MSE A C   1 
HETATM 297  O  O   . MSE A 1 42  ? 1.358   17.466  -2.808  1.00 26.45 ? 42  MSE A O   1 
HETATM 298  C  CB  . MSE A 1 42  ? -0.282  15.716  -1.129  1.00 31.63 ? 42  MSE A CB  1 
HETATM 299  C  CG  . MSE A 1 42  ? -0.749  14.997  0.128   1.00 35.18 ? 42  MSE A CG  1 
HETATM 300  SE SE  . MSE A 1 42  ? 0.391   15.281  1.674   1.00 43.82 ? 42  MSE A SE  1 
HETATM 301  C  CE  . MSE A 1 42  ? 1.840   14.132  1.145   1.00 41.05 ? 42  MSE A CE  1 
ATOM   302  N  N   . SER A 1 43  ? -0.478  18.765  -2.820  1.00 27.61 ? 43  SER A N   1 
ATOM   303  C  CA  . SER A 1 43  ? -0.157  19.394  -4.095  1.00 28.15 ? 43  SER A CA  1 
ATOM   304  C  C   . SER A 1 43  ? 0.082   18.296  -5.129  1.00 26.95 ? 43  SER A C   1 
ATOM   305  O  O   . SER A 1 43  ? 1.063   18.321  -5.869  1.00 27.22 ? 43  SER A O   1 
ATOM   306  C  CB  . SER A 1 43  ? 1.090   20.277  -3.962  1.00 30.01 ? 43  SER A CB  1 
ATOM   307  O  OG  . SER A 1 43  ? 0.876   21.310  -3.016  1.00 32.81 ? 43  SER A OG  1 
ATOM   308  N  N   . SER A 1 44  ? -0.828  17.329  -5.165  1.00 25.75 ? 44  SER A N   1 
ATOM   309  C  CA  . SER A 1 44  ? -0.734  16.207  -6.087  1.00 24.29 ? 44  SER A CA  1 
ATOM   310  C  C   . SER A 1 44  ? -1.944  16.136  -7.005  1.00 24.04 ? 44  SER A C   1 
ATOM   311  O  O   . SER A 1 44  ? -3.026  16.612  -6.656  1.00 22.87 ? 44  SER A O   1 
ATOM   312  C  CB  . SER A 1 44  ? -0.625  14.898  -5.303  1.00 24.00 ? 44  SER A CB  1 
ATOM   313  O  OG  . SER A 1 44  ? -0.666  13.783  -6.173  1.00 22.61 ? 44  SER A OG  1 
ATOM   314  N  N   . LYS A 1 45  ? -1.754  15.542  -8.178  1.00 24.30 ? 45  LYS A N   1 
ATOM   315  C  CA  . LYS A 1 45  ? -2.838  15.382  -9.142  1.00 25.48 ? 45  LYS A CA  1 
ATOM   316  C  C   . LYS A 1 45  ? -3.075  13.898  -9.420  1.00 23.43 ? 45  LYS A C   1 
ATOM   317  O  O   . LYS A 1 45  ? -3.941  13.544  -10.212 1.00 24.13 ? 45  LYS A O   1 
ATOM   318  C  CB  . LYS A 1 45  ? -2.500  16.073  -10.465 1.00 28.89 ? 45  LYS A CB  1 
ATOM   319  C  CG  . LYS A 1 45  ? -2.262  17.568  -10.373 1.00 33.55 ? 45  LYS A CG  1 
ATOM   320  C  CD  . LYS A 1 45  ? -2.258  18.197  -11.763 1.00 38.36 ? 45  LYS A CD  1 
ATOM   321  C  CE  . LYS A 1 45  ? -1.130  17.664  -12.640 1.00 40.76 ? 45  LYS A CE  1 
ATOM   322  N  NZ  . LYS A 1 45  ? 0.204   18.125  -12.168 1.00 44.83 ? 45  LYS A NZ  1 
ATOM   323  N  N   . LEU A 1 46  ? -2.295  13.041  -8.768  1.00 21.66 ? 46  LEU A N   1 
ATOM   324  C  CA  . LEU A 1 46  ? -2.396  11.597  -8.963  1.00 20.16 ? 46  LEU A CA  1 
ATOM   325  C  C   . LEU A 1 46  ? -3.234  10.940  -7.877  1.00 19.45 ? 46  LEU A C   1 
ATOM   326  O  O   . LEU A 1 46  ? -2.982  11.124  -6.688  1.00 18.47 ? 46  LEU A O   1 
ATOM   327  C  CB  . LEU A 1 46  ? -0.997  10.981  -8.971  1.00 19.99 ? 46  LEU A CB  1 
ATOM   328  C  CG  . LEU A 1 46  ? -0.078  11.447  -10.105 1.00 22.17 ? 46  LEU A CG  1 
ATOM   329  C  CD1 . LEU A 1 46  ? 1.304   10.834  -9.922  1.00 20.68 ? 46  LEU A CD1 1 
ATOM   330  C  CD2 . LEU A 1 46  ? -0.671  11.039  -11.452 1.00 21.57 ? 46  LEU A CD2 1 
ATOM   331  N  N   . TYR A 1 47  ? -4.225  10.160  -8.288  1.00 18.20 ? 47  TYR A N   1 
ATOM   332  C  CA  . TYR A 1 47  ? -5.089  9.511   -7.318  1.00 19.03 ? 47  TYR A CA  1 
ATOM   333  C  C   . TYR A 1 47  ? -5.759  8.256   -7.860  1.00 19.75 ? 47  TYR A C   1 
ATOM   334  O  O   . TYR A 1 47  ? -5.694  7.948   -9.045  1.00 19.84 ? 47  TYR A O   1 
ATOM   335  C  CB  . TYR A 1 47  ? -6.189  10.470  -6.881  1.00 19.34 ? 47  TYR A CB  1 
ATOM   336  C  CG  . TYR A 1 47  ? -7.181  10.744  -7.987  1.00 22.20 ? 47  TYR A CG  1 
ATOM   337  C  CD1 . TYR A 1 47  ? -6.930  11.717  -8.954  1.00 23.20 ? 47  TYR A CD1 1 
ATOM   338  C  CD2 . TYR A 1 47  ? -8.344  9.986   -8.104  1.00 24.17 ? 47  TYR A CD2 1 
ATOM   339  C  CE1 . TYR A 1 47  ? -7.816  11.927  -10.010 1.00 25.68 ? 47  TYR A CE1 1 
ATOM   340  C  CE2 . TYR A 1 47  ? -9.232  10.184  -9.153  1.00 25.05 ? 47  TYR A CE2 1 
ATOM   341  C  CZ  . TYR A 1 47  ? -8.963  11.152  -10.102 1.00 26.23 ? 47  TYR A CZ  1 
ATOM   342  O  OH  . TYR A 1 47  ? -9.833  11.331  -11.151 1.00 27.10 ? 47  TYR A OH  1 
ATOM   343  N  N   . SER A 1 48  ? -6.421  7.548   -6.961  1.00 20.50 ? 48  SER A N   1 
ATOM   344  C  CA  . SER A 1 48  ? -7.154  6.353   -7.315  1.00 21.65 ? 48  SER A CA  1 
ATOM   345  C  C   . SER A 1 48  ? -8.153  6.119   -6.200  1.00 21.13 ? 48  SER A C   1 
ATOM   346  O  O   . SER A 1 48  ? -7.824  6.250   -5.026  1.00 21.05 ? 48  SER A O   1 
ATOM   347  C  CB  . SER A 1 48  ? -6.219  5.152   -7.434  1.00 21.84 ? 48  SER A CB  1 
ATOM   348  O  OG  . SER A 1 48  ? -6.963  3.991   -7.745  1.00 24.30 ? 48  SER A OG  1 
ATOM   349  N  N   . VAL A 1 49  ? -9.386  5.814   -6.570  1.00 20.59 ? 49  VAL A N   1 
ATOM   350  C  CA  . VAL A 1 49  ? -10.405 5.540   -5.580  1.00 19.42 ? 49  VAL A CA  1 
ATOM   351  C  C   . VAL A 1 49  ? -10.702 4.060   -5.700  1.00 19.28 ? 49  VAL A C   1 
ATOM   352  O  O   . VAL A 1 49  ? -10.900 3.555   -6.799  1.00 20.01 ? 49  VAL A O   1 
ATOM   353  C  CB  . VAL A 1 49  ? -11.699 6.340   -5.851  1.00 21.16 ? 49  VAL A CB  1 
ATOM   354  C  CG1 . VAL A 1 49  ? -12.771 5.950   -4.841  1.00 20.44 ? 49  VAL A CG1 1 
ATOM   355  C  CG2 . VAL A 1 49  ? -11.414 7.830   -5.755  1.00 21.02 ? 49  VAL A CG2 1 
ATOM   356  N  N   . ILE A 1 50  ? -10.691 3.353   -4.580  1.00 21.11 ? 50  ILE A N   1 
ATOM   357  C  CA  . ILE A 1 50  ? -10.989 1.934   -4.627  1.00 24.22 ? 50  ILE A CA  1 
ATOM   358  C  C   . ILE A 1 50  ? -12.155 1.645   -3.701  1.00 23.57 ? 50  ILE A C   1 
ATOM   359  O  O   . ILE A 1 50  ? -12.273 2.227   -2.622  1.00 23.97 ? 50  ILE A O   1 
ATOM   360  C  CB  . ILE A 1 50  ? -9.769  1.075   -4.236  1.00 24.85 ? 50  ILE A CB  1 
ATOM   361  C  CG1 . ILE A 1 50  ? -9.463  1.226   -2.754  1.00 27.34 ? 50  ILE A CG1 1 
ATOM   362  C  CG2 . ILE A 1 50  ? -8.562  1.499   -5.054  1.00 24.69 ? 50  ILE A CG2 1 
ATOM   363  C  CD1 . ILE A 1 50  ? -8.387  0.274   -2.263  1.00 32.88 ? 50  ILE A CD1 1 
ATOM   364  N  N   . GLY A 1 51  ? -13.033 0.759   -4.146  1.00 26.24 ? 51  GLY A N   1 
ATOM   365  C  CA  . GLY A 1 51  ? -14.191 0.425   -3.350  1.00 28.23 ? 51  GLY A CA  1 
ATOM   366  C  C   . GLY A 1 51  ? -14.053 -0.931  -2.700  1.00 30.02 ? 51  GLY A C   1 
ATOM   367  O  O   . GLY A 1 51  ? -13.529 -1.877  -3.298  1.00 30.16 ? 51  GLY A O   1 
ATOM   368  N  N   . ARG A 1 52  ? -14.518 -1.013  -1.462  1.00 30.00 ? 52  ARG A N   1 
ATOM   369  C  CA  . ARG A 1 52  ? -14.490 -2.246  -0.698  1.00 29.90 ? 52  ARG A CA  1 
ATOM   370  C  C   . ARG A 1 52  ? -15.876 -2.396  -0.083  1.00 31.36 ? 52  ARG A C   1 
ATOM   371  O  O   . ARG A 1 52  ? -16.680 -1.461  -0.121  1.00 31.00 ? 52  ARG A O   1 
ATOM   372  C  CB  . ARG A 1 52  ? -13.408 -2.175  0.383   1.00 29.34 ? 52  ARG A CB  1 
ATOM   373  C  CG  . ARG A 1 52  ? -11.975 -2.217  -0.176  1.00 27.54 ? 52  ARG A CG  1 
ATOM   374  C  CD  . ARG A 1 52  ? -11.644 -3.597  -0.731  1.00 26.68 ? 52  ARG A CD  1 
ATOM   375  N  NE  . ARG A 1 52  ? -10.282 -3.710  -1.256  1.00 26.54 ? 52  ARG A NE  1 
ATOM   376  C  CZ  . ARG A 1 52  ? -9.921  -3.454  -2.510  1.00 24.79 ? 52  ARG A CZ  1 
ATOM   377  N  NH1 . ARG A 1 52  ? -10.818 -3.058  -3.407  1.00 24.55 ? 52  ARG A NH1 1 
ATOM   378  N  NH2 . ARG A 1 52  ? -8.654  -3.619  -2.876  1.00 24.19 ? 52  ARG A NH2 1 
ATOM   379  N  N   . PHE A 1 53  ? -16.165 -3.569  0.467   1.00 32.28 ? 53  PHE A N   1 
ATOM   380  C  CA  . PHE A 1 53  ? -17.473 -3.813  1.066   1.00 33.64 ? 53  PHE A CA  1 
ATOM   381  C  C   . PHE A 1 53  ? -17.823 -2.814  2.167   1.00 33.65 ? 53  PHE A C   1 
ATOM   382  O  O   . PHE A 1 53  ? -18.904 -2.223  2.161   1.00 33.36 ? 53  PHE A O   1 
ATOM   383  C  CB  . PHE A 1 53  ? -17.538 -5.231  1.634   1.00 34.75 ? 53  PHE A CB  1 
ATOM   384  C  CG  . PHE A 1 53  ? -18.861 -5.568  2.266   1.00 35.80 ? 53  PHE A CG  1 
ATOM   385  C  CD1 . PHE A 1 53  ? -20.022 -5.597  1.504   1.00 36.37 ? 53  PHE A CD1 1 
ATOM   386  C  CD2 . PHE A 1 53  ? -18.943 -5.854  3.626   1.00 36.80 ? 53  PHE A CD2 1 
ATOM   387  C  CE1 . PHE A 1 53  ? -21.253 -5.909  2.084   1.00 35.00 ? 53  PHE A CE1 1 
ATOM   388  C  CE2 . PHE A 1 53  ? -20.170 -6.168  4.218   1.00 37.28 ? 53  PHE A CE2 1 
ATOM   389  C  CZ  . PHE A 1 53  ? -21.326 -6.195  3.441   1.00 36.22 ? 53  PHE A CZ  1 
ATOM   390  N  N   . GLN A 1 54  ? -16.904 -2.626  3.110   1.00 33.79 ? 54  GLN A N   1 
ATOM   391  C  CA  . GLN A 1 54  ? -17.129 -1.714  4.229   1.00 34.74 ? 54  GLN A CA  1 
ATOM   392  C  C   . GLN A 1 54  ? -17.049 -0.236  3.848   1.00 33.50 ? 54  GLN A C   1 
ATOM   393  O  O   . GLN A 1 54  ? -17.181 0.636   4.708   1.00 33.15 ? 54  GLN A O   1 
ATOM   394  C  CB  . GLN A 1 54  ? -16.125 -2.008  5.352   1.00 36.05 ? 54  GLN A CB  1 
ATOM   395  C  CG  . GLN A 1 54  ? -16.214 -3.423  5.912   1.00 38.50 ? 54  GLN A CG  1 
ATOM   396  C  CD  . GLN A 1 54  ? -17.500 -3.679  6.676   1.00 41.30 ? 54  GLN A CD  1 
ATOM   397  O  OE1 . GLN A 1 54  ? -17.802 -4.816  7.041   1.00 43.98 ? 54  GLN A OE1 1 
ATOM   398  N  NE2 . GLN A 1 54  ? -18.262 -2.619  6.928   1.00 42.06 ? 54  GLN A NE2 1 
ATOM   399  N  N   . GLY A 1 55  ? -16.838 0.045   2.566   1.00 32.15 ? 55  GLY A N   1 
ATOM   400  C  CA  . GLY A 1 55  ? -16.754 1.428   2.138   1.00 30.24 ? 55  GLY A CA  1 
ATOM   401  C  C   . GLY A 1 55  ? -15.614 1.711   1.181   1.00 29.24 ? 55  GLY A C   1 
ATOM   402  O  O   . GLY A 1 55  ? -14.887 0.810   0.760   1.00 27.79 ? 55  GLY A O   1 
ATOM   403  N  N   . GLU A 1 56  ? -15.444 2.981   0.844   1.00 26.67 ? 56  GLU A N   1 
ATOM   404  C  CA  . GLU A 1 56  ? -14.400 3.368   -0.083  1.00 25.58 ? 56  GLU A CA  1 
ATOM   405  C  C   . GLU A 1 56  ? -13.202 4.040   0.561   1.00 21.88 ? 56  GLU A C   1 
ATOM   406  O  O   . GLU A 1 56  ? -13.238 4.437   1.722   1.00 21.42 ? 56  GLU A O   1 
ATOM   407  C  CB  . GLU A 1 56  ? -14.984 4.282   -1.154  1.00 29.11 ? 56  GLU A CB  1 
ATOM   408  C  CG  . GLU A 1 56  ? -16.010 3.587   -2.016  1.00 33.74 ? 56  GLU A CG  1 
ATOM   409  C  CD  . GLU A 1 56  ? -16.497 4.467   -3.132  1.00 37.01 ? 56  GLU A CD  1 
ATOM   410  O  OE1 . GLU A 1 56  ? -17.490 5.200   -2.923  1.00 39.63 ? 56  GLU A OE1 1 
ATOM   411  O  OE2 . GLU A 1 56  ? -15.871 4.433   -4.212  1.00 37.56 ? 56  GLU A OE2 1 
ATOM   412  N  N   . GLN A 1 57  ? -12.135 4.148   -0.221  1.00 20.17 ? 57  GLN A N   1 
ATOM   413  C  CA  . GLN A 1 57  ? -10.910 4.782   0.222   1.00 19.01 ? 57  GLN A CA  1 
ATOM   414  C  C   . GLN A 1 57  ? -10.161 5.249   -1.018  1.00 17.07 ? 57  GLN A C   1 
ATOM   415  O  O   . GLN A 1 57  ? -10.524 4.915   -2.148  1.00 16.04 ? 57  GLN A O   1 
ATOM   416  C  CB  . GLN A 1 57  ? -10.061 3.807   1.044   1.00 19.00 ? 57  GLN A CB  1 
ATOM   417  C  CG  . GLN A 1 57  ? -9.488  2.638   0.265   1.00 19.69 ? 57  GLN A CG  1 
ATOM   418  C  CD  . GLN A 1 57  ? -8.860  1.600   1.175   1.00 17.78 ? 57  GLN A CD  1 
ATOM   419  O  OE1 . GLN A 1 57  ? -8.000  1.916   1.992   1.00 17.64 ? 57  GLN A OE1 1 
ATOM   420  N  NE2 . GLN A 1 57  ? -9.295  0.353   1.038   1.00 19.73 ? 57  GLN A NE2 1 
ATOM   421  N  N   . PHE A 1 58  ? -9.111  6.026   -0.812  1.00 16.80 ? 58  PHE A N   1 
ATOM   422  C  CA  . PHE A 1 58  ? -8.367  6.552   -1.940  1.00 17.63 ? 58  PHE A CA  1 
ATOM   423  C  C   . PHE A 1 58  ? -6.870  6.588   -1.686  1.00 16.75 ? 58  PHE A C   1 
ATOM   424  O  O   . PHE A 1 58  ? -6.414  6.538   -0.545  1.00 16.70 ? 58  PHE A O   1 
ATOM   425  C  CB  . PHE A 1 58  ? -8.867  7.961   -2.236  1.00 17.65 ? 58  PHE A CB  1 
ATOM   426  C  CG  . PHE A 1 58  ? -8.917  8.837   -1.020  1.00 18.95 ? 58  PHE A CG  1 
ATOM   427  C  CD1 . PHE A 1 58  ? -7.765  9.452   -0.540  1.00 20.04 ? 58  PHE A CD1 1 
ATOM   428  C  CD2 . PHE A 1 58  ? -10.111 9.005   -0.321  1.00 20.11 ? 58  PHE A CD2 1 
ATOM   429  C  CE1 . PHE A 1 58  ? -7.802  10.224  0.624   1.00 21.37 ? 58  PHE A CE1 1 
ATOM   430  C  CE2 . PHE A 1 58  ? -10.161 9.771   0.840   1.00 21.11 ? 58  PHE A CE2 1 
ATOM   431  C  CZ  . PHE A 1 58  ? -9.003  10.383  1.314   1.00 22.29 ? 58  PHE A CZ  1 
ATOM   432  N  N   . ALA A 1 59  ? -6.116  6.669   -2.772  1.00 17.58 ? 59  ALA A N   1 
ATOM   433  C  CA  . ALA A 1 59  ? -4.668  6.743   -2.696  1.00 17.72 ? 59  ALA A CA  1 
ATOM   434  C  C   . ALA A 1 59  ? -4.228  8.007   -3.426  1.00 16.75 ? 59  ALA A C   1 
ATOM   435  O  O   . ALA A 1 59  ? -4.785  8.356   -4.465  1.00 16.70 ? 59  ALA A O   1 
ATOM   436  C  CB  . ALA A 1 59  ? -4.044  5.514   -3.350  1.00 16.07 ? 59  ALA A CB  1 
ATOM   437  N  N   . VAL A 1 60  ? -3.246  8.704   -2.870  1.00 16.91 ? 60  VAL A N   1 
ATOM   438  C  CA  . VAL A 1 60  ? -2.721  9.907   -3.508  1.00 17.45 ? 60  VAL A CA  1 
ATOM   439  C  C   . VAL A 1 60  ? -1.260  9.630   -3.846  1.00 18.29 ? 60  VAL A C   1 
ATOM   440  O  O   . VAL A 1 60  ? -0.488  9.219   -2.981  1.00 18.68 ? 60  VAL A O   1 
ATOM   441  C  CB  . VAL A 1 60  ? -2.834  11.139  -2.577  1.00 16.12 ? 60  VAL A CB  1 
ATOM   442  C  CG1 . VAL A 1 60  ? -2.047  12.312  -3.152  1.00 15.23 ? 60  VAL A CG1 1 
ATOM   443  C  CG2 . VAL A 1 60  ? -4.302  11.540  -2.447  1.00 16.44 ? 60  VAL A CG2 1 
ATOM   444  N  N   . GLY A 1 61  ? -0.893  9.839   -5.109  1.00 18.26 ? 61  GLY A N   1 
ATOM   445  C  CA  . GLY A 1 61  ? 0.470   9.582   -5.540  1.00 18.99 ? 61  GLY A CA  1 
ATOM   446  C  C   . GLY A 1 61  ? 1.435   10.742  -5.378  1.00 20.05 ? 61  GLY A C   1 
ATOM   447  O  O   . GLY A 1 61  ? 1.030   11.889  -5.180  1.00 21.76 ? 61  GLY A O   1 
ATOM   448  N  N   . ASP A 1 62  ? 2.722   10.430  -5.458  1.00 19.10 ? 62  ASP A N   1 
ATOM   449  C  CA  . ASP A 1 62  ? 3.776   11.431  -5.333  1.00 20.01 ? 62  ASP A CA  1 
ATOM   450  C  C   . ASP A 1 62  ? 4.706   11.315  -6.531  1.00 19.22 ? 62  ASP A C   1 
ATOM   451  O  O   . ASP A 1 62  ? 5.520   10.398  -6.599  1.00 19.09 ? 62  ASP A O   1 
ATOM   452  C  CB  . ASP A 1 62  ? 4.581   11.206  -4.057  1.00 20.97 ? 62  ASP A CB  1 
ATOM   453  C  CG  . ASP A 1 62  ? 5.685   12.239  -3.871  1.00 23.15 ? 62  ASP A CG  1 
ATOM   454  O  OD1 . ASP A 1 62  ? 5.879   13.089  -4.771  1.00 21.87 ? 62  ASP A OD1 1 
ATOM   455  O  OD2 . ASP A 1 62  ? 6.356   12.197  -2.823  1.00 23.39 ? 62  ASP A OD2 1 
ATOM   456  N  N   . LYS A 1 63  ? 4.584   12.239  -7.474  1.00 19.82 ? 63  LYS A N   1 
ATOM   457  C  CA  . LYS A 1 63  ? 5.427   12.213  -8.663  1.00 21.39 ? 63  LYS A CA  1 
ATOM   458  C  C   . LYS A 1 63  ? 6.919   12.275  -8.348  1.00 21.55 ? 63  LYS A C   1 
ATOM   459  O  O   . LYS A 1 63  ? 7.738   11.864  -9.164  1.00 21.58 ? 63  LYS A O   1 
ATOM   460  C  CB  . LYS A 1 63  ? 5.069   13.371  -9.596  1.00 25.35 ? 63  LYS A CB  1 
ATOM   461  C  CG  . LYS A 1 63  ? 3.681   13.272  -10.206 1.00 30.04 ? 63  LYS A CG  1 
ATOM   462  C  CD  . LYS A 1 63  ? 3.450   14.391  -11.207 1.00 36.06 ? 63  LYS A CD  1 
ATOM   463  C  CE  . LYS A 1 63  ? 2.068   14.315  -11.829 1.00 36.12 ? 63  LYS A CE  1 
ATOM   464  N  NZ  . LYS A 1 63  ? 1.913   15.368  -12.874 1.00 42.55 ? 63  LYS A NZ  1 
ATOM   465  N  N   . ASN A 1 64  ? 7.277   12.793  -7.179  1.00 21.06 ? 64  ASN A N   1 
ATOM   466  C  CA  . ASN A 1 64  ? 8.688   12.899  -6.830  1.00 22.70 ? 64  ASN A CA  1 
ATOM   467  C  C   . ASN A 1 64  ? 9.365   11.559  -6.592  1.00 22.64 ? 64  ASN A C   1 
ATOM   468  O  O   . ASN A 1 64  ? 10.592  11.471  -6.622  1.00 21.69 ? 64  ASN A O   1 
ATOM   469  C  CB  . ASN A 1 64  ? 8.880   13.802  -5.612  1.00 25.65 ? 64  ASN A CB  1 
ATOM   470  C  CG  . ASN A 1 64  ? 8.608   15.261  -5.926  1.00 28.19 ? 64  ASN A CG  1 
ATOM   471  O  OD1 . ASN A 1 64  ? 8.868   15.725  -7.035  1.00 30.07 ? 64  ASN A OD1 1 
ATOM   472  N  ND2 . ASN A 1 64  ? 8.098   15.993  -4.946  1.00 30.47 ? 64  ASN A ND2 1 
ATOM   473  N  N   . ILE A 1 65  ? 8.576   10.515  -6.350  1.00 21.30 ? 65  ILE A N   1 
ATOM   474  C  CA  . ILE A 1 65  ? 9.155   9.201   -6.143  1.00 19.54 ? 65  ILE A CA  1 
ATOM   475  C  C   . ILE A 1 65  ? 8.800   8.252   -7.290  1.00 19.79 ? 65  ILE A C   1 
ATOM   476  O  O   . ILE A 1 65  ? 8.817   7.035   -7.132  1.00 19.70 ? 65  ILE A O   1 
ATOM   477  C  CB  . ILE A 1 65  ? 8.745   8.587   -4.769  1.00 20.22 ? 65  ILE A CB  1 
ATOM   478  C  CG1 . ILE A 1 65  ? 7.241   8.326   -4.714  1.00 18.18 ? 65  ILE A CG1 1 
ATOM   479  C  CG2 . ILE A 1 65  ? 9.146   9.542   -3.635  1.00 18.72 ? 65  ILE A CG2 1 
ATOM   480  C  CD1 . ILE A 1 65  ? 6.811   7.626   -3.435  1.00 17.22 ? 65  ILE A CD1 1 
ATOM   481  N  N   . GLY A 1 66  ? 8.471   8.827   -8.448  1.00 20.12 ? 66  GLY A N   1 
ATOM   482  C  CA  . GLY A 1 66  ? 8.188   8.021   -9.624  1.00 18.27 ? 66  GLY A CA  1 
ATOM   483  C  C   . GLY A 1 66  ? 6.755   7.707   -10.001 1.00 17.01 ? 66  GLY A C   1 
ATOM   484  O  O   . GLY A 1 66  ? 6.522   7.062   -11.022 1.00 16.34 ? 66  GLY A O   1 
ATOM   485  N  N   . HIS A 1 67  ? 5.794   8.145   -9.198  1.00 17.56 ? 67  HIS A N   1 
ATOM   486  C  CA  . HIS A 1 67  ? 4.392   7.866   -9.510  1.00 18.52 ? 67  HIS A CA  1 
ATOM   487  C  C   . HIS A 1 67  ? 3.959   8.577   -10.782 1.00 19.13 ? 67  HIS A C   1 
ATOM   488  O  O   . HIS A 1 67  ? 4.335   9.715   -11.021 1.00 19.36 ? 67  HIS A O   1 
ATOM   489  C  CB  . HIS A 1 67  ? 3.505   8.274   -8.334  1.00 15.88 ? 67  HIS A CB  1 
ATOM   490  C  CG  . HIS A 1 67  ? 3.676   7.391   -7.136  1.00 15.32 ? 67  HIS A CG  1 
ATOM   491  N  ND1 . HIS A 1 67  ? 3.356   7.796   -5.860  1.00 15.51 ? 67  HIS A ND1 1 
ATOM   492  C  CD2 . HIS A 1 67  ? 4.115   6.116   -7.029  1.00 14.39 ? 67  HIS A CD2 1 
ATOM   493  C  CE1 . HIS A 1 67  ? 3.592   6.807   -5.015  1.00 16.01 ? 67  HIS A CE1 1 
ATOM   494  N  NE2 . HIS A 1 67  ? 4.052   5.775   -5.699  1.00 14.60 ? 67  HIS A NE2 1 
ATOM   495  N  N   . LYS A 1 68  ? 3.171   7.888   -11.601 1.00 19.30 ? 68  LYS A N   1 
ATOM   496  C  CA  . LYS A 1 68  ? 2.695   8.447   -12.860 1.00 22.09 ? 68  LYS A CA  1 
ATOM   497  C  C   . LYS A 1 68  ? 1.325   7.869   -13.186 1.00 21.90 ? 68  LYS A C   1 
ATOM   498  O  O   . LYS A 1 68  ? 0.981   6.775   -12.738 1.00 19.47 ? 68  LYS A O   1 
ATOM   499  C  CB  . LYS A 1 68  ? 3.664   8.106   -14.001 1.00 25.65 ? 68  LYS A CB  1 
ATOM   500  C  CG  . LYS A 1 68  ? 4.972   8.893   -14.000 1.00 30.72 ? 68  LYS A CG  1 
ATOM   501  C  CD  . LYS A 1 68  ? 5.977   8.315   -15.003 1.00 33.44 ? 68  LYS A CD  1 
ATOM   502  C  CE  . LYS A 1 68  ? 5.444   8.304   -16.434 1.00 34.80 ? 68  LYS A CE  1 
ATOM   503  N  NZ  . LYS A 1 68  ? 5.318   9.669   -17.016 1.00 35.19 ? 68  LYS A NZ  1 
ATOM   504  N  N   . ARG A 1 69  ? 0.547   8.616   -13.963 1.00 22.47 ? 69  ARG A N   1 
ATOM   505  C  CA  . ARG A 1 69  ? -0.777  8.172   -14.370 1.00 23.74 ? 69  ARG A CA  1 
ATOM   506  C  C   . ARG A 1 69  ? -0.645  6.802   -15.038 1.00 22.53 ? 69  ARG A C   1 
ATOM   507  O  O   . ARG A 1 69  ? 0.334   6.536   -15.734 1.00 23.20 ? 69  ARG A O   1 
ATOM   508  C  CB  . ARG A 1 69  ? -1.383  9.175   -15.363 1.00 26.66 ? 69  ARG A CB  1 
ATOM   509  C  CG  . ARG A 1 69  ? -2.791  8.830   -15.805 1.00 34.09 ? 69  ARG A CG  1 
ATOM   510  C  CD  . ARG A 1 69  ? -3.279  9.714   -16.953 1.00 40.10 ? 69  ARG A CD  1 
ATOM   511  N  NE  . ARG A 1 69  ? -4.566  9.242   -17.474 1.00 46.65 ? 69  ARG A NE  1 
ATOM   512  C  CZ  . ARG A 1 69  ? -5.731  9.359   -16.840 1.00 47.27 ? 69  ARG A CZ  1 
ATOM   513  N  NH1 . ARG A 1 69  ? -5.795  9.941   -15.651 1.00 48.45 ? 69  ARG A NH1 1 
ATOM   514  N  NH2 . ARG A 1 69  ? -6.837  8.879   -17.390 1.00 49.29 ? 69  ARG A NH2 1 
ATOM   515  N  N   . GLY A 1 70  ? -1.620  5.928   -14.811 1.00 23.00 ? 70  GLY A N   1 
ATOM   516  C  CA  . GLY A 1 70  ? -1.591  4.615   -15.430 1.00 21.75 ? 70  GLY A CA  1 
ATOM   517  C  C   . GLY A 1 70  ? -0.967  3.482   -14.636 1.00 21.26 ? 70  GLY A C   1 
ATOM   518  O  O   . GLY A 1 70  ? -1.127  2.319   -15.001 1.00 19.52 ? 70  GLY A O   1 
ATOM   519  N  N   . GLN A 1 71  ? -0.250  3.791   -13.561 1.00 19.30 ? 71  GLN A N   1 
ATOM   520  C  CA  . GLN A 1 71  ? 0.362   2.724   -12.772 1.00 19.50 ? 71  GLN A CA  1 
ATOM   521  C  C   . GLN A 1 71  ? -0.681  2.078   -11.881 1.00 17.86 ? 71  GLN A C   1 
ATOM   522  O  O   . GLN A 1 71  ? -1.508  2.766   -11.280 1.00 17.98 ? 71  GLN A O   1 
ATOM   523  C  CB  . GLN A 1 71  ? 1.493   3.263   -11.889 1.00 17.31 ? 71  GLN A CB  1 
ATOM   524  C  CG  . GLN A 1 71  ? 2.658   3.847   -12.651 1.00 18.10 ? 71  GLN A CG  1 
ATOM   525  C  CD  . GLN A 1 71  ? 3.614   4.590   -11.744 1.00 18.53 ? 71  GLN A CD  1 
ATOM   526  O  OE1 . GLN A 1 71  ? 3.241   5.021   -10.654 1.00 17.45 ? 71  GLN A OE1 1 
ATOM   527  N  NE2 . GLN A 1 71  ? 4.849   4.764   -12.198 1.00 17.23 ? 71  GLN A NE2 1 
ATOM   528  N  N   . VAL A 1 72  ? -0.649  0.753   -11.808 1.00 17.47 ? 72  VAL A N   1 
ATOM   529  C  CA  . VAL A 1 72  ? -1.572  0.019   -10.952 1.00 18.28 ? 72  VAL A CA  1 
ATOM   530  C  C   . VAL A 1 72  ? -1.015  0.085   -9.537  1.00 17.86 ? 72  VAL A C   1 
ATOM   531  O  O   . VAL A 1 72  ? 0.164   -0.202  -9.323  1.00 17.32 ? 72  VAL A O   1 
ATOM   532  C  CB  . VAL A 1 72  ? -1.661  -1.469  -11.355 1.00 20.41 ? 72  VAL A CB  1 
ATOM   533  C  CG1 . VAL A 1 72  ? -2.616  -2.206  -10.419 1.00 19.81 ? 72  VAL A CG1 1 
ATOM   534  C  CG2 . VAL A 1 72  ? -2.113  -1.591  -12.808 1.00 22.68 ? 72  VAL A CG2 1 
ATOM   535  N  N   . THR A 1 73  ? -1.846  0.472   -8.575  1.00 17.47 ? 73  THR A N   1 
ATOM   536  C  CA  . THR A 1 73  ? -1.387  0.542   -7.195  1.00 18.22 ? 73  THR A CA  1 
ATOM   537  C  C   . THR A 1 73  ? -1.393  -0.880  -6.639  1.00 19.17 ? 73  THR A C   1 
ATOM   538  O  O   . THR A 1 73  ? -2.359  -1.636  -6.815  1.00 18.65 ? 73  THR A O   1 
ATOM   539  C  CB  . THR A 1 73  ? -2.289  1.448   -6.333  1.00 19.98 ? 73  THR A CB  1 
ATOM   540  O  OG1 . THR A 1 73  ? -3.566  0.828   -6.146  1.00 20.03 ? 73  THR A OG1 1 
ATOM   541  C  CG2 . THR A 1 73  ? -2.481  2.804   -7.019  1.00 19.08 ? 73  THR A CG2 1 
ATOM   542  N  N   . LEU A 1 74  ? -0.297  -1.246  -5.987  1.00 16.89 ? 74  LEU A N   1 
ATOM   543  C  CA  . LEU A 1 74  ? -0.151  -2.580  -5.432  1.00 18.42 ? 74  LEU A CA  1 
ATOM   544  C  C   . LEU A 1 74  ? -1.269  -2.960  -4.470  1.00 19.07 ? 74  LEU A C   1 
ATOM   545  O  O   . LEU A 1 74  ? -1.896  -4.006  -4.625  1.00 18.39 ? 74  LEU A O   1 
ATOM   546  C  CB  . LEU A 1 74  ? 1.195   -2.711  -4.714  1.00 17.29 ? 74  LEU A CB  1 
ATOM   547  C  CG  . LEU A 1 74  ? 1.400   -4.056  -4.011  1.00 17.69 ? 74  LEU A CG  1 
ATOM   548  C  CD1 . LEU A 1 74  ? 1.377   -5.174  -5.046  1.00 18.03 ? 74  LEU A CD1 1 
ATOM   549  C  CD2 . LEU A 1 74  ? 2.711   -4.052  -3.245  1.00 17.01 ? 74  LEU A CD2 1 
ATOM   550  N  N   . LEU A 1 75  ? -1.526  -2.109  -3.483  1.00 18.66 ? 75  LEU A N   1 
ATOM   551  C  CA  . LEU A 1 75  ? -2.551  -2.425  -2.502  1.00 18.23 ? 75  LEU A CA  1 
ATOM   552  C  C   . LEU A 1 75  ? -3.934  -2.671  -3.087  1.00 19.20 ? 75  LEU A C   1 
ATOM   553  O  O   . LEU A 1 75  ? -4.696  -3.468  -2.544  1.00 19.68 ? 75  LEU A O   1 
ATOM   554  C  CB  . LEU A 1 75  ? -2.605  -1.342  -1.419  1.00 17.29 ? 75  LEU A CB  1 
ATOM   555  C  CG  . LEU A 1 75  ? -1.657  -1.574  -0.228  1.00 18.00 ? 75  LEU A CG  1 
ATOM   556  C  CD1 . LEU A 1 75  ? -2.151  -2.774  0.590   1.00 16.46 ? 75  LEU A CD1 1 
ATOM   557  C  CD2 . LEU A 1 75  ? -0.230  -1.826  -0.723  1.00 17.30 ? 75  LEU A CD2 1 
ATOM   558  N  N   . SER A 1 76  ? -4.265  -2.008  -4.189  1.00 19.56 ? 76  SER A N   1 
ATOM   559  C  CA  . SER A 1 76  ? -5.577  -2.217  -4.802  1.00 21.00 ? 76  SER A CA  1 
ATOM   560  C  C   . SER A 1 76  ? -5.630  -3.584  -5.478  1.00 22.57 ? 76  SER A C   1 
ATOM   561  O  O   . SER A 1 76  ? -6.702  -4.177  -5.618  1.00 24.84 ? 76  SER A O   1 
ATOM   562  C  CB  . SER A 1 76  ? -5.872  -1.142  -5.849  1.00 17.17 ? 76  SER A CB  1 
ATOM   563  O  OG  . SER A 1 76  ? -5.084  -1.319  -7.018  1.00 19.47 ? 76  SER A OG  1 
ATOM   564  N  N   . ALA A 1 77  ? -4.464  -4.074  -5.887  1.00 21.52 ? 77  ALA A N   1 
ATOM   565  C  CA  . ALA A 1 77  ? -4.351  -5.355  -6.575  1.00 22.82 ? 77  ALA A CA  1 
ATOM   566  C  C   . ALA A 1 77  ? -4.314  -6.565  -5.652  1.00 22.70 ? 77  ALA A C   1 
ATOM   567  O  O   . ALA A 1 77  ? -4.478  -7.694  -6.113  1.00 23.69 ? 77  ALA A O   1 
ATOM   568  C  CB  . ALA A 1 77  ? -3.111  -5.356  -7.475  1.00 20.56 ? 77  ALA A CB  1 
ATOM   569  N  N   . ILE A 1 78  ? -4.091  -6.340  -4.359  1.00 21.31 ? 78  ILE A N   1 
ATOM   570  C  CA  . ILE A 1 78  ? -4.050  -7.441  -3.404  1.00 20.79 ? 78  ILE A CA  1 
ATOM   571  C  C   . ILE A 1 78  ? -5.471  -7.736  -2.960  1.00 21.68 ? 78  ILE A C   1 
ATOM   572  O  O   . ILE A 1 78  ? -6.159  -6.874  -2.409  1.00 21.04 ? 78  ILE A O   1 
ATOM   573  C  CB  . ILE A 1 78  ? -3.176  -7.102  -2.176  1.00 20.99 ? 78  ILE A CB  1 
ATOM   574  C  CG1 . ILE A 1 78  ? -1.726  -6.890  -2.625  1.00 20.23 ? 78  ILE A CG1 1 
ATOM   575  C  CG2 . ILE A 1 78  ? -3.241  -8.242  -1.152  1.00 21.38 ? 78  ILE A CG2 1 
ATOM   576  C  CD1 . ILE A 1 78  ? -0.759  -6.572  -1.489  1.00 17.05 ? 78  ILE A CD1 1 
ATOM   577  N  N   . ASP A 1 79  ? -5.913  -8.960  -3.218  1.00 20.14 ? 79  ASP A N   1 
ATOM   578  C  CA  . ASP A 1 79  ? -7.264  -9.364  -2.874  1.00 20.34 ? 79  ASP A CA  1 
ATOM   579  C  C   . ASP A 1 79  ? -7.537  -9.239  -1.388  1.00 19.53 ? 79  ASP A C   1 
ATOM   580  O  O   . ASP A 1 79  ? -6.645  -9.427  -0.560  1.00 19.39 ? 79  ASP A O   1 
ATOM   581  C  CB  . ASP A 1 79  ? -7.506  -10.812 -3.325  1.00 20.56 ? 79  ASP A CB  1 
ATOM   582  C  CG  . ASP A 1 79  ? -8.985  -11.173 -3.387  1.00 22.84 ? 79  ASP A CG  1 
ATOM   583  O  OD1 . ASP A 1 79  ? -9.841  -10.265 -3.287  1.00 20.21 ? 79  ASP A OD1 1 
ATOM   584  O  OD2 . ASP A 1 79  ? -9.290  -12.373 -3.554  1.00 25.30 ? 79  ASP A OD2 1 
ATOM   585  N  N   . PHE A 1 80  ? -8.773  -8.883  -1.060  1.00 18.13 ? 80  PHE A N   1 
ATOM   586  C  CA  . PHE A 1 80  ? -9.192  -8.785  0.329   1.00 18.66 ? 80  PHE A CA  1 
ATOM   587  C  C   . PHE A 1 80  ? -10.306 -9.814  0.484   1.00 19.66 ? 80  PHE A C   1 
ATOM   588  O  O   . PHE A 1 80  ? -11.291 -9.767  -0.247  1.00 19.03 ? 80  PHE A O   1 
ATOM   589  C  CB  . PHE A 1 80  ? -9.743  -7.398  0.657   1.00 17.61 ? 80  PHE A CB  1 
ATOM   590  C  CG  . PHE A 1 80  ? -10.236 -7.281  2.067   1.00 19.95 ? 80  PHE A CG  1 
ATOM   591  C  CD1 . PHE A 1 80  ? -9.347  -7.386  3.137   1.00 19.00 ? 80  PHE A CD1 1 
ATOM   592  C  CD2 . PHE A 1 80  ? -11.592 -7.132  2.336   1.00 18.71 ? 80  PHE A CD2 1 
ATOM   593  C  CE1 . PHE A 1 80  ? -9.806  -7.350  4.452   1.00 20.04 ? 80  PHE A CE1 1 
ATOM   594  C  CE2 . PHE A 1 80  ? -12.057 -7.096  3.649   1.00 16.80 ? 80  PHE A CE2 1 
ATOM   595  C  CZ  . PHE A 1 80  ? -11.162 -7.208  4.706   1.00 17.50 ? 80  PHE A CZ  1 
ATOM   596  N  N   . ASP A 1 81  ? -10.152 -10.742 1.423   1.00 21.05 ? 81  ASP A N   1 
ATOM   597  C  CA  . ASP A 1 81  ? -11.162 -11.780 1.620   1.00 21.90 ? 81  ASP A CA  1 
ATOM   598  C  C   . ASP A 1 81  ? -11.867 -11.703 2.962   1.00 22.61 ? 81  ASP A C   1 
ATOM   599  O  O   . ASP A 1 81  ? -12.539 -12.651 3.372   1.00 23.18 ? 81  ASP A O   1 
ATOM   600  C  CB  . ASP A 1 81  ? -10.525 -13.162 1.458   1.00 23.01 ? 81  ASP A CB  1 
ATOM   601  C  CG  . ASP A 1 81  ? -9.552  -13.497 2.576   1.00 26.01 ? 81  ASP A CG  1 
ATOM   602  O  OD1 . ASP A 1 81  ? -8.727  -14.411 2.378   1.00 28.30 ? 81  ASP A OD1 1 
ATOM   603  O  OD2 . ASP A 1 81  ? -9.610  -12.864 3.653   1.00 25.47 ? 81  ASP A OD2 1 
ATOM   604  N  N   . GLY A 1 82  ? -11.716 -10.577 3.652   1.00 22.27 ? 82  GLY A N   1 
ATOM   605  C  CA  . GLY A 1 82  ? -12.354 -10.427 4.946   1.00 21.49 ? 82  GLY A CA  1 
ATOM   606  C  C   . GLY A 1 82  ? -11.369 -10.543 6.094   1.00 22.24 ? 82  GLY A C   1 
ATOM   607  O  O   . GLY A 1 82  ? -11.687 -10.195 7.231   1.00 22.33 ? 82  GLY A O   1 
ATOM   608  N  N   . SER A 1 83  ? -10.170 -11.035 5.807   1.00 22.02 ? 83  SER A N   1 
ATOM   609  C  CA  . SER A 1 83  ? -9.160  -11.164 6.846   1.00 20.89 ? 83  SER A CA  1 
ATOM   610  C  C   . SER A 1 83  ? -8.093  -10.081 6.690   1.00 20.73 ? 83  SER A C   1 
ATOM   611  O  O   . SER A 1 83  ? -7.656  -9.781  5.579   1.00 19.75 ? 83  SER A O   1 
ATOM   612  C  CB  . SER A 1 83  ? -8.526  -12.563 6.803   1.00 21.45 ? 83  SER A CB  1 
ATOM   613  O  OG  . SER A 1 83  ? -7.888  -12.807 5.566   1.00 27.74 ? 83  SER A OG  1 
ATOM   614  N  N   . SER A 1 84  ? -7.698  -9.485  7.810   1.00 19.37 ? 84  SER A N   1 
ATOM   615  C  CA  . SER A 1 84  ? -6.683  -8.435  7.823   1.00 19.35 ? 84  SER A CA  1 
ATOM   616  C  C   . SER A 1 84  ? -5.293  -9.052  7.696   1.00 20.54 ? 84  SER A C   1 
ATOM   617  O  O   . SER A 1 84  ? -5.107  -10.239 7.964   1.00 19.67 ? 84  SER A O   1 
ATOM   618  C  CB  . SER A 1 84  ? -6.778  -7.640  9.128   1.00 18.92 ? 84  SER A CB  1 
ATOM   619  O  OG  . SER A 1 84  ? -6.632  -8.501  10.249  1.00 19.87 ? 84  SER A OG  1 
ATOM   620  N  N   . PHE A 1 85  ? -4.314  -8.247  7.296   1.00 18.56 ? 85  PHE A N   1 
ATOM   621  C  CA  . PHE A 1 85  ? -2.958  -8.757  7.134   1.00 19.35 ? 85  PHE A CA  1 
ATOM   622  C  C   . PHE A 1 85  ? -1.941  -7.634  7.032   1.00 19.11 ? 85  PHE A C   1 
ATOM   623  O  O   . PHE A 1 85  ? -2.274  -6.503  6.679   1.00 17.70 ? 85  PHE A O   1 
ATOM   624  C  CB  . PHE A 1 85  ? -2.876  -9.610  5.866   1.00 22.20 ? 85  PHE A CB  1 
ATOM   625  C  CG  . PHE A 1 85  ? -3.116  -8.829  4.595   1.00 23.85 ? 85  PHE A CG  1 
ATOM   626  C  CD1 . PHE A 1 85  ? -2.067  -8.205  3.933   1.00 27.01 ? 85  PHE A CD1 1 
ATOM   627  C  CD2 . PHE A 1 85  ? -4.400  -8.688  4.086   1.00 27.06 ? 85  PHE A CD2 1 
ATOM   628  C  CE1 . PHE A 1 85  ? -2.289  -7.447  2.782   1.00 26.73 ? 85  PHE A CE1 1 
ATOM   629  C  CE2 . PHE A 1 85  ? -4.639  -7.931  2.931   1.00 30.10 ? 85  PHE A CE2 1 
ATOM   630  C  CZ  . PHE A 1 85  ? -3.577  -7.310  2.281   1.00 27.26 ? 85  PHE A CZ  1 
ATOM   631  N  N   . CYS A 1 86  ? -0.695  -7.961  7.342   1.00 17.98 ? 86  CYS A N   1 
ATOM   632  C  CA  . CYS A 1 86  ? 0.391   -7.004  7.237   1.00 20.12 ? 86  CYS A CA  1 
ATOM   633  C  C   . CYS A 1 86  ? 1.623   -7.826  6.897   1.00 20.42 ? 86  CYS A C   1 
ATOM   634  O  O   . CYS A 1 86  ? 1.608   -9.051  7.010   1.00 18.85 ? 86  CYS A O   1 
ATOM   635  C  CB  . CYS A 1 86  ? 0.603   -6.256  8.556   1.00 19.78 ? 86  CYS A CB  1 
ATOM   636  S  SG  . CYS A 1 86  ? 1.676   -7.096  9.736   1.00 20.19 ? 86  CYS A SG  1 
ATOM   637  N  N   . GLY A 1 87  ? 2.686   -7.165  6.466   1.00 21.76 ? 87  GLY A N   1 
ATOM   638  C  CA  . GLY A 1 87  ? 3.886   -7.908  6.146   1.00 20.80 ? 87  GLY A CA  1 
ATOM   639  C  C   . GLY A 1 87  ? 5.029   -7.069  5.629   1.00 19.69 ? 87  GLY A C   1 
ATOM   640  O  O   . GLY A 1 87  ? 4.838   -5.941  5.170   1.00 18.43 ? 87  GLY A O   1 
ATOM   641  N  N   . LEU A 1 88  ? 6.225   -7.639  5.740   1.00 19.71 ? 88  LEU A N   1 
ATOM   642  C  CA  . LEU A 1 88  ? 7.463   -7.037  5.270   1.00 19.76 ? 88  LEU A CA  1 
ATOM   643  C  C   . LEU A 1 88  ? 7.811   -7.918  4.070   1.00 20.71 ? 88  LEU A C   1 
ATOM   644  O  O   . LEU A 1 88  ? 7.954   -9.134  4.211   1.00 20.98 ? 88  LEU A O   1 
ATOM   645  C  CB  . LEU A 1 88  ? 8.542   -7.153  6.347   1.00 21.48 ? 88  LEU A CB  1 
ATOM   646  C  CG  . LEU A 1 88  ? 9.981   -6.789  5.978   1.00 21.97 ? 88  LEU A CG  1 
ATOM   647  C  CD1 . LEU A 1 88  ? 10.080  -5.325  5.590   1.00 22.00 ? 88  LEU A CD1 1 
ATOM   648  C  CD2 . LEU A 1 88  ? 10.884  -7.090  7.173   1.00 24.28 ? 88  LEU A CD2 1 
ATOM   649  N  N   . PHE A 1 89  ? 7.934   -7.310  2.895   1.00 19.91 ? 89  PHE A N   1 
ATOM   650  C  CA  . PHE A 1 89  ? 8.208   -8.068  1.677   1.00 19.97 ? 89  PHE A CA  1 
ATOM   651  C  C   . PHE A 1 89  ? 9.263   -7.438  0.784   1.00 19.42 ? 89  PHE A C   1 
ATOM   652  O  O   . PHE A 1 89  ? 9.281   -6.228  0.590   1.00 19.39 ? 89  PHE A O   1 
ATOM   653  C  CB  . PHE A 1 89  ? 6.949   -8.166  0.810   1.00 20.19 ? 89  PHE A CB  1 
ATOM   654  C  CG  . PHE A 1 89  ? 5.774   -8.820  1.471   1.00 21.79 ? 89  PHE A CG  1 
ATOM   655  C  CD1 . PHE A 1 89  ? 5.619   -10.200 1.435   1.00 21.41 ? 89  PHE A CD1 1 
ATOM   656  C  CD2 . PHE A 1 89  ? 4.775   -8.046  2.054   1.00 22.31 ? 89  PHE A CD2 1 
ATOM   657  C  CE1 . PHE A 1 89  ? 4.477   -10.800 1.957   1.00 22.32 ? 89  PHE A CE1 1 
ATOM   658  C  CE2 . PHE A 1 89  ? 3.632   -8.638  2.579   1.00 20.41 ? 89  PHE A CE2 1 
ATOM   659  C  CZ  . PHE A 1 89  ? 3.482   -10.013 2.529   1.00 19.97 ? 89  PHE A CZ  1 
ATOM   660  N  N   . PRO A 1 90  ? 10.147  -8.263  0.209   1.00 22.23 ? 90  PRO A N   1 
ATOM   661  C  CA  . PRO A 1 90  ? 11.183  -7.740  -0.685  1.00 21.94 ? 90  PRO A CA  1 
ATOM   662  C  C   . PRO A 1 90  ? 10.551  -7.737  -2.077  1.00 20.66 ? 90  PRO A C   1 
ATOM   663  O  O   . PRO A 1 90  ? 9.923   -8.724  -2.461  1.00 20.65 ? 90  PRO A O   1 
ATOM   664  C  CB  . PRO A 1 90  ? 12.297  -8.791  -0.612  1.00 22.13 ? 90  PRO A CB  1 
ATOM   665  C  CG  . PRO A 1 90  ? 11.859  -9.768  0.479   1.00 25.82 ? 90  PRO A CG  1 
ATOM   666  C  CD  . PRO A 1 90  ? 10.375  -9.687  0.502   1.00 22.03 ? 90  PRO A CD  1 
ATOM   667  N  N   . ALA A 1 91  ? 10.681  -6.642  -2.820  1.00 20.26 ? 91  ALA A N   1 
ATOM   668  C  CA  . ALA A 1 91  ? 10.148  -6.600  -4.182  1.00 20.62 ? 91  ALA A CA  1 
ATOM   669  C  C   . ALA A 1 91  ? 11.281  -7.146  -5.048  1.00 22.50 ? 91  ALA A C   1 
ATOM   670  O  O   . ALA A 1 91  ? 12.356  -7.453  -4.530  1.00 23.11 ? 91  ALA A O   1 
ATOM   671  C  CB  . ALA A 1 91  ? 9.806   -5.172  -4.590  1.00 19.95 ? 91  ALA A CB  1 
ATOM   672  N  N   . ASP A 1 92  ? 11.062  -7.260  -6.353  1.00 22.56 ? 92  ASP A N   1 
ATOM   673  C  CA  . ASP A 1 92  ? 12.099  -7.798  -7.228  1.00 24.30 ? 92  ASP A CA  1 
ATOM   674  C  C   . ASP A 1 92  ? 13.146  -6.784  -7.660  1.00 25.52 ? 92  ASP A C   1 
ATOM   675  O  O   . ASP A 1 92  ? 14.171  -7.157  -8.231  1.00 25.98 ? 92  ASP A O   1 
ATOM   676  C  CB  . ASP A 1 92  ? 11.479  -8.413  -8.485  1.00 25.10 ? 92  ASP A CB  1 
ATOM   677  C  CG  . ASP A 1 92  ? 10.621  -9.618  -8.183  1.00 25.89 ? 92  ASP A CG  1 
ATOM   678  O  OD1 . ASP A 1 92  ? 10.725  -10.156 -7.064  1.00 27.65 ? 92  ASP A OD1 1 
ATOM   679  O  OD2 . ASP A 1 92  ? 9.852   -10.035 -9.072  1.00 27.29 ? 92  ASP A OD2 1 
ATOM   680  N  N   . ASN A 1 93  ? 12.902  -5.509  -7.377  1.00 23.87 ? 93  ASN A N   1 
ATOM   681  C  CA  . ASN A 1 93  ? 13.821  -4.462  -7.797  1.00 23.96 ? 93  ASN A CA  1 
ATOM   682  C  C   . ASN A 1 93  ? 14.578  -3.714  -6.696  1.00 24.56 ? 93  ASN A C   1 
ATOM   683  O  O   . ASN A 1 93  ? 14.603  -2.485  -6.679  1.00 22.90 ? 93  ASN A O   1 
ATOM   684  C  CB  . ASN A 1 93  ? 13.065  -3.464  -8.678  1.00 22.11 ? 93  ASN A CB  1 
ATOM   685  C  CG  . ASN A 1 93  ? 11.888  -2.827  -7.961  1.00 22.16 ? 93  ASN A CG  1 
ATOM   686  O  OD1 . ASN A 1 93  ? 11.252  -3.454  -7.112  1.00 20.58 ? 93  ASN A OD1 1 
ATOM   687  N  ND2 . ASN A 1 93  ? 11.582  -1.578  -8.312  1.00 20.53 ? 93  ASN A ND2 1 
ATOM   688  N  N   . GLU A 1 94  ? 15.201  -4.455  -5.784  1.00 25.44 ? 94  GLU A N   1 
ATOM   689  C  CA  . GLU A 1 94  ? 15.990  -3.846  -4.715  1.00 28.31 ? 94  GLU A CA  1 
ATOM   690  C  C   . GLU A 1 94  ? 15.157  -2.940  -3.816  1.00 28.20 ? 94  GLU A C   1 
ATOM   691  O  O   . GLU A 1 94  ? 15.669  -1.965  -3.258  1.00 27.55 ? 94  GLU A O   1 
ATOM   692  C  CB  . GLU A 1 94  ? 17.123  -3.003  -5.310  1.00 31.89 ? 94  GLU A CB  1 
ATOM   693  C  CG  . GLU A 1 94  ? 17.779  -3.564  -6.566  1.00 35.64 ? 94  GLU A CG  1 
ATOM   694  C  CD  . GLU A 1 94  ? 18.660  -4.751  -6.281  1.00 38.26 ? 94  GLU A CD  1 
ATOM   695  O  OE1 . GLU A 1 94  ? 19.434  -5.145  -7.179  1.00 40.76 ? 94  GLU A OE1 1 
ATOM   696  O  OE2 . GLU A 1 94  ? 18.577  -5.294  -5.160  1.00 40.67 ? 94  GLU A OE2 1 
ATOM   697  N  N   . LEU A 1 95  ? 13.874  -3.244  -3.679  1.00 25.22 ? 95  LEU A N   1 
ATOM   698  C  CA  . LEU A 1 95  ? 13.016  -2.418  -2.847  1.00 23.14 ? 95  LEU A CA  1 
ATOM   699  C  C   . LEU A 1 95  ? 12.326  -3.283  -1.798  1.00 21.77 ? 95  LEU A C   1 
ATOM   700  O  O   . LEU A 1 95  ? 11.996  -4.436  -2.060  1.00 21.76 ? 95  LEU A O   1 
ATOM   701  C  CB  . LEU A 1 95  ? 11.974  -1.725  -3.732  1.00 23.63 ? 95  LEU A CB  1 
ATOM   702  C  CG  . LEU A 1 95  ? 11.093  -0.615  -3.167  1.00 25.51 ? 95  LEU A CG  1 
ATOM   703  C  CD1 . LEU A 1 95  ? 11.942  0.611   -2.834  1.00 25.31 ? 95  LEU A CD1 1 
ATOM   704  C  CD2 . LEU A 1 95  ? 10.032  -0.257  -4.209  1.00 26.95 ? 95  LEU A CD2 1 
ATOM   705  N  N   . TRP A 1 96  ? 12.121  -2.720  -0.612  1.00 19.87 ? 96  TRP A N   1 
ATOM   706  C  CA  . TRP A 1 96  ? 11.443  -3.429  0.460   1.00 20.14 ? 96  TRP A CA  1 
ATOM   707  C  C   . TRP A 1 96  ? 10.097  -2.781  0.706   1.00 18.76 ? 96  TRP A C   1 
ATOM   708  O  O   . TRP A 1 96  ? 9.989   -1.557  0.749   1.00 19.31 ? 96  TRP A O   1 
ATOM   709  C  CB  . TRP A 1 96  ? 12.280  -3.413  1.737   1.00 21.13 ? 96  TRP A CB  1 
ATOM   710  C  CG  . TRP A 1 96  ? 13.421  -4.361  1.641   1.00 23.70 ? 96  TRP A CG  1 
ATOM   711  C  CD1 . TRP A 1 96  ? 14.643  -4.130  1.069   1.00 24.48 ? 96  TRP A CD1 1 
ATOM   712  C  CD2 . TRP A 1 96  ? 13.418  -5.731  2.043   1.00 25.06 ? 96  TRP A CD2 1 
ATOM   713  N  NE1 . TRP A 1 96  ? 15.396  -5.279  1.087   1.00 26.72 ? 96  TRP A NE1 1 
ATOM   714  C  CE2 . TRP A 1 96  ? 14.668  -6.278  1.680   1.00 26.08 ? 96  TRP A CE2 1 
ATOM   715  C  CE3 . TRP A 1 96  ? 12.476  -6.555  2.677   1.00 25.02 ? 96  TRP A CE3 1 
ATOM   716  C  CZ2 . TRP A 1 96  ? 15.001  -7.612  1.927   1.00 27.38 ? 96  TRP A CZ2 1 
ATOM   717  C  CZ3 . TRP A 1 96  ? 12.808  -7.881  2.924   1.00 27.64 ? 96  TRP A CZ3 1 
ATOM   718  C  CH2 . TRP A 1 96  ? 14.062  -8.395  2.548   1.00 28.00 ? 96  TRP A CH2 1 
ATOM   719  N  N   . LEU A 1 97  ? 9.078   -3.613  0.874   1.00 16.63 ? 97  LEU A N   1 
ATOM   720  C  CA  . LEU A 1 97  ? 7.722   -3.138  1.087   1.00 18.12 ? 97  LEU A CA  1 
ATOM   721  C  C   . LEU A 1 97  ? 7.164   -3.540  2.449   1.00 17.40 ? 97  LEU A C   1 
ATOM   722  O  O   . LEU A 1 97  ? 7.397   -4.649  2.916   1.00 17.37 ? 97  LEU A O   1 
ATOM   723  C  CB  . LEU A 1 97  ? 6.808   -3.714  0.002   1.00 16.67 ? 97  LEU A CB  1 
ATOM   724  C  CG  . LEU A 1 97  ? 7.270   -3.564  -1.451  1.00 18.08 ? 97  LEU A CG  1 
ATOM   725  C  CD1 . LEU A 1 97  ? 6.299   -4.314  -2.359  1.00 17.34 ? 97  LEU A CD1 1 
ATOM   726  C  CD2 . LEU A 1 97  ? 7.352   -2.086  -1.828  1.00 17.06 ? 97  LEU A CD2 1 
ATOM   727  N  N   . VAL A 1 98  ? 6.444   -2.621  3.087   1.00 16.80 ? 98  VAL A N   1 
ATOM   728  C  CA  . VAL A 1 98  ? 5.798   -2.906  4.363   1.00 16.29 ? 98  VAL A CA  1 
ATOM   729  C  C   . VAL A 1 98  ? 4.350   -2.491  4.144   1.00 17.04 ? 98  VAL A C   1 
ATOM   730  O  O   . VAL A 1 98  ? 4.069   -1.323  3.880   1.00 16.33 ? 98  VAL A O   1 
ATOM   731  C  CB  . VAL A 1 98  ? 6.397   -2.097  5.526   1.00 16.64 ? 98  VAL A CB  1 
ATOM   732  C  CG1 . VAL A 1 98  ? 5.640   -2.421  6.823   1.00 17.12 ? 98  VAL A CG1 1 
ATOM   733  C  CG2 . VAL A 1 98  ? 7.874   -2.447  5.685   1.00 18.77 ? 98  VAL A CG2 1 
ATOM   734  N  N   . ILE A 1 99  ? 3.439   -3.451  4.241   1.00 17.82 ? 99  ILE A N   1 
ATOM   735  C  CA  . ILE A 1 99  ? 2.031   -3.182  4.003   1.00 18.39 ? 99  ILE A CA  1 
ATOM   736  C  C   . ILE A 1 99  ? 1.138   -3.664  5.136   1.00 17.28 ? 99  ILE A C   1 
ATOM   737  O  O   . ILE A 1 99  ? 1.553   -4.461  5.965   1.00 17.19 ? 99  ILE A O   1 
ATOM   738  C  CB  . ILE A 1 99  ? 1.574   -3.837  2.684   1.00 18.40 ? 99  ILE A CB  1 
ATOM   739  C  CG1 . ILE A 1 99  ? 1.603   -5.356  2.805   1.00 21.05 ? 99  ILE A CG1 1 
ATOM   740  C  CG2 . ILE A 1 99  ? 2.508   -3.421  1.550   1.00 21.51 ? 99  ILE A CG2 1 
ATOM   741  C  CD1 . ILE A 1 99  ? 1.151   -6.072  1.551   1.00 22.11 ? 99  ILE A CD1 1 
ATOM   742  N  N   . GLY A 1 100 ? -0.094  -3.165  5.159   1.00 16.57 ? 100 GLY A N   1 
ATOM   743  C  CA  . GLY A 1 100 ? -1.035  -3.551  6.195   1.00 16.58 ? 100 GLY A CA  1 
ATOM   744  C  C   . GLY A 1 100 ? -2.450  -3.151  5.820   1.00 16.78 ? 100 GLY A C   1 
ATOM   745  O  O   . GLY A 1 100 ? -2.693  -2.004  5.449   1.00 16.90 ? 100 GLY A O   1 
ATOM   746  N  N   . VAL A 1 101 ? -3.376  -4.104  5.907   1.00 18.84 ? 101 VAL A N   1 
ATOM   747  C  CA  . VAL A 1 101 ? -4.782  -3.867  5.579   1.00 17.32 ? 101 VAL A CA  1 
ATOM   748  C  C   . VAL A 1 101 ? -5.612  -4.355  6.768   1.00 18.89 ? 101 VAL A C   1 
ATOM   749  O  O   . VAL A 1 101 ? -5.400  -5.466  7.267   1.00 17.45 ? 101 VAL A O   1 
ATOM   750  C  CB  . VAL A 1 101 ? -5.174  -4.634  4.295   1.00 19.63 ? 101 VAL A CB  1 
ATOM   751  C  CG1 . VAL A 1 101 ? -6.655  -4.470  4.010   1.00 18.11 ? 101 VAL A CG1 1 
ATOM   752  C  CG2 . VAL A 1 101 ? -4.353  -4.119  3.121   1.00 18.58 ? 101 VAL A CG2 1 
ATOM   753  N  N   . ASP A 1 102 ? -6.546  -3.525  7.226   1.00 18.39 ? 102 ASP A N   1 
ATOM   754  C  CA  . ASP A 1 102 ? -7.345  -3.883  8.391   1.00 19.45 ? 102 ASP A CA  1 
ATOM   755  C  C   . ASP A 1 102 ? -8.528  -4.785  8.102   1.00 20.44 ? 102 ASP A C   1 
ATOM   756  O  O   . ASP A 1 102 ? -8.787  -5.144  6.955   1.00 17.85 ? 102 ASP A O   1 
ATOM   757  C  CB  . ASP A 1 102 ? -7.794  -2.620  9.145   1.00 21.30 ? 102 ASP A CB  1 
ATOM   758  C  CG  . ASP A 1 102 ? -8.870  -1.835  8.418   1.00 23.98 ? 102 ASP A CG  1 
ATOM   759  O  OD1 . ASP A 1 102 ? -9.082  -0.659  8.783   1.00 25.81 ? 102 ASP A OD1 1 
ATOM   760  O  OD2 . ASP A 1 102 ? -9.514  -2.380  7.500   1.00 27.92 ? 102 ASP A OD2 1 
ATOM   761  N  N   . LYS A 1 103 ? -9.236  -5.155  9.163   1.00 21.30 ? 103 LYS A N   1 
ATOM   762  C  CA  . LYS A 1 103 ? -10.385 -6.045  9.067   1.00 23.82 ? 103 LYS A CA  1 
ATOM   763  C  C   . LYS A 1 103 ? -11.481 -5.532  8.136   1.00 24.77 ? 103 LYS A C   1 
ATOM   764  O  O   . LYS A 1 103 ? -12.300 -6.311  7.651   1.00 23.49 ? 103 LYS A O   1 
ATOM   765  C  CB  . LYS A 1 103 ? -10.957 -6.282  10.470  1.00 26.29 ? 103 LYS A CB  1 
ATOM   766  C  CG  . LYS A 1 103 ? -11.938 -7.442  10.566  1.00 27.88 ? 103 LYS A CG  1 
ATOM   767  C  CD  . LYS A 1 103 ? -11.274 -8.763  10.205  1.00 29.85 ? 103 LYS A CD  1 
ATOM   768  C  CE  . LYS A 1 103 ? -12.229 -9.926  10.398  1.00 29.13 ? 103 LYS A CE  1 
ATOM   769  N  NZ  . LYS A 1 103 ? -11.576 -11.228 10.091  1.00 31.13 ? 103 LYS A NZ  1 
ATOM   770  N  N   . ASP A 1 104 ? -11.498 -4.226  7.886   1.00 24.24 ? 104 ASP A N   1 
ATOM   771  C  CA  . ASP A 1 104 ? -12.507 -3.634  7.007   1.00 24.77 ? 104 ASP A CA  1 
ATOM   772  C  C   . ASP A 1 104 ? -11.983 -3.438  5.588   1.00 23.42 ? 104 ASP A C   1 
ATOM   773  O  O   . ASP A 1 104 ? -12.671 -2.878  4.734   1.00 22.23 ? 104 ASP A O   1 
ATOM   774  C  CB  . ASP A 1 104 ? -12.980 -2.284  7.556   1.00 28.78 ? 104 ASP A CB  1 
ATOM   775  C  CG  . ASP A 1 104 ? -13.739 -2.417  8.861   1.00 32.74 ? 104 ASP A CG  1 
ATOM   776  O  OD1 . ASP A 1 104 ? -14.643 -3.274  8.934   1.00 35.28 ? 104 ASP A OD1 1 
ATOM   777  O  OD2 . ASP A 1 104 ? -13.439 -1.656  9.809   1.00 37.09 ? 104 ASP A OD2 1 
ATOM   778  N  N   . GLY A 1 105 ? -10.760 -3.894  5.343   1.00 21.39 ? 105 GLY A N   1 
ATOM   779  C  CA  . GLY A 1 105 ? -10.182 -3.758  4.019   1.00 19.68 ? 105 GLY A CA  1 
ATOM   780  C  C   . GLY A 1 105 ? -9.532  -2.407  3.774   1.00 19.21 ? 105 GLY A C   1 
ATOM   781  O  O   . GLY A 1 105 ? -9.132  -2.110  2.654   1.00 19.05 ? 105 GLY A O   1 
HETATM 782  N  N   . MSE A 1 106 ? -9.427  -1.587  4.813   1.00 18.38 ? 106 MSE A N   1 
HETATM 783  C  CA  . MSE A 1 106 ? -8.807  -0.275  4.666   1.00 18.99 ? 106 MSE A CA  1 
HETATM 784  C  C   . MSE A 1 106 ? -7.293  -0.387  4.744   1.00 18.32 ? 106 MSE A C   1 
HETATM 785  O  O   . MSE A 1 106 ? -6.752  -1.073  5.612   1.00 18.03 ? 106 MSE A O   1 
HETATM 786  C  CB  . MSE A 1 106 ? -9.301  0.686   5.753   1.00 20.44 ? 106 MSE A CB  1 
HETATM 787  C  CG  . MSE A 1 106 ? -10.805 0.971   5.724   1.00 24.92 ? 106 MSE A CG  1 
HETATM 788  SE SE  . MSE A 1 106 ? -11.427 1.879   4.153   1.00 33.12 ? 106 MSE A SE  1 
HETATM 789  C  CE  . MSE A 1 106 ? -12.322 0.425   3.255   1.00 29.09 ? 106 MSE A CE  1 
ATOM   790  N  N   . VAL A 1 107 ? -6.612  0.288   3.826   1.00 19.39 ? 107 VAL A N   1 
ATOM   791  C  CA  . VAL A 1 107 ? -5.166  0.265   3.811   1.00 19.07 ? 107 VAL A CA  1 
ATOM   792  C  C   . VAL A 1 107 ? -4.633  1.109   4.962   1.00 21.15 ? 107 VAL A C   1 
ATOM   793  O  O   . VAL A 1 107 ? -4.911  2.309   5.047   1.00 20.88 ? 107 VAL A O   1 
ATOM   794  C  CB  . VAL A 1 107 ? -4.613  0.811   2.470   1.00 19.22 ? 107 VAL A CB  1 
ATOM   795  C  CG1 . VAL A 1 107 ? -3.094  0.861   2.514   1.00 18.34 ? 107 VAL A CG1 1 
ATOM   796  C  CG2 . VAL A 1 107 ? -5.076  -0.075  1.319   1.00 16.38 ? 107 VAL A CG2 1 
ATOM   797  N  N   . HIS A 1 108 ? -3.888  0.471   5.860   1.00 20.14 ? 108 HIS A N   1 
ATOM   798  C  CA  . HIS A 1 108 ? -3.293  1.174   6.993   1.00 22.18 ? 108 HIS A CA  1 
ATOM   799  C  C   . HIS A 1 108 ? -1.846  1.527   6.688   1.00 20.90 ? 108 HIS A C   1 
ATOM   800  O  O   . HIS A 1 108 ? -1.360  2.584   7.087   1.00 21.10 ? 108 HIS A O   1 
ATOM   801  C  CB  . HIS A 1 108 ? -3.332  0.320   8.263   1.00 26.06 ? 108 HIS A CB  1 
ATOM   802  C  CG  . HIS A 1 108 ? -4.650  0.337   8.969   1.00 31.50 ? 108 HIS A CG  1 
ATOM   803  N  ND1 . HIS A 1 108 ? -4.771  0.098   10.322  1.00 34.20 ? 108 HIS A ND1 1 
ATOM   804  C  CD2 . HIS A 1 108 ? -5.908  0.548   8.510   1.00 32.23 ? 108 HIS A CD2 1 
ATOM   805  C  CE1 . HIS A 1 108 ? -6.046  0.162   10.666  1.00 34.87 ? 108 HIS A CE1 1 
ATOM   806  N  NE2 . HIS A 1 108 ? -6.756  0.432   9.585   1.00 33.53 ? 108 HIS A NE2 1 
ATOM   807  N  N   . PHE A 1 109 ? -1.159  0.630   5.988   1.00 19.13 ? 109 PHE A N   1 
ATOM   808  C  CA  . PHE A 1 109 ? 0.236   0.852   5.638   1.00 18.36 ? 109 PHE A CA  1 
ATOM   809  C  C   . PHE A 1 109 ? 0.564   0.476   4.201   1.00 17.64 ? 109 PHE A C   1 
ATOM   810  O  O   . PHE A 1 109 ? 0.126   -0.559  3.693   1.00 15.39 ? 109 PHE A O   1 
ATOM   811  C  CB  . PHE A 1 109 ? 1.155   0.050   6.570   1.00 17.83 ? 109 PHE A CB  1 
ATOM   812  C  CG  . PHE A 1 109 ? 1.034   0.432   8.016   1.00 20.22 ? 109 PHE A CG  1 
ATOM   813  C  CD1 . PHE A 1 109 ? 1.550   1.641   8.473   1.00 19.40 ? 109 PHE A CD1 1 
ATOM   814  C  CD2 . PHE A 1 109 ? 0.398   -0.417  8.924   1.00 18.89 ? 109 PHE A CD2 1 
ATOM   815  C  CE1 . PHE A 1 109 ? 1.435   2.006   9.814   1.00 20.05 ? 109 PHE A CE1 1 
ATOM   816  C  CE2 . PHE A 1 109 ? 0.277   -0.064  10.265  1.00 18.48 ? 109 PHE A CE2 1 
ATOM   817  C  CZ  . PHE A 1 109 ? 0.798   1.152   10.712  1.00 20.02 ? 109 PHE A CZ  1 
ATOM   818  N  N   . ASP A 1 110 ? 1.339   1.339   3.557   1.00 17.17 ? 110 ASP A N   1 
ATOM   819  C  CA  . ASP A 1 110 ? 1.808   1.121   2.197   1.00 18.13 ? 110 ASP A CA  1 
ATOM   820  C  C   . ASP A 1 110 ? 3.101   1.921   2.133   1.00 18.45 ? 110 ASP A C   1 
ATOM   821  O  O   . ASP A 1 110 ? 3.099   3.086   1.752   1.00 18.75 ? 110 ASP A O   1 
ATOM   822  C  CB  . ASP A 1 110 ? 0.809   1.640   1.162   1.00 16.46 ? 110 ASP A CB  1 
ATOM   823  C  CG  . ASP A 1 110 ? 1.344   1.542   -0.256  1.00 16.90 ? 110 ASP A CG  1 
ATOM   824  O  OD1 . ASP A 1 110 ? 2.426   0.935   -0.438  1.00 15.00 ? 110 ASP A OD1 1 
ATOM   825  O  OD2 . ASP A 1 110 ? 0.690   2.064   -1.190  1.00 14.53 ? 110 ASP A OD2 1 
ATOM   826  N  N   . LYS A 1 111 ? 4.202   1.289   2.521   1.00 19.70 ? 111 LYS A N   1 
ATOM   827  C  CA  . LYS A 1 111 ? 5.499   1.960   2.541   1.00 19.56 ? 111 LYS A CA  1 
ATOM   828  C  C   . LYS A 1 111 ? 6.554   1.174   1.790   1.00 19.17 ? 111 LYS A C   1 
ATOM   829  O  O   . LYS A 1 111 ? 6.535   -0.053  1.787   1.00 18.48 ? 111 LYS A O   1 
ATOM   830  C  CB  . LYS A 1 111 ? 5.958   2.145   3.989   1.00 22.44 ? 111 LYS A CB  1 
ATOM   831  C  CG  . LYS A 1 111 ? 5.004   2.953   4.834   1.00 25.93 ? 111 LYS A CG  1 
ATOM   832  C  CD  . LYS A 1 111 ? 5.257   4.446   4.708   1.00 29.58 ? 111 LYS A CD  1 
ATOM   833  C  CE  . LYS A 1 111 ? 6.572   4.828   5.365   1.00 31.97 ? 111 LYS A CE  1 
ATOM   834  N  NZ  . LYS A 1 111 ? 6.775   6.305   5.402   1.00 35.74 ? 111 LYS A NZ  1 
ATOM   835  N  N   . SER A 1 112 ? 7.467   1.892   1.144   1.00 19.09 ? 112 SER A N   1 
ATOM   836  C  CA  . SER A 1 112 ? 8.556   1.267   0.414   1.00 19.47 ? 112 SER A CA  1 
ATOM   837  C  C   . SER A 1 112 ? 9.852   1.849   0.970   1.00 20.90 ? 112 SER A C   1 
ATOM   838  O  O   . SER A 1 112 ? 9.864   2.979   1.461   1.00 19.66 ? 112 SER A O   1 
ATOM   839  C  CB  . SER A 1 112 ? 8.444   1.562   -1.084  1.00 20.02 ? 112 SER A CB  1 
ATOM   840  O  OG  . SER A 1 112 ? 8.570   2.947   -1.337  1.00 23.73 ? 112 SER A OG  1 
ATOM   841  N  N   . PHE A 1 113 ? 10.929  1.071   0.914   1.00 20.95 ? 113 PHE A N   1 
ATOM   842  C  CA  . PHE A 1 113 ? 12.229  1.515   1.416   1.00 22.28 ? 113 PHE A CA  1 
ATOM   843  C  C   . PHE A 1 113 ? 13.322  0.931   0.539   1.00 22.69 ? 113 PHE A C   1 
ATOM   844  O  O   . PHE A 1 113 ? 13.188  -0.181  0.040   1.00 22.51 ? 113 PHE A O   1 
ATOM   845  C  CB  . PHE A 1 113 ? 12.481  1.008   2.843   1.00 22.40 ? 113 PHE A CB  1 
ATOM   846  C  CG  . PHE A 1 113 ? 11.362  1.276   3.798   1.00 23.04 ? 113 PHE A CG  1 
ATOM   847  C  CD1 . PHE A 1 113 ? 10.213  0.492   3.784   1.00 21.91 ? 113 PHE A CD1 1 
ATOM   848  C  CD2 . PHE A 1 113 ? 11.457  2.316   4.716   1.00 22.32 ? 113 PHE A CD2 1 
ATOM   849  C  CE1 . PHE A 1 113 ? 9.173   0.742   4.674   1.00 23.68 ? 113 PHE A CE1 1 
ATOM   850  C  CE2 . PHE A 1 113 ? 10.422  2.573   5.608   1.00 23.72 ? 113 PHE A CE2 1 
ATOM   851  C  CZ  . PHE A 1 113 ? 9.280   1.786   5.586   1.00 23.08 ? 113 PHE A CZ  1 
ATOM   852  N  N   . HIS A 1 114 ? 14.407  1.666   0.346   1.00 26.00 ? 114 HIS A N   1 
ATOM   853  C  CA  . HIS A 1 114 ? 15.497  1.115   -0.446  1.00 29.21 ? 114 HIS A CA  1 
ATOM   854  C  C   . HIS A 1 114 ? 16.389  0.295   0.476   1.00 30.19 ? 114 HIS A C   1 
ATOM   855  O  O   . HIS A 1 114 ? 17.190  -0.523  0.020   1.00 31.73 ? 114 HIS A O   1 
ATOM   856  C  CB  . HIS A 1 114 ? 16.293  2.225   -1.136  1.00 32.50 ? 114 HIS A CB  1 
ATOM   857  C  CG  . HIS A 1 114 ? 15.611  2.780   -2.349  1.00 36.79 ? 114 HIS A CG  1 
ATOM   858  N  ND1 . HIS A 1 114 ? 15.026  1.974   -3.303  1.00 38.15 ? 114 HIS A ND1 1 
ATOM   859  C  CD2 . HIS A 1 114 ? 15.409  4.055   -2.757  1.00 37.78 ? 114 HIS A CD2 1 
ATOM   860  C  CE1 . HIS A 1 114 ? 14.489  2.730   -4.245  1.00 38.58 ? 114 HIS A CE1 1 
ATOM   861  N  NE2 . HIS A 1 114 ? 14.707  3.996   -3.937  1.00 38.91 ? 114 HIS A NE2 1 
ATOM   862  N  N   . SER A 1 115 ? 16.213  0.501   1.779   1.00 30.16 ? 115 SER A N   1 
ATOM   863  C  CA  . SER A 1 115 ? 16.991  -0.202  2.797   1.00 30.54 ? 115 SER A CA  1 
ATOM   864  C  C   . SER A 1 115 ? 16.173  -1.212  3.592   1.00 29.87 ? 115 SER A C   1 
ATOM   865  O  O   . SER A 1 115 ? 15.104  -0.891  4.114   1.00 28.40 ? 115 SER A O   1 
ATOM   866  C  CB  . SER A 1 115 ? 17.613  0.805   3.767   1.00 31.25 ? 115 SER A CB  1 
ATOM   867  O  OG  . SER A 1 115 ? 18.001  0.171   4.971   1.00 32.95 ? 115 SER A OG  1 
ATOM   868  N  N   . LYS A 1 116 ? 16.694  -2.431  3.690   1.00 29.31 ? 116 LYS A N   1 
ATOM   869  C  CA  . LYS A 1 116 ? 16.028  -3.493  4.428   1.00 29.43 ? 116 LYS A CA  1 
ATOM   870  C  C   . LYS A 1 116 ? 15.971  -3.162  5.921   1.00 29.83 ? 116 LYS A C   1 
ATOM   871  O  O   . LYS A 1 116 ? 14.971  -3.427  6.584   1.00 27.87 ? 116 LYS A O   1 
ATOM   872  C  CB  . LYS A 1 116 ? 16.763  -4.817  4.214   1.00 31.36 ? 116 LYS A CB  1 
ATOM   873  C  CG  . LYS A 1 116 ? 16.195  -5.981  5.013   1.00 33.63 ? 116 LYS A CG  1 
ATOM   874  C  CD  . LYS A 1 116 ? 16.970  -7.266  4.760   1.00 36.95 ? 116 LYS A CD  1 
ATOM   875  C  CE  . LYS A 1 116 ? 16.390  -8.421  5.556   1.00 39.41 ? 116 LYS A CE  1 
ATOM   876  N  NZ  . LYS A 1 116 ? 17.096  -9.706  5.286   1.00 40.91 ? 116 LYS A NZ  1 
ATOM   877  N  N   . ASP A 1 117 ? 17.043  -2.581  6.452   1.00 30.06 ? 117 ASP A N   1 
ATOM   878  C  CA  . ASP A 1 117 ? 17.074  -2.231  7.869   1.00 30.51 ? 117 ASP A CA  1 
ATOM   879  C  C   . ASP A 1 117 ? 15.995  -1.217  8.217   1.00 28.66 ? 117 ASP A C   1 
ATOM   880  O  O   . ASP A 1 117 ? 15.323  -1.345  9.238   1.00 28.09 ? 117 ASP A O   1 
ATOM   881  C  CB  . ASP A 1 117 ? 18.449  -1.686  8.265   1.00 33.84 ? 117 ASP A CB  1 
ATOM   882  C  CG  . ASP A 1 117 ? 19.515  -2.765  8.279   1.00 38.29 ? 117 ASP A CG  1 
ATOM   883  O  OD1 . ASP A 1 117 ? 19.265  -3.832  8.883   1.00 40.13 ? 117 ASP A OD1 1 
ATOM   884  O  OD2 . ASP A 1 117 ? 20.599  -2.549  7.692   1.00 42.88 ? 117 ASP A OD2 1 
ATOM   885  N  N   . ASP A 1 118 ? 15.831  -0.209  7.366   1.00 27.99 ? 118 ASP A N   1 
ATOM   886  C  CA  . ASP A 1 118 ? 14.812  0.814   7.588   1.00 27.61 ? 118 ASP A CA  1 
ATOM   887  C  C   . ASP A 1 118 ? 13.413  0.199   7.515   1.00 26.25 ? 118 ASP A C   1 
ATOM   888  O  O   . ASP A 1 118 ? 12.523  0.570   8.276   1.00 25.98 ? 118 ASP A O   1 
ATOM   889  C  CB  . ASP A 1 118 ? 14.938  1.920   6.537   1.00 28.75 ? 118 ASP A CB  1 
ATOM   890  C  CG  . ASP A 1 118 ? 16.238  2.685   6.655   1.00 33.64 ? 118 ASP A CG  1 
ATOM   891  O  OD1 . ASP A 1 118 ? 16.521  3.518   5.768   1.00 34.41 ? 118 ASP A OD1 1 
ATOM   892  O  OD2 . ASP A 1 118 ? 16.974  2.457   7.637   1.00 33.96 ? 118 ASP A OD2 1 
ATOM   893  N  N   . ALA A 1 119 ? 13.232  -0.732  6.583   1.00 26.41 ? 119 ALA A N   1 
ATOM   894  C  CA  . ALA A 1 119 ? 11.954  -1.410  6.393   1.00 24.86 ? 119 ALA A CA  1 
ATOM   895  C  C   . ALA A 1 119 ? 11.646  -2.289  7.599   1.00 25.91 ? 119 ALA A C   1 
ATOM   896  O  O   . ALA A 1 119 ? 10.525  -2.298  8.106   1.00 23.53 ? 119 ALA A O   1 
ATOM   897  C  CB  . ALA A 1 119 ? 11.997  -2.254  5.127   1.00 23.68 ? 119 ALA A CB  1 
ATOM   898  N  N   . LYS A 1 120 ? 12.652  -3.032  8.054   1.00 25.74 ? 120 LYS A N   1 
ATOM   899  C  CA  . LYS A 1 120 ? 12.489  -3.902  9.211   1.00 27.08 ? 120 LYS A CA  1 
ATOM   900  C  C   . LYS A 1 120 ? 12.144  -3.054  10.436  1.00 25.63 ? 120 LYS A C   1 
ATOM   901  O  O   . LYS A 1 120 ? 11.239  -3.388  11.201  1.00 25.44 ? 120 LYS A O   1 
ATOM   902  C  CB  . LYS A 1 120 ? 13.783  -4.698  9.456   1.00 29.42 ? 120 LYS A CB  1 
ATOM   903  C  CG  . LYS A 1 120 ? 13.644  -5.832  10.471  1.00 35.84 ? 120 LYS A CG  1 
ATOM   904  C  CD  . LYS A 1 120 ? 14.940  -6.631  10.613  1.00 38.86 ? 120 LYS A CD  1 
ATOM   905  C  CE  . LYS A 1 120 ? 14.795  -7.734  11.664  1.00 43.72 ? 120 LYS A CE  1 
ATOM   906  N  NZ  . LYS A 1 120 ? 16.016  -8.589  11.784  1.00 44.51 ? 120 LYS A NZ  1 
ATOM   907  N  N   . LYS A 1 121 ? 12.856  -1.945  10.608  1.00 25.53 ? 121 LYS A N   1 
ATOM   908  C  CA  . LYS A 1 121 ? 12.619  -1.057  11.740  1.00 26.64 ? 121 LYS A CA  1 
ATOM   909  C  C   . LYS A 1 121 ? 11.208  -0.459  11.727  1.00 26.64 ? 121 LYS A C   1 
ATOM   910  O  O   . LYS A 1 121 ? 10.566  -0.349  12.773  1.00 25.30 ? 121 LYS A O   1 
ATOM   911  C  CB  . LYS A 1 121 ? 13.664  0.067   11.759  1.00 29.16 ? 121 LYS A CB  1 
ATOM   912  C  CG  . LYS A 1 121 ? 13.501  1.063   12.904  1.00 33.51 ? 121 LYS A CG  1 
ATOM   913  C  CD  . LYS A 1 121 ? 14.627  2.091   12.913  1.00 37.10 ? 121 LYS A CD  1 
ATOM   914  C  CE  . LYS A 1 121 ? 14.430  3.124   14.013  1.00 39.69 ? 121 LYS A CE  1 
ATOM   915  N  NZ  . LYS A 1 121 ? 14.262  2.493   15.356  1.00 40.72 ? 121 LYS A NZ  1 
ATOM   916  N  N   . PHE A 1 122 ? 10.727  -0.073  10.548  1.00 24.67 ? 122 PHE A N   1 
ATOM   917  C  CA  . PHE A 1 122 ? 9.387   0.504   10.441  1.00 23.46 ? 122 PHE A CA  1 
ATOM   918  C  C   . PHE A 1 122 ? 8.352   -0.563  10.783  1.00 22.35 ? 122 PHE A C   1 
ATOM   919  O  O   . PHE A 1 122 ? 7.388   -0.312  11.505  1.00 22.27 ? 122 PHE A O   1 
ATOM   920  C  CB  . PHE A 1 122 ? 9.135   1.015   9.023   1.00 22.42 ? 122 PHE A CB  1 
ATOM   921  C  CG  . PHE A 1 122 ? 7.820   1.718   8.867   1.00 22.75 ? 122 PHE A CG  1 
ATOM   922  C  CD1 . PHE A 1 122 ? 7.677   3.046   9.255   1.00 23.04 ? 122 PHE A CD1 1 
ATOM   923  C  CD2 . PHE A 1 122 ? 6.715   1.043   8.363   1.00 22.47 ? 122 PHE A CD2 1 
ATOM   924  C  CE1 . PHE A 1 122 ? 6.445   3.695   9.145   1.00 23.97 ? 122 PHE A CE1 1 
ATOM   925  C  CE2 . PHE A 1 122 ? 5.478   1.680   8.248   1.00 25.30 ? 122 PHE A CE2 1 
ATOM   926  C  CZ  . PHE A 1 122 ? 5.344   3.010   8.641   1.00 25.40 ? 122 PHE A CZ  1 
ATOM   927  N  N   . PHE A 1 123 ? 8.573   -1.757  10.246  1.00 21.42 ? 123 PHE A N   1 
ATOM   928  C  CA  . PHE A 1 123 ? 7.702   -2.901  10.457  1.00 22.05 ? 123 PHE A CA  1 
ATOM   929  C  C   . PHE A 1 123 ? 7.516   -3.193  11.945  1.00 23.70 ? 123 PHE A C   1 
ATOM   930  O  O   . PHE A 1 123 ? 6.389   -3.296  12.438  1.00 21.84 ? 123 PHE A O   1 
ATOM   931  C  CB  . PHE A 1 123 ? 8.317   -4.112  9.754   1.00 21.62 ? 123 PHE A CB  1 
ATOM   932  C  CG  . PHE A 1 123 ? 7.540   -5.384  9.920   1.00 22.69 ? 123 PHE A CG  1 
ATOM   933  C  CD1 . PHE A 1 123 ? 6.256   -5.511  9.390   1.00 23.45 ? 123 PHE A CD1 1 
ATOM   934  C  CD2 . PHE A 1 123 ? 8.115   -6.481  10.556  1.00 22.79 ? 123 PHE A CD2 1 
ATOM   935  C  CE1 . PHE A 1 123 ? 5.563   -6.710  9.486   1.00 21.75 ? 123 PHE A CE1 1 
ATOM   936  C  CE2 . PHE A 1 123 ? 7.428   -7.688  10.658  1.00 23.01 ? 123 PHE A CE2 1 
ATOM   937  C  CZ  . PHE A 1 123 ? 6.149   -7.803  10.120  1.00 24.43 ? 123 PHE A CZ  1 
ATOM   938  N  N   . PHE A 1 124 ? 8.628   -3.330  12.660  1.00 24.37 ? 124 PHE A N   1 
ATOM   939  C  CA  . PHE A 1 124 ? 8.575   -3.614  14.088  1.00 25.16 ? 124 PHE A CA  1 
ATOM   940  C  C   . PHE A 1 124 ? 8.028   -2.467  14.928  1.00 24.26 ? 124 PHE A C   1 
ATOM   941  O  O   . PHE A 1 124 ? 7.212   -2.684  15.818  1.00 25.06 ? 124 PHE A O   1 
ATOM   942  C  CB  . PHE A 1 124 ? 9.964   -3.987  14.612  1.00 26.69 ? 124 PHE A CB  1 
ATOM   943  C  CG  . PHE A 1 124 ? 10.348  -5.412  14.353  1.00 28.00 ? 124 PHE A CG  1 
ATOM   944  C  CD1 . PHE A 1 124 ? 11.362  -5.722  13.455  1.00 29.70 ? 124 PHE A CD1 1 
ATOM   945  C  CD2 . PHE A 1 124 ? 9.698   -6.448  15.017  1.00 29.19 ? 124 PHE A CD2 1 
ATOM   946  C  CE1 . PHE A 1 124 ? 11.729  -7.052  13.221  1.00 29.67 ? 124 PHE A CE1 1 
ATOM   947  C  CE2 . PHE A 1 124 ? 10.054  -7.776  14.792  1.00 30.77 ? 124 PHE A CE2 1 
ATOM   948  C  CZ  . PHE A 1 124 ? 11.074  -8.078  13.891  1.00 30.09 ? 124 PHE A CZ  1 
ATOM   949  N  N   . ASP A 1 125 ? 8.472   -1.247  14.648  1.00 24.70 ? 125 ASP A N   1 
ATOM   950  C  CA  . ASP A 1 125 ? 8.025   -0.100  15.426  1.00 24.58 ? 125 ASP A CA  1 
ATOM   951  C  C   . ASP A 1 125 ? 6.571   0.314   15.223  1.00 24.19 ? 125 ASP A C   1 
ATOM   952  O  O   . ASP A 1 125 ? 5.923   0.767   16.164  1.00 24.12 ? 125 ASP A O   1 
ATOM   953  C  CB  . ASP A 1 125 ? 8.914   1.121   15.159  1.00 26.25 ? 125 ASP A CB  1 
ATOM   954  C  CG  . ASP A 1 125 ? 10.360  0.902   15.576  1.00 31.02 ? 125 ASP A CG  1 
ATOM   955  O  OD1 . ASP A 1 125 ? 10.602  0.162   16.550  1.00 33.87 ? 125 ASP A OD1 1 
ATOM   956  O  OD2 . ASP A 1 125 ? 11.253  1.490   14.931  1.00 34.48 ? 125 ASP A OD2 1 
ATOM   957  N  N   . HIS A 1 126 ? 6.041   0.147   14.017  1.00 23.13 ? 126 HIS A N   1 
ATOM   958  C  CA  . HIS A 1 126 ? 4.674   0.597   13.767  1.00 23.15 ? 126 HIS A CA  1 
ATOM   959  C  C   . HIS A 1 126 ? 3.675   -0.376  13.162  1.00 22.15 ? 126 HIS A C   1 
ATOM   960  O  O   . HIS A 1 126 ? 2.471   -0.166  13.281  1.00 22.05 ? 126 HIS A O   1 
ATOM   961  C  CB  . HIS A 1 126 ? 4.711   1.832   12.866  1.00 24.64 ? 126 HIS A CB  1 
ATOM   962  C  CG  . HIS A 1 126 ? 5.631   2.908   13.344  1.00 25.87 ? 126 HIS A CG  1 
ATOM   963  N  ND1 . HIS A 1 126 ? 5.358   3.684   14.448  1.00 27.31 ? 126 HIS A ND1 1 
ATOM   964  C  CD2 . HIS A 1 126 ? 6.828   3.332   12.871  1.00 27.35 ? 126 HIS A CD2 1 
ATOM   965  C  CE1 . HIS A 1 126 ? 6.344   4.543   14.635  1.00 27.83 ? 126 HIS A CE1 1 
ATOM   966  N  NE2 . HIS A 1 126 ? 7.249   4.349   13.692  1.00 28.92 ? 126 HIS A NE2 1 
ATOM   967  N  N   . VAL A 1 127 ? 4.149   -1.434  12.520  1.00 20.20 ? 127 VAL A N   1 
ATOM   968  C  CA  . VAL A 1 127 ? 3.230   -2.341  11.848  1.00 20.16 ? 127 VAL A CA  1 
ATOM   969  C  C   . VAL A 1 127 ? 2.916   -3.679  12.496  1.00 19.17 ? 127 VAL A C   1 
ATOM   970  O  O   . VAL A 1 127 ? 1.768   -3.967  12.811  1.00 20.77 ? 127 VAL A O   1 
ATOM   971  C  CB  . VAL A 1 127 ? 3.726   -2.611  10.408  1.00 18.79 ? 127 VAL A CB  1 
ATOM   972  C  CG1 . VAL A 1 127 ? 2.711   -3.466  9.649   1.00 17.06 ? 127 VAL A CG1 1 
ATOM   973  C  CG2 . VAL A 1 127 ? 3.975   -1.287  9.701   1.00 17.96 ? 127 VAL A CG2 1 
ATOM   974  N  N   . ALA A 1 128 ? 3.940   -4.501  12.663  1.00 20.74 ? 128 ALA A N   1 
ATOM   975  C  CA  . ALA A 1 128 ? 3.787   -5.830  13.230  1.00 20.40 ? 128 ALA A CA  1 
ATOM   976  C  C   . ALA A 1 128 ? 2.839   -5.923  14.419  1.00 21.73 ? 128 ALA A C   1 
ATOM   977  O  O   . ALA A 1 128 ? 2.044   -6.860  14.518  1.00 19.78 ? 128 ALA A O   1 
ATOM   978  C  CB  . ALA A 1 128 ? 5.155   -6.375  13.625  1.00 21.35 ? 128 ALA A CB  1 
ATOM   979  N  N   . TYR A 1 129 ? 2.921   -4.947  15.316  1.00 21.13 ? 129 TYR A N   1 
ATOM   980  C  CA  . TYR A 1 129 ? 2.100   -4.971  16.519  1.00 21.69 ? 129 TYR A CA  1 
ATOM   981  C  C   . TYR A 1 129 ? 1.158   -3.790  16.646  1.00 22.81 ? 129 TYR A C   1 
ATOM   982  O  O   . TYR A 1 129 ? 0.653   -3.521  17.733  1.00 24.66 ? 129 TYR A O   1 
ATOM   983  C  CB  . TYR A 1 129 ? 3.019   -5.012  17.736  1.00 20.19 ? 129 TYR A CB  1 
ATOM   984  C  CG  . TYR A 1 129 ? 4.151   -5.999  17.569  1.00 19.80 ? 129 TYR A CG  1 
ATOM   985  C  CD1 . TYR A 1 129 ? 3.895   -7.364  17.429  1.00 20.12 ? 129 TYR A CD1 1 
ATOM   986  C  CD2 . TYR A 1 129 ? 5.475   -5.569  17.517  1.00 20.63 ? 129 TYR A CD2 1 
ATOM   987  C  CE1 . TYR A 1 129 ? 4.934   -8.277  17.240  1.00 21.09 ? 129 TYR A CE1 1 
ATOM   988  C  CE2 . TYR A 1 129 ? 6.519   -6.470  17.329  1.00 20.80 ? 129 TYR A CE2 1 
ATOM   989  C  CZ  . TYR A 1 129 ? 6.241   -7.822  17.191  1.00 22.48 ? 129 TYR A CZ  1 
ATOM   990  O  OH  . TYR A 1 129 ? 7.265   -8.717  16.994  1.00 22.05 ? 129 TYR A OH  1 
ATOM   991  N  N   . GLY A 1 130 ? 0.907   -3.091  15.545  1.00 23.06 ? 130 GLY A N   1 
ATOM   992  C  CA  . GLY A 1 130 ? 0.036   -1.930  15.620  1.00 24.36 ? 130 GLY A CA  1 
ATOM   993  C  C   . GLY A 1 130 ? -1.447  -2.191  15.458  1.00 24.41 ? 130 GLY A C   1 
ATOM   994  O  O   . GLY A 1 130 ? -2.265  -1.297  15.682  1.00 25.36 ? 130 GLY A O   1 
ATOM   995  N  N   . TYR A 1 131 ? -1.796  -3.415  15.077  1.00 24.76 ? 131 TYR A N   1 
ATOM   996  C  CA  . TYR A 1 131 ? -3.188  -3.790  14.856  1.00 23.51 ? 131 TYR A CA  1 
ATOM   997  C  C   . TYR A 1 131 ? -3.281  -5.317  14.965  1.00 23.31 ? 131 TYR A C   1 
ATOM   998  O  O   . TYR A 1 131 ? -2.311  -6.019  14.698  1.00 22.67 ? 131 TYR A O   1 
ATOM   999  C  CB  . TYR A 1 131 ? -3.606  -3.297  13.463  1.00 24.80 ? 131 TYR A CB  1 
ATOM   1000 C  CG  . TYR A 1 131 ? -5.036  -3.573  13.065  1.00 24.59 ? 131 TYR A CG  1 
ATOM   1001 C  CD1 . TYR A 1 131 ? -5.408  -4.806  12.527  1.00 24.56 ? 131 TYR A CD1 1 
ATOM   1002 C  CD2 . TYR A 1 131 ? -6.020  -2.594  13.214  1.00 26.10 ? 131 TYR A CD2 1 
ATOM   1003 C  CE1 . TYR A 1 131 ? -6.723  -5.058  12.143  1.00 24.39 ? 131 TYR A CE1 1 
ATOM   1004 C  CE2 . TYR A 1 131 ? -7.341  -2.836  12.835  1.00 25.63 ? 131 TYR A CE2 1 
ATOM   1005 C  CZ  . TYR A 1 131 ? -7.683  -4.070  12.300  1.00 25.63 ? 131 TYR A CZ  1 
ATOM   1006 O  OH  . TYR A 1 131 ? -8.984  -4.316  11.931  1.00 25.63 ? 131 TYR A OH  1 
ATOM   1007 N  N   . PRO A 1 132 ? -4.445  -5.848  15.381  1.00 23.76 ? 132 PRO A N   1 
ATOM   1008 C  CA  . PRO A 1 132 ? -4.633  -7.298  15.522  1.00 23.67 ? 132 PRO A CA  1 
ATOM   1009 C  C   . PRO A 1 132 ? -4.761  -7.996  14.169  1.00 22.59 ? 132 PRO A C   1 
ATOM   1010 O  O   . PRO A 1 132 ? -5.844  -8.483  13.826  1.00 21.98 ? 132 PRO A O   1 
ATOM   1011 C  CB  . PRO A 1 132 ? -5.934  -7.409  16.323  1.00 23.53 ? 132 PRO A CB  1 
ATOM   1012 C  CG  . PRO A 1 132 ? -6.107  -6.059  16.945  1.00 26.68 ? 132 PRO A CG  1 
ATOM   1013 C  CD  . PRO A 1 132 ? -5.622  -5.127  15.884  1.00 23.75 ? 132 PRO A CD  1 
ATOM   1014 N  N   . TRP A 1 133 ? -3.674  -8.055  13.406  1.00 20.69 ? 133 TRP A N   1 
ATOM   1015 C  CA  . TRP A 1 133 ? -3.719  -8.678  12.079  1.00 19.97 ? 133 TRP A CA  1 
ATOM   1016 C  C   . TRP A 1 133 ? -4.057  -10.161 12.127  1.00 20.68 ? 133 TRP A C   1 
ATOM   1017 O  O   . TRP A 1 133 ? -3.566  -10.890 12.986  1.00 21.88 ? 133 TRP A O   1 
ATOM   1018 C  CB  . TRP A 1 133 ? -2.377  -8.525  11.343  1.00 18.74 ? 133 TRP A CB  1 
ATOM   1019 C  CG  . TRP A 1 133 ? -1.686  -7.194  11.512  1.00 17.78 ? 133 TRP A CG  1 
ATOM   1020 C  CD1 . TRP A 1 133 ? -0.609  -6.933  12.310  1.00 18.79 ? 133 TRP A CD1 1 
ATOM   1021 C  CD2 . TRP A 1 133 ? -2.025  -5.954  10.877  1.00 17.02 ? 133 TRP A CD2 1 
ATOM   1022 N  NE1 . TRP A 1 133 ? -0.254  -5.609  12.213  1.00 17.81 ? 133 TRP A NE1 1 
ATOM   1023 C  CE2 . TRP A 1 133 ? -1.107  -4.984  11.340  1.00 18.29 ? 133 TRP A CE2 1 
ATOM   1024 C  CE3 . TRP A 1 133 ? -3.016  -5.565  9.962   1.00 16.50 ? 133 TRP A CE3 1 
ATOM   1025 C  CZ2 . TRP A 1 133 ? -1.150  -3.649  10.921  1.00 18.65 ? 133 TRP A CZ2 1 
ATOM   1026 C  CZ3 . TRP A 1 133 ? -3.060  -4.236  9.545   1.00 17.44 ? 133 TRP A CZ3 1 
ATOM   1027 C  CH2 . TRP A 1 133 ? -2.133  -3.295  10.023  1.00 18.56 ? 133 TRP A CH2 1 
ATOM   1028 N  N   . ASP A 1 134 ? -4.889  -10.613 11.195  1.00 20.69 ? 134 ASP A N   1 
ATOM   1029 C  CA  . ASP A 1 134 ? -5.234  -12.025 11.142  1.00 21.55 ? 134 ASP A CA  1 
ATOM   1030 C  C   . ASP A 1 134 ? -3.996  -12.785 10.668  1.00 22.32 ? 134 ASP A C   1 
ATOM   1031 O  O   . ASP A 1 134 ? -3.705  -13.882 11.145  1.00 21.48 ? 134 ASP A O   1 
ATOM   1032 C  CB  . ASP A 1 134 ? -6.408  -12.270 10.186  1.00 20.78 ? 134 ASP A CB  1 
ATOM   1033 C  CG  . ASP A 1 134 ? -7.737  -11.814 10.762  1.00 21.85 ? 134 ASP A CG  1 
ATOM   1034 O  OD1 . ASP A 1 134 ? -7.971  -12.049 11.965  1.00 20.52 ? 134 ASP A OD1 1 
ATOM   1035 O  OD2 . ASP A 1 134 ? -8.557  -11.234 10.017  1.00 21.96 ? 134 ASP A OD2 1 
ATOM   1036 N  N   . ARG A 1 135 ? -3.262  -12.182 9.732   1.00 20.99 ? 135 ARG A N   1 
ATOM   1037 C  CA  . ARG A 1 135 ? -2.045  -12.783 9.194   1.00 21.63 ? 135 ARG A CA  1 
ATOM   1038 C  C   . ARG A 1 135 ? -0.906  -11.769 9.147   1.00 21.78 ? 135 ARG A C   1 
ATOM   1039 O  O   . ARG A 1 135 ? -1.123  -10.592 8.861   1.00 21.06 ? 135 ARG A O   1 
ATOM   1040 C  CB  . ARG A 1 135 ? -2.278  -13.322 7.777   1.00 24.43 ? 135 ARG A CB  1 
ATOM   1041 C  CG  . ARG A 1 135 ? -3.233  -14.505 7.670   1.00 26.83 ? 135 ARG A CG  1 
ATOM   1042 C  CD  . ARG A 1 135 ? -2.809  -15.674 8.566   1.00 29.52 ? 135 ARG A CD  1 
ATOM   1043 N  NE  . ARG A 1 135 ? -1.470  -16.195 8.278   1.00 32.61 ? 135 ARG A NE  1 
ATOM   1044 C  CZ  . ARG A 1 135 ? -1.147  -16.902 7.198   1.00 34.62 ? 135 ARG A CZ  1 
ATOM   1045 N  NH1 . ARG A 1 135 ? -2.066  -17.184 6.282   1.00 34.53 ? 135 ARG A NH1 1 
ATOM   1046 N  NH2 . ARG A 1 135 ? 0.097   -17.342 7.038   1.00 33.15 ? 135 ARG A NH2 1 
ATOM   1047 N  N   . THR A 1 136 ? 0.305   -12.239 9.435   1.00 20.49 ? 136 THR A N   1 
ATOM   1048 C  CA  . THR A 1 136 ? 1.500   -11.405 9.404   1.00 20.81 ? 136 THR A CA  1 
ATOM   1049 C  C   . THR A 1 136 ? 2.583   -12.162 8.639   1.00 21.64 ? 136 THR A C   1 
ATOM   1050 O  O   . THR A 1 136 ? 2.819   -13.345 8.890   1.00 20.89 ? 136 THR A O   1 
ATOM   1051 C  CB  . THR A 1 136 ? 2.026   -11.091 10.822  1.00 20.07 ? 136 THR A CB  1 
ATOM   1052 O  OG1 . THR A 1 136 ? 1.054   -10.323 11.544  1.00 19.91 ? 136 THR A OG1 1 
ATOM   1053 C  CG2 . THR A 1 136 ? 3.318   -10.299 10.736  1.00 20.19 ? 136 THR A CG2 1 
ATOM   1054 N  N   . TYR A 1 137 ? 3.239   -11.468 7.713   1.00 21.15 ? 137 TYR A N   1 
ATOM   1055 C  CA  . TYR A 1 137 ? 4.288   -12.059 6.891   1.00 22.33 ? 137 TYR A CA  1 
ATOM   1056 C  C   . TYR A 1 137 ? 5.603   -11.297 6.988   1.00 22.90 ? 137 TYR A C   1 
ATOM   1057 O  O   . TYR A 1 137 ? 5.618   -10.071 7.127   1.00 22.71 ? 137 TYR A O   1 
ATOM   1058 C  CB  . TYR A 1 137 ? 3.857   -12.070 5.424   1.00 21.99 ? 137 TYR A CB  1 
ATOM   1059 C  CG  . TYR A 1 137 ? 2.510   -12.683 5.183   1.00 22.90 ? 137 TYR A CG  1 
ATOM   1060 C  CD1 . TYR A 1 137 ? 2.344   -14.067 5.194   1.00 21.70 ? 137 TYR A CD1 1 
ATOM   1061 C  CD2 . TYR A 1 137 ? 1.389   -11.881 4.959   1.00 21.69 ? 137 TYR A CD2 1 
ATOM   1062 C  CE1 . TYR A 1 137 ? 1.095   -14.640 4.986   1.00 23.07 ? 137 TYR A CE1 1 
ATOM   1063 C  CE2 . TYR A 1 137 ? 0.133   -12.444 4.750   1.00 22.93 ? 137 TYR A CE2 1 
ATOM   1064 C  CZ  . TYR A 1 137 ? -0.004  -13.825 4.766   1.00 22.38 ? 137 TYR A CZ  1 
ATOM   1065 O  OH  . TYR A 1 137 ? -1.235  -14.398 4.568   1.00 23.18 ? 137 TYR A OH  1 
ATOM   1066 N  N   . SER A 1 138 ? 6.709   -12.030 6.904   1.00 23.10 ? 138 SER A N   1 
ATOM   1067 C  CA  . SER A 1 138 ? 8.040   -11.433 6.938   1.00 24.84 ? 138 SER A CA  1 
ATOM   1068 C  C   . SER A 1 138 ? 9.045   -12.516 6.557   1.00 25.49 ? 138 SER A C   1 
ATOM   1069 O  O   . SER A 1 138 ? 8.749   -13.701 6.655   1.00 26.02 ? 138 SER A O   1 
ATOM   1070 C  CB  . SER A 1 138 ? 8.370   -10.891 8.336   1.00 24.82 ? 138 SER A CB  1 
ATOM   1071 O  OG  . SER A 1 138 ? 8.602   -11.941 9.261   1.00 26.70 ? 138 SER A OG  1 
ATOM   1072 N  N   . PRO A 1 139 ? 10.240  -12.118 6.100   1.00 26.41 ? 139 PRO A N   1 
ATOM   1073 C  CA  . PRO A 1 139 ? 11.267  -13.091 5.714   1.00 28.88 ? 139 PRO A CA  1 
ATOM   1074 C  C   . PRO A 1 139 ? 11.667  -13.993 6.888   1.00 31.06 ? 139 PRO A C   1 
ATOM   1075 O  O   . PRO A 1 139 ? 11.514  -13.621 8.050   1.00 31.51 ? 139 PRO A O   1 
ATOM   1076 C  CB  . PRO A 1 139 ? 12.417  -12.203 5.240   1.00 27.14 ? 139 PRO A CB  1 
ATOM   1077 C  CG  . PRO A 1 139 ? 11.694  -11.010 4.670   1.00 27.35 ? 139 PRO A CG  1 
ATOM   1078 C  CD  . PRO A 1 139 ? 10.652  -10.751 5.737   1.00 25.77 ? 139 PRO A CD  1 
ATOM   1079 N  N   . SER A 1 140 ? 12.181  -15.177 6.577   1.00 34.78 ? 140 SER A N   1 
ATOM   1080 C  CA  . SER A 1 140 ? 12.585  -16.123 7.610   1.00 37.45 ? 140 SER A CA  1 
ATOM   1081 C  C   . SER A 1 140 ? 13.574  -15.526 8.606   1.00 38.10 ? 140 SER A C   1 
ATOM   1082 O  O   . SER A 1 140 ? 13.484  -15.785 9.809   1.00 39.20 ? 140 SER A O   1 
ATOM   1083 C  CB  . SER A 1 140 ? 13.192  -17.370 6.967   1.00 39.05 ? 140 SER A CB  1 
ATOM   1084 O  OG  . SER A 1 140 ? 12.254  -18.001 6.114   1.00 42.33 ? 140 SER A OG  1 
ATOM   1085 N  N   . ASP A 1 141 ? 14.514  -14.727 8.115   1.00 38.32 ? 141 ASP A N   1 
ATOM   1086 C  CA  . ASP A 1 141 ? 15.504  -14.116 8.994   1.00 39.44 ? 141 ASP A CA  1 
ATOM   1087 C  C   . ASP A 1 141 ? 14.905  -13.018 9.867   1.00 38.79 ? 141 ASP A C   1 
ATOM   1088 O  O   . ASP A 1 141 ? 15.606  -12.419 10.684  1.00 39.33 ? 141 ASP A O   1 
ATOM   1089 C  CB  . ASP A 1 141 ? 16.678  -13.560 8.179   1.00 43.28 ? 141 ASP A CB  1 
ATOM   1090 C  CG  . ASP A 1 141 ? 16.278  -12.406 7.284   1.00 45.77 ? 141 ASP A CG  1 
ATOM   1091 O  OD1 . ASP A 1 141 ? 15.878  -11.351 7.816   1.00 48.31 ? 141 ASP A OD1 1 
ATOM   1092 O  OD2 . ASP A 1 141 ? 16.368  -12.553 6.047   1.00 49.77 ? 141 ASP A OD2 1 
ATOM   1093 N  N   . VAL A 1 142 ? 13.610  -12.754 9.690   1.00 36.34 ? 142 VAL A N   1 
ATOM   1094 C  CA  . VAL A 1 142 ? 12.920  -11.742 10.484  1.00 35.28 ? 142 VAL A CA  1 
ATOM   1095 C  C   . VAL A 1 142 ? 12.111  -12.451 11.567  1.00 34.33 ? 142 VAL A C   1 
ATOM   1096 O  O   . VAL A 1 142 ? 12.009  -11.970 12.694  1.00 33.46 ? 142 VAL A O   1 
ATOM   1097 C  CB  . VAL A 1 142 ? 11.983  -10.877 9.615   1.00 34.56 ? 142 VAL A CB  1 
ATOM   1098 C  CG1 . VAL A 1 142 ? 11.255  -9.861  10.482  1.00 35.31 ? 142 VAL A CG1 1 
ATOM   1099 C  CG2 . VAL A 1 142 ? 12.794  -10.160 8.552   1.00 34.37 ? 142 VAL A CG2 1 
ATOM   1100 N  N   . GLY A 1 143 ? 11.531  -13.592 11.207  1.00 34.63 ? 143 GLY A N   1 
ATOM   1101 C  CA  . GLY A 1 143 ? 10.780  -14.391 12.160  1.00 34.29 ? 143 GLY A CA  1 
ATOM   1102 C  C   . GLY A 1 143 ? 9.459   -13.911 12.736  1.00 34.55 ? 143 GLY A C   1 
ATOM   1103 O  O   . GLY A 1 143 ? 9.044   -14.389 13.795  1.00 35.32 ? 143 GLY A O   1 
ATOM   1104 N  N   . VAL A 1 144 ? 8.790   -12.976 12.072  1.00 32.26 ? 144 VAL A N   1 
ATOM   1105 C  CA  . VAL A 1 144 ? 7.500   -12.508 12.570  1.00 30.39 ? 144 VAL A CA  1 
ATOM   1106 C  C   . VAL A 1 144 ? 6.425   -12.994 11.604  1.00 29.79 ? 144 VAL A C   1 
ATOM   1107 O  O   . VAL A 1 144 ? 6.396   -12.599 10.438  1.00 29.00 ? 144 VAL A O   1 
ATOM   1108 C  CB  . VAL A 1 144 ? 7.451   -10.969 12.667  1.00 30.12 ? 144 VAL A CB  1 
ATOM   1109 C  CG1 . VAL A 1 144 ? 6.112   -10.531 13.248  1.00 29.83 ? 144 VAL A CG1 1 
ATOM   1110 C  CG2 . VAL A 1 144 ? 8.595   -10.468 13.538  1.00 30.08 ? 144 VAL A CG2 1 
ATOM   1111 N  N   . GLY A 1 145 ? 5.543   -13.861 12.086  1.00 28.51 ? 145 GLY A N   1 
ATOM   1112 C  CA  . GLY A 1 145 ? 4.507   -14.387 11.220  1.00 28.85 ? 145 GLY A CA  1 
ATOM   1113 C  C   . GLY A 1 145 ? 5.122   -15.381 10.251  1.00 29.50 ? 145 GLY A C   1 
ATOM   1114 O  O   . GLY A 1 145 ? 6.185   -15.938 10.528  1.00 29.68 ? 145 GLY A O   1 
ATOM   1115 N  N   . GLU A 1 146 ? 4.480   -15.593 9.109   1.00 29.22 ? 146 GLU A N   1 
ATOM   1116 C  CA  . GLU A 1 146 ? 4.988   -16.555 8.135   1.00 31.06 ? 146 GLU A CA  1 
ATOM   1117 C  C   . GLU A 1 146 ? 5.822   -15.940 7.022   1.00 31.19 ? 146 GLU A C   1 
ATOM   1118 O  O   . GLU A 1 146 ? 5.602   -14.798 6.620   1.00 30.72 ? 146 GLU A O   1 
ATOM   1119 C  CB  . GLU A 1 146 ? 3.832   -17.341 7.518   1.00 31.41 ? 146 GLU A CB  1 
ATOM   1120 C  CG  . GLU A 1 146 ? 3.067   -18.201 8.510   1.00 34.40 ? 146 GLU A CG  1 
ATOM   1121 C  CD  . GLU A 1 146 ? 2.348   -17.379 9.563   1.00 34.19 ? 146 GLU A CD  1 
ATOM   1122 O  OE1 . GLU A 1 146 ? 1.639   -16.425 9.181   1.00 35.17 ? 146 GLU A OE1 1 
ATOM   1123 O  OE2 . GLU A 1 146 ? 2.483   -17.693 10.767  1.00 31.81 ? 146 GLU A OE2 1 
ATOM   1124 N  N   . SER A 1 147 ? 6.781   -16.715 6.526   1.00 30.86 ? 147 SER A N   1 
ATOM   1125 C  CA  . SER A 1 147 ? 7.656   -16.266 5.451   1.00 31.86 ? 147 SER A CA  1 
ATOM   1126 C  C   . SER A 1 147 ? 6.991   -16.521 4.103   1.00 31.93 ? 147 SER A C   1 
ATOM   1127 O  O   . SER A 1 147 ? 6.995   -17.642 3.600   1.00 32.42 ? 147 SER A O   1 
ATOM   1128 C  CB  . SER A 1 147 ? 8.998   -17.005 5.514   1.00 31.83 ? 147 SER A CB  1 
ATOM   1129 O  OG  . SER A 1 147 ? 9.873   -16.557 4.492   1.00 34.28 ? 147 SER A OG  1 
ATOM   1130 N  N   . ARG A 1 148 ? 6.412   -15.475 3.526   1.00 31.48 ? 148 ARG A N   1 
ATOM   1131 C  CA  . ARG A 1 148 ? 5.744   -15.593 2.238   1.00 32.23 ? 148 ARG A CA  1 
ATOM   1132 C  C   . ARG A 1 148 ? 6.151   -14.417 1.357   1.00 31.10 ? 148 ARG A C   1 
ATOM   1133 O  O   . ARG A 1 148 ? 6.452   -13.336 1.863   1.00 30.76 ? 148 ARG A O   1 
ATOM   1134 C  CB  . ARG A 1 148 ? 4.224   -15.603 2.433   1.00 34.01 ? 148 ARG A CB  1 
ATOM   1135 C  CG  . ARG A 1 148 ? 3.508   -16.723 1.685   1.00 41.01 ? 148 ARG A CG  1 
ATOM   1136 C  CD  . ARG A 1 148 ? 3.942   -18.092 2.203   1.00 43.30 ? 148 ARG A CD  1 
ATOM   1137 N  NE  . ARG A 1 148 ? 3.322   -18.429 3.481   1.00 48.17 ? 148 ARG A NE  1 
ATOM   1138 C  CZ  . ARG A 1 148 ? 3.813   -19.318 4.342   1.00 49.16 ? 148 ARG A CZ  1 
ATOM   1139 N  NH1 . ARG A 1 148 ? 4.942   -19.959 4.070   1.00 50.87 ? 148 ARG A NH1 1 
ATOM   1140 N  NH2 . ARG A 1 148 ? 3.168   -19.578 5.470   1.00 50.08 ? 148 ARG A NH2 1 
ATOM   1141 N  N   . SER A 1 149 ? 6.172   -14.636 0.047   1.00 30.10 ? 149 SER A N   1 
ATOM   1142 C  CA  . SER A 1 149 ? 6.529   -13.591 -0.906  1.00 29.24 ? 149 SER A CA  1 
ATOM   1143 C  C   . SER A 1 149 ? 5.259   -12.880 -1.359  1.00 28.65 ? 149 SER A C   1 
ATOM   1144 O  O   . SER A 1 149 ? 4.174   -13.459 -1.310  1.00 27.65 ? 149 SER A O   1 
ATOM   1145 C  CB  . SER A 1 149 ? 7.218   -14.197 -2.133  1.00 28.73 ? 149 SER A CB  1 
ATOM   1146 O  OG  . SER A 1 149 ? 8.389   -14.910 -1.773  1.00 35.39 ? 149 SER A OG  1 
ATOM   1147 N  N   . ILE A 1 150 ? 5.392   -11.629 -1.795  1.00 27.58 ? 150 ILE A N   1 
ATOM   1148 C  CA  . ILE A 1 150 ? 4.238   -10.874 -2.279  1.00 27.99 ? 150 ILE A CA  1 
ATOM   1149 C  C   . ILE A 1 150 ? 3.591   -11.677 -3.401  1.00 26.17 ? 150 ILE A C   1 
ATOM   1150 O  O   . ILE A 1 150 ? 2.370   -11.751 -3.494  1.00 27.18 ? 150 ILE A O   1 
ATOM   1151 C  CB  . ILE A 1 150 ? 4.639   -9.498  -2.873  1.00 28.79 ? 150 ILE A CB  1 
ATOM   1152 C  CG1 . ILE A 1 150 ? 4.889   -8.479  -1.764  1.00 30.42 ? 150 ILE A CG1 1 
ATOM   1153 C  CG2 . ILE A 1 150 ? 3.526   -8.989  -3.795  1.00 30.15 ? 150 ILE A CG2 1 
ATOM   1154 C  CD1 . ILE A 1 150 ? 3.629   -7.943  -1.111  1.00 30.14 ? 150 ILE A CD1 1 
ATOM   1155 N  N   . SER A 1 151 ? 4.428   -12.272 -4.247  1.00 26.82 ? 151 SER A N   1 
ATOM   1156 C  CA  . SER A 1 151 ? 3.965   -13.065 -5.384  1.00 28.15 ? 151 SER A CA  1 
ATOM   1157 C  C   . SER A 1 151 ? 3.102   -14.244 -4.958  1.00 27.82 ? 151 SER A C   1 
ATOM   1158 O  O   . SER A 1 151 ? 2.402   -14.832 -5.779  1.00 30.14 ? 151 SER A O   1 
ATOM   1159 C  CB  . SER A 1 151 ? 5.161   -13.579 -6.199  1.00 28.98 ? 151 SER A CB  1 
ATOM   1160 O  OG  . SER A 1 151 ? 5.943   -14.498 -5.452  1.00 29.63 ? 151 SER A OG  1 
ATOM   1161 N  N   . GLU A 1 152 ? 3.156   -14.594 -3.679  1.00 27.27 ? 152 GLU A N   1 
ATOM   1162 C  CA  . GLU A 1 152 ? 2.367   -15.710 -3.169  1.00 29.00 ? 152 GLU A CA  1 
ATOM   1163 C  C   . GLU A 1 152 ? 1.000   -15.276 -2.650  1.00 29.96 ? 152 GLU A C   1 
ATOM   1164 O  O   . GLU A 1 152 ? 0.203   -16.112 -2.228  1.00 31.75 ? 152 GLU A O   1 
ATOM   1165 C  CB  . GLU A 1 152 ? 3.126   -16.438 -2.056  1.00 29.66 ? 152 GLU A CB  1 
ATOM   1166 C  CG  . GLU A 1 152 ? 4.378   -17.153 -2.533  1.00 32.22 ? 152 GLU A CG  1 
ATOM   1167 C  CD  . GLU A 1 152 ? 5.118   -17.855 -1.411  1.00 32.97 ? 152 GLU A CD  1 
ATOM   1168 O  OE1 . GLU A 1 152 ? 5.679   -17.168 -0.534  1.00 33.94 ? 152 GLU A OE1 1 
ATOM   1169 O  OE2 . GLU A 1 152 ? 5.136   -19.099 -1.407  1.00 36.33 ? 152 GLU A OE2 1 
ATOM   1170 N  N   . LEU A 1 153 ? 0.733   -13.971 -2.674  1.00 29.01 ? 153 LEU A N   1 
ATOM   1171 C  CA  . LEU A 1 153 ? -0.551  -13.447 -2.207  1.00 28.63 ? 153 LEU A CA  1 
ATOM   1172 C  C   . LEU A 1 153 ? -1.559  -13.440 -3.355  1.00 28.95 ? 153 LEU A C   1 
ATOM   1173 O  O   . LEU A 1 153 ? -1.179  -13.334 -4.520  1.00 30.26 ? 153 LEU A O   1 
ATOM   1174 C  CB  . LEU A 1 153 ? -0.384  -12.019 -1.669  1.00 26.92 ? 153 LEU A CB  1 
ATOM   1175 C  CG  . LEU A 1 153 ? 0.629   -11.782 -0.545  1.00 27.07 ? 153 LEU A CG  1 
ATOM   1176 C  CD1 . LEU A 1 153 ? 0.649   -10.296 -0.184  1.00 25.34 ? 153 LEU A CD1 1 
ATOM   1177 C  CD2 . LEU A 1 153 ? 0.271   -12.618 0.671   1.00 27.96 ? 153 LEU A CD2 1 
ATOM   1178 N  N   . SER A 1 154 ? -2.843  -13.545 -3.027  1.00 29.26 ? 154 SER A N   1 
ATOM   1179 C  CA  . SER A 1 154 ? -3.885  -13.546 -4.051  1.00 31.47 ? 154 SER A CA  1 
ATOM   1180 C  C   . SER A 1 154 ? -4.149  -12.134 -4.571  1.00 30.66 ? 154 SER A C   1 
ATOM   1181 O  O   . SER A 1 154 ? -4.374  -11.205 -3.792  1.00 28.61 ? 154 SER A O   1 
ATOM   1182 C  CB  . SER A 1 154 ? -5.185  -14.137 -3.494  1.00 33.16 ? 154 SER A CB  1 
ATOM   1183 O  OG  . SER A 1 154 ? -5.007  -15.487 -3.097  1.00 37.05 ? 154 SER A OG  1 
ATOM   1184 N  N   . LEU A 1 155 ? -4.134  -11.985 -5.891  1.00 31.74 ? 155 LEU A N   1 
ATOM   1185 C  CA  . LEU A 1 155 ? -4.360  -10.686 -6.515  1.00 33.25 ? 155 LEU A CA  1 
ATOM   1186 C  C   . LEU A 1 155 ? -5.658  -10.615 -7.307  1.00 34.15 ? 155 LEU A C   1 
ATOM   1187 O  O   . LEU A 1 155 ? -6.323  -11.623 -7.556  1.00 34.27 ? 155 LEU A O   1 
ATOM   1188 C  CB  . LEU A 1 155 ? -3.203  -10.344 -7.455  1.00 33.08 ? 155 LEU A CB  1 
ATOM   1189 C  CG  . LEU A 1 155 ? -1.776  -10.490 -6.928  1.00 33.03 ? 155 LEU A CG  1 
ATOM   1190 C  CD1 . LEU A 1 155 ? -0.808  -9.997  -7.991  1.00 34.20 ? 155 LEU A CD1 1 
ATOM   1191 C  CD2 . LEU A 1 155 ? -1.601  -9.693  -5.646  1.00 33.22 ? 155 LEU A CD2 1 
ATOM   1192 N  N   . ILE A 1 156 ? -6.008  -9.395  -7.691  1.00 32.68 ? 156 ILE A N   1 
ATOM   1193 C  CA  . ILE A 1 156 ? -7.192  -9.127  -8.491  1.00 31.17 ? 156 ILE A CA  1 
ATOM   1194 C  C   . ILE A 1 156 ? -6.752  -7.994  -9.401  1.00 31.79 ? 156 ILE A C   1 
ATOM   1195 O  O   . ILE A 1 156 ? -5.631  -7.492  -9.265  1.00 30.67 ? 156 ILE A O   1 
ATOM   1196 C  CB  . ILE A 1 156 ? -8.395  -8.657  -7.628  1.00 31.89 ? 156 ILE A CB  1 
ATOM   1197 C  CG1 . ILE A 1 156 ? -7.988  -7.479  -6.742  1.00 31.08 ? 156 ILE A CG1 1 
ATOM   1198 C  CG2 . ILE A 1 156 ? -8.913  -9.809  -6.785  1.00 32.68 ? 156 ILE A CG2 1 
ATOM   1199 C  CD1 . ILE A 1 156 ? -9.137  -6.887  -5.952  1.00 30.96 ? 156 ILE A CD1 1 
ATOM   1200 N  N   . LYS A 1 157 ? -7.605  -7.597  -10.335 1.00 31.25 ? 157 LYS A N   1 
ATOM   1201 C  CA  . LYS A 1 157 ? -7.243  -6.504  -11.221 1.00 31.92 ? 157 LYS A CA  1 
ATOM   1202 C  C   . LYS A 1 157 ? -7.189  -5.251  -10.355 1.00 30.51 ? 157 LYS A C   1 
ATOM   1203 O  O   . LYS A 1 157 ? -8.172  -4.895  -9.699  1.00 30.07 ? 157 LYS A O   1 
ATOM   1204 C  CB  . LYS A 1 157 ? -8.283  -6.336  -12.330 1.00 32.81 ? 157 LYS A CB  1 
ATOM   1205 C  CG  . LYS A 1 157 ? -7.902  -5.288  -13.372 1.00 36.15 ? 157 LYS A CG  1 
ATOM   1206 C  CD  . LYS A 1 157 ? -8.933  -5.224  -14.486 1.00 37.56 ? 157 LYS A CD  1 
ATOM   1207 C  CE  . LYS A 1 157 ? -8.572  -4.168  -15.519 1.00 40.37 ? 157 LYS A CE  1 
ATOM   1208 N  NZ  . LYS A 1 157 ? -7.241  -4.426  -16.140 1.00 40.42 ? 157 LYS A NZ  1 
ATOM   1209 N  N   . GLY A 1 158 ? -6.033  -4.598  -10.335 1.00 28.93 ? 158 GLY A N   1 
ATOM   1210 C  CA  . GLY A 1 158 ? -5.891  -3.400  -9.531  1.00 26.63 ? 158 GLY A CA  1 
ATOM   1211 C  C   . GLY A 1 158 ? -6.467  -2.172  -10.205 1.00 26.66 ? 158 GLY A C   1 
ATOM   1212 O  O   . GLY A 1 158 ? -6.976  -2.244  -11.324 1.00 26.86 ? 158 GLY A O   1 
ATOM   1213 N  N   . LYS A 1 159 ? -6.390  -1.041  -9.514  1.00 24.98 ? 159 LYS A N   1 
ATOM   1214 C  CA  . LYS A 1 159 ? -6.889  0.222   -10.037 1.00 25.58 ? 159 LYS A CA  1 
ATOM   1215 C  C   . LYS A 1 159 ? -5.670  1.078   -10.361 1.00 24.81 ? 159 LYS A C   1 
ATOM   1216 O  O   . LYS A 1 159 ? -4.705  1.117   -9.594  1.00 22.10 ? 159 LYS A O   1 
ATOM   1217 C  CB  . LYS A 1 159 ? -7.760  0.927   -8.994  1.00 27.27 ? 159 LYS A CB  1 
ATOM   1218 C  CG  . LYS A 1 159 ? -8.963  0.118   -8.509  1.00 32.38 ? 159 LYS A CG  1 
ATOM   1219 C  CD  . LYS A 1 159 ? -9.996  -0.083  -9.609  1.00 34.15 ? 159 LYS A CD  1 
ATOM   1220 C  CE  . LYS A 1 159 ? -10.600 1.244   -10.068 1.00 36.84 ? 159 LYS A CE  1 
ATOM   1221 N  NZ  . LYS A 1 159 ? -11.309 1.954   -8.964  1.00 38.19 ? 159 LYS A NZ  1 
ATOM   1222 N  N   . LYS A 1 160 ? -5.713  1.757   -11.497 1.00 22.44 ? 160 LYS A N   1 
ATOM   1223 C  CA  . LYS A 1 160 ? -4.601  2.591   -11.923 1.00 22.83 ? 160 LYS A CA  1 
ATOM   1224 C  C   . LYS A 1 160 ? -4.688  4.026   -11.422 1.00 20.85 ? 160 LYS A C   1 
ATOM   1225 O  O   . LYS A 1 160 ? -5.774  4.551   -11.168 1.00 20.83 ? 160 LYS A O   1 
ATOM   1226 C  CB  . LYS A 1 160 ? -4.520  2.609   -13.450 1.00 24.00 ? 160 LYS A CB  1 
ATOM   1227 C  CG  . LYS A 1 160 ? -4.252  1.260   -14.097 1.00 27.75 ? 160 LYS A CG  1 
ATOM   1228 C  CD  . LYS A 1 160 ? -4.248  1.401   -15.616 1.00 30.94 ? 160 LYS A CD  1 
ATOM   1229 C  CE  . LYS A 1 160 ? -3.853  0.106   -16.302 1.00 33.26 ? 160 LYS A CE  1 
ATOM   1230 N  NZ  . LYS A 1 160 ? -4.797  -0.991  -15.969 1.00 38.16 ? 160 LYS A NZ  1 
ATOM   1231 N  N   . LEU A 1 161 ? -3.530  4.661   -11.284 1.00 20.45 ? 161 LEU A N   1 
ATOM   1232 C  CA  . LEU A 1 161 ? -3.487  6.049   -10.854 1.00 19.75 ? 161 LEU A CA  1 
ATOM   1233 C  C   . LEU A 1 161 ? -4.074  6.899   -11.978 1.00 22.50 ? 161 LEU A C   1 
ATOM   1234 O  O   . LEU A 1 161 ? -3.782  6.671   -13.153 1.00 20.57 ? 161 LEU A O   1 
ATOM   1235 C  CB  . LEU A 1 161 ? -2.043  6.487   -10.587 1.00 18.77 ? 161 LEU A CB  1 
ATOM   1236 C  CG  . LEU A 1 161 ? -1.369  5.895   -9.345  1.00 17.94 ? 161 LEU A CG  1 
ATOM   1237 C  CD1 . LEU A 1 161 ? 0.059   6.433   -9.213  1.00 18.10 ? 161 LEU A CD1 1 
ATOM   1238 C  CD2 . LEU A 1 161 ? -2.179  6.265   -8.118  1.00 17.07 ? 161 LEU A CD2 1 
ATOM   1239 N  N   . LYS A 1 162 ? -4.920  7.855   -11.613 1.00 23.44 ? 162 LYS A N   1 
ATOM   1240 C  CA  . LYS A 1 162 ? -5.531  8.757   -12.581 1.00 26.73 ? 162 LYS A CA  1 
ATOM   1241 C  C   . LYS A 1 162 ? -4.932  10.124  -12.289 1.00 28.20 ? 162 LYS A C   1 
ATOM   1242 O  O   . LYS A 1 162 ? -4.393  10.345  -11.208 1.00 27.43 ? 162 LYS A O   1 
ATOM   1243 C  CB  . LYS A 1 162 ? -7.054  8.781   -12.404 1.00 27.47 ? 162 LYS A CB  1 
ATOM   1244 C  CG  . LYS A 1 162 ? -7.707  7.414   -12.613 1.00 29.99 ? 162 LYS A CG  1 
ATOM   1245 C  CD  . LYS A 1 162 ? -9.186  7.400   -12.252 1.00 35.39 ? 162 LYS A CD  1 
ATOM   1246 C  CE  . LYS A 1 162 ? -10.052 8.075   -13.311 1.00 39.07 ? 162 LYS A CE  1 
ATOM   1247 N  NZ  . LYS A 1 162 ? -9.781  9.531   -13.438 1.00 42.69 ? 162 LYS A NZ  1 
ATOM   1248 N  N   . GLU A 1 163 ? -5.021  11.044  -13.241 1.00 30.32 ? 163 GLU A N   1 
ATOM   1249 C  CA  . GLU A 1 163 ? -4.444  12.361  -13.028 1.00 34.88 ? 163 GLU A CA  1 
ATOM   1250 C  C   . GLU A 1 163 ? -5.465  13.491  -13.109 1.00 37.87 ? 163 GLU A C   1 
ATOM   1251 O  O   . GLU A 1 163 ? -6.437  13.407  -13.859 1.00 37.12 ? 163 GLU A O   1 
ATOM   1252 C  CB  . GLU A 1 163 ? -3.314  12.580  -14.035 1.00 35.86 ? 163 GLU A CB  1 
ATOM   1253 C  CG  . GLU A 1 163 ? -2.530  13.865  -13.853 1.00 39.21 ? 163 GLU A CG  1 
ATOM   1254 C  CD  . GLU A 1 163 ? -1.126  13.755  -14.419 1.00 40.89 ? 163 GLU A CD  1 
ATOM   1255 O  OE1 . GLU A 1 163 ? -0.955  13.099  -15.468 1.00 41.98 ? 163 GLU A OE1 1 
ATOM   1256 O  OE2 . GLU A 1 163 ? -0.193  14.328  -13.820 1.00 41.57 ? 163 GLU A OE2 1 
ATOM   1257 N  N   . LYS A 1 164 ? -5.225  14.536  -12.318 1.00 41.71 ? 164 LYS A N   1 
ATOM   1258 C  CA  . LYS A 1 164 ? -6.074  15.727  -12.246 1.00 45.61 ? 164 LYS A CA  1 
ATOM   1259 C  C   . LYS A 1 164 ? -7.222  15.555  -11.264 1.00 47.61 ? 164 LYS A C   1 
ATOM   1260 O  O   . LYS A 1 164 ? -7.195  16.233  -10.216 1.00 49.16 ? 164 LYS A O   1 
ATOM   1261 C  CB  . LYS A 1 164 ? -6.627  16.080  -13.629 1.00 46.42 ? 164 LYS A CB  1 
ATOM   1262 C  CG  . LYS A 1 164 ? -5.554  16.377  -14.664 1.00 47.97 ? 164 LYS A CG  1 
ATOM   1263 C  CD  . LYS A 1 164 ? -6.133  16.516  -16.071 1.00 50.21 ? 164 LYS A CD  1 
ATOM   1264 C  CE  . LYS A 1 164 ? -7.091  17.694  -16.189 1.00 50.37 ? 164 LYS A CE  1 
ATOM   1265 N  NZ  . LYS A 1 164 ? -8.335  17.497  -15.398 1.00 51.58 ? 164 LYS A NZ  1 
HETATM 1266 O  O   . HOH B 2 .   ? -14.177 -5.791  0.509   1.00 17.22 ? 201 HOH A O   1 
HETATM 1267 O  O   . HOH B 2 .   ? -0.004  0.484   -3.352  1.00 14.66 ? 202 HOH A O   1 
HETATM 1268 O  O   . HOH B 2 .   ? -7.780  -10.363 2.862   1.00 20.14 ? 203 HOH A O   1 
HETATM 1269 O  O   . HOH B 2 .   ? -13.527 7.197   1.968   1.00 20.50 ? 204 HOH A O   1 
HETATM 1270 O  O   . HOH B 2 .   ? 15.699  5.783   -6.577  1.00 20.46 ? 205 HOH A O   1 
HETATM 1271 O  O   . HOH B 2 .   ? 11.730  1.402   -8.595  1.00 21.04 ? 206 HOH A O   1 
HETATM 1272 O  O   . HOH B 2 .   ? -8.564  -4.088  0.834   1.00 21.84 ? 207 HOH A O   1 
HETATM 1273 O  O   . HOH B 2 .   ? -7.106  3.743   3.575   1.00 17.65 ? 208 HOH A O   1 
HETATM 1274 O  O   . HOH B 2 .   ? 1.469   10.601  -1.896  1.00 21.17 ? 209 HOH A O   1 
HETATM 1275 O  O   . HOH B 2 .   ? 4.390   -1.044  -0.207  1.00 18.23 ? 210 HOH A O   1 
HETATM 1276 O  O   . HOH B 2 .   ? 1.441   -0.596  -13.433 1.00 19.07 ? 211 HOH A O   1 
HETATM 1277 O  O   . HOH B 2 .   ? 9.050   -8.035  18.736  1.00 21.33 ? 212 HOH A O   1 
HETATM 1278 O  O   . HOH B 2 .   ? -0.960  -11.897 12.673  1.00 25.17 ? 213 HOH A O   1 
HETATM 1279 O  O   . HOH B 2 .   ? 4.471   -2.644  15.631  1.00 21.69 ? 214 HOH A O   1 
HETATM 1280 O  O   . HOH B 2 .   ? -6.119  -4.741  -0.691  1.00 28.72 ? 215 HOH A O   1 
HETATM 1281 O  O   . HOH B 2 .   ? -4.700  10.283  0.840   1.00 26.96 ? 216 HOH A O   1 
HETATM 1282 O  O   . HOH B 2 .   ? 2.535   5.697   2.403   1.00 26.72 ? 217 HOH A O   1 
HETATM 1283 O  O   . HOH B 2 .   ? 1.330   4.034   4.649   1.00 26.62 ? 218 HOH A O   1 
HETATM 1284 O  O   . HOH B 2 .   ? 0.227   -14.909 10.721  1.00 23.69 ? 219 HOH A O   1 
HETATM 1285 O  O   . HOH B 2 .   ? -8.124  -8.138  12.362  1.00 22.50 ? 220 HOH A O   1 
HETATM 1286 O  O   . HOH B 2 .   ? 7.245   -11.801 -4.492  1.00 31.78 ? 221 HOH A O   1 
HETATM 1287 O  O   . HOH B 2 .   ? 6.536   -11.123 16.954  1.00 28.15 ? 222 HOH A O   1 
HETATM 1288 O  O   . HOH B 2 .   ? -10.081 5.949   -9.259  1.00 21.71 ? 223 HOH A O   1 
HETATM 1289 O  O   . HOH B 2 .   ? 5.930   10.369  -0.825  1.00 26.82 ? 224 HOH A O   1 
HETATM 1290 O  O   . HOH B 2 .   ? -0.977  5.872   3.831   1.00 28.40 ? 225 HOH A O   1 
HETATM 1291 O  O   . HOH B 2 .   ? 1.225   1.552   14.729  1.00 31.79 ? 226 HOH A O   1 
HETATM 1292 O  O   . HOH B 2 .   ? 8.046   -11.604 3.223   1.00 24.96 ? 227 HOH A O   1 
HETATM 1293 O  O   . HOH B 2 .   ? -8.344  -3.119  -7.509  1.00 27.02 ? 228 HOH A O   1 
HETATM 1294 O  O   . HOH B 2 .   ? -8.212  1.376   -13.245 1.00 29.07 ? 229 HOH A O   1 
HETATM 1295 O  O   . HOH B 2 .   ? -22.204 15.244  3.839   1.00 33.31 ? 230 HOH A O   1 
HETATM 1296 O  O   . HOH B 2 .   ? 1.686   11.189  -14.482 1.00 28.97 ? 231 HOH A O   1 
HETATM 1297 O  O   . HOH B 2 .   ? 7.408   -19.866 -0.299  1.00 31.64 ? 232 HOH A O   1 
HETATM 1298 O  O   . HOH B 2 .   ? 2.625   14.234  -7.048  1.00 28.08 ? 233 HOH A O   1 
HETATM 1299 O  O   . HOH B 2 .   ? 8.926   -15.039 9.275   1.00 24.71 ? 234 HOH A O   1 
HETATM 1300 O  O   . HOH B 2 .   ? -12.125 0.790   -0.148  1.00 25.78 ? 235 HOH A O   1 
HETATM 1301 O  O   . HOH B 2 .   ? -8.510  13.866  3.305   1.00 24.37 ? 236 HOH A O   1 
HETATM 1302 O  O   . HOH B 2 .   ? 5.160   1.394   -14.148 1.00 31.34 ? 237 HOH A O   1 
HETATM 1303 O  O   . HOH B 2 .   ? -8.553  4.749   5.941   1.00 29.08 ? 238 HOH A O   1 
HETATM 1304 O  O   . HOH B 2 .   ? 0.762   15.254  -9.179  1.00 29.04 ? 239 HOH A O   1 
HETATM 1305 O  O   . HOH B 2 .   ? -8.267  4.004   -10.566 1.00 29.53 ? 240 HOH A O   1 
HETATM 1306 O  O   . HOH B 2 .   ? 2.304   -9.499  13.941  1.00 26.45 ? 241 HOH A O   1 
HETATM 1307 O  O   . HOH B 2 .   ? 14.027  4.593   1.259   1.00 35.35 ? 242 HOH A O   1 
HETATM 1308 O  O   . HOH B 2 .   ? 8.183   -10.751 -1.761  1.00 27.23 ? 243 HOH A O   1 
HETATM 1309 O  O   . HOH B 2 .   ? 12.849  -15.690 3.505   1.00 44.77 ? 244 HOH A O   1 
HETATM 1310 O  O   . HOH B 2 .   ? 20.093  -2.092  4.952   1.00 39.79 ? 245 HOH A O   1 
HETATM 1311 O  O   . HOH B 2 .   ? 3.480   -0.348  17.391  1.00 47.05 ? 246 HOH A O   1 
HETATM 1312 O  O   . HOH B 2 .   ? 0.968   -3.999  -12.874 1.00 26.74 ? 247 HOH A O   1 
HETATM 1313 O  O   . HOH B 2 .   ? -1.612  2.537   13.730  1.00 47.94 ? 248 HOH A O   1 
HETATM 1314 O  O   . HOH B 2 .   ? -17.321 4.833   1.718   1.00 28.29 ? 249 HOH A O   1 
HETATM 1315 O  O   . HOH B 2 .   ? -10.440 14.118  5.518   1.00 36.62 ? 250 HOH A O   1 
HETATM 1316 O  O   . HOH B 2 .   ? 14.468  -6.096  -2.409  1.00 28.77 ? 251 HOH A O   1 
HETATM 1317 O  O   . HOH B 2 .   ? -5.095  -12.355 6.075   1.00 31.04 ? 252 HOH A O   1 
HETATM 1318 O  O   . HOH B 2 .   ? -14.612 3.979   4.095   1.00 31.34 ? 253 HOH A O   1 
HETATM 1319 O  O   . HOH B 2 .   ? 14.113  0.439   -6.966  1.00 37.38 ? 254 HOH A O   1 
HETATM 1320 O  O   . HOH B 2 .   ? -11.694 0.335   9.156   1.00 41.63 ? 255 HOH A O   1 
HETATM 1321 O  O   . HOH B 2 .   ? 3.351   8.887   -0.498  1.00 30.02 ? 256 HOH A O   1 
HETATM 1322 O  O   . HOH B 2 .   ? -12.357 -0.483  -6.537  1.00 30.83 ? 257 HOH A O   1 
HETATM 1323 O  O   . HOH B 2 .   ? 6.306   0.053   -17.720 1.00 37.61 ? 258 HOH A O   1 
HETATM 1324 O  O   . HOH B 2 .   ? 1.691   4.415   -16.653 1.00 33.62 ? 259 HOH A O   1 
HETATM 1325 O  O   . HOH B 2 .   ? 17.961  -10.111 2.288   1.00 40.65 ? 260 HOH A O   1 
HETATM 1326 O  O   . HOH B 2 .   ? 7.081   10.913  -11.696 1.00 31.03 ? 261 HOH A O   1 
HETATM 1327 O  O   . HOH B 2 .   ? 12.487  3.036   9.504   1.00 32.21 ? 262 HOH A O   1 
HETATM 1328 O  O   . HOH B 2 .   ? -4.879  -14.743 13.453  1.00 33.82 ? 263 HOH A O   1 
HETATM 1329 O  O   . HOH B 2 .   ? -14.616 -4.059  3.163   1.00 32.52 ? 264 HOH A O   1 
HETATM 1330 O  O   . HOH B 2 .   ? -13.924 -8.491  7.545   1.00 31.86 ? 265 HOH A O   1 
HETATM 1331 O  O   . HOH B 2 .   ? -8.485  19.006  -5.580  1.00 47.96 ? 266 HOH A O   1 
HETATM 1332 O  O   . HOH B 2 .   ? 1.924   8.112   -17.528 1.00 29.33 ? 267 HOH A O   1 
HETATM 1333 O  O   . HOH B 2 .   ? -3.629  19.491  -6.344  1.00 37.45 ? 268 HOH A O   1 
HETATM 1334 O  O   . HOH B 2 .   ? -10.777 -2.047  12.125  1.00 44.52 ? 269 HOH A O   1 
HETATM 1335 O  O   . HOH B 2 .   ? 15.238  2.936   3.393   1.00 38.53 ? 270 HOH A O   1 
HETATM 1336 O  O   . HOH B 2 .   ? -3.839  13.832  2.967   1.00 28.58 ? 271 HOH A O   1 
HETATM 1337 O  O   . HOH B 2 .   ? -12.544 18.910  -0.510  1.00 39.26 ? 272 HOH A O   1 
HETATM 1338 O  O   . HOH B 2 .   ? 1.862   13.467  -2.485  1.00 30.51 ? 273 HOH A O   1 
HETATM 1339 O  O   . HOH B 2 .   ? -5.338  5.789   -15.311 1.00 32.22 ? 274 HOH A O   1 
HETATM 1340 O  O   . HOH B 2 .   ? -1.373  -8.052  -11.375 1.00 43.42 ? 275 HOH A O   1 
HETATM 1341 O  O   . HOH B 2 .   ? -11.943 -14.843 5.156   1.00 35.26 ? 276 HOH A O   1 
HETATM 1342 O  O   . HOH B 2 .   ? -16.134 6.622   3.854   1.00 31.65 ? 277 HOH A O   1 
HETATM 1343 O  O   . HOH B 2 .   ? 3.048   -4.027  -15.244 1.00 33.87 ? 278 HOH A O   1 
HETATM 1344 O  O   . HOH B 2 .   ? 8.771   13.380  -1.946  1.00 47.93 ? 279 HOH A O   1 
HETATM 1345 O  O   . HOH B 2 .   ? 10.267  -12.931 -0.984  1.00 37.94 ? 280 HOH A O   1 
HETATM 1346 O  O   . HOH B 2 .   ? 2.798   15.752  -4.276  1.00 47.15 ? 281 HOH A O   1 
HETATM 1347 O  O   . HOH B 2 .   ? 13.728  -15.780 13.274  1.00 57.44 ? 282 HOH A O   1 
HETATM 1348 O  O   . HOH B 2 .   ? -3.496  5.150   5.719   1.00 43.13 ? 283 HOH A O   1 
HETATM 1349 O  O   . HOH B 2 .   ? -0.256  22.274  0.322   1.00 53.47 ? 284 HOH A O   1 
HETATM 1350 O  O   . HOH B 2 .   ? 8.591   -15.158 -6.132  1.00 44.73 ? 285 HOH A O   1 
HETATM 1351 O  O   . HOH B 2 .   ? 16.423  -2.825  11.375  1.00 35.94 ? 286 HOH A O   1 
HETATM 1352 O  O   . HOH B 2 .   ? 2.524   -9.656  -9.954  1.00 40.81 ? 287 HOH A O   1 
HETATM 1353 O  O   . HOH B 2 .   ? 6.483   -4.356  -16.803 1.00 48.88 ? 288 HOH A O   1 
HETATM 1354 O  O   . HOH B 2 .   ? -0.493  -11.148 -17.564 1.00 46.60 ? 289 HOH A O   1 
HETATM 1355 O  O   . HOH B 2 .   ? 11.336  5.283   2.740   1.00 45.76 ? 290 HOH A O   1 
HETATM 1356 O  O   . HOH B 2 .   ? 3.208   3.547   16.177  1.00 45.42 ? 291 HOH A O   1 
HETATM 1357 O  O   . HOH B 2 .   ? -0.695  0.543   -17.154 1.00 48.88 ? 292 HOH A O   1 
HETATM 1358 O  O   . HOH B 2 .   ? 10.391  3.331   11.774  1.00 30.36 ? 293 HOH A O   1 
HETATM 1359 O  O   . HOH B 2 .   ? -1.925  22.806  -3.463  1.00 51.44 ? 294 HOH A O   1 
HETATM 1360 O  O   . HOH B 2 .   ? 8.792   -12.051 -7.062  1.00 42.00 ? 295 HOH A O   1 
HETATM 1361 O  O   . HOH B 2 .   ? -5.602  2.006   -6.943  1.00 37.08 ? 296 HOH A O   1 
HETATM 1362 O  O   . HOH B 2 .   ? 15.325  11.575  -4.805  1.00 39.03 ? 297 HOH A O   1 
HETATM 1363 O  O   . HOH B 2 .   ? 23.328  -5.038  -8.488  1.00 43.89 ? 298 HOH A O   1 
HETATM 1364 O  O   . HOH B 2 .   ? -9.922  -6.452  14.182  1.00 40.03 ? 299 HOH A O   1 
HETATM 1365 O  O   . HOH B 2 .   ? 17.170  -6.884  -8.839  1.00 47.06 ? 300 HOH A O   1 
HETATM 1366 O  O   . HOH B 2 .   ? 10.651  -15.467 -3.808  1.00 45.45 ? 301 HOH A O   1 
HETATM 1367 O  O   . HOH B 2 .   ? 11.095  7.387   -11.391 1.00 24.42 ? 302 HOH A O   1 
HETATM 1368 O  O   . HOH B 2 .   ? 11.865  -8.706  17.966  1.00 49.06 ? 303 HOH A O   1 
HETATM 1369 O  O   . HOH B 2 .   ? -6.125  15.540  3.787   1.00 26.19 ? 304 HOH A O   1 
HETATM 1370 O  O   . HOH B 2 .   ? 2.551   1.093   -15.777 1.00 54.89 ? 305 HOH A O   1 
HETATM 1371 O  O   . HOH B 2 .   ? 10.258  -13.291 2.089   1.00 41.57 ? 306 HOH A O   1 
HETATM 1372 O  O   . HOH B 2 .   ? -11.590 14.112  -8.407  1.00 44.00 ? 307 HOH A O   1 
HETATM 1373 O  O   . HOH B 2 .   ? -4.768  11.064  3.695   1.00 30.82 ? 308 HOH A O   1 
HETATM 1374 O  O   . HOH B 2 .   ? 19.282  -3.122  2.098   1.00 38.01 ? 309 HOH A O   1 
HETATM 1375 O  O   . HOH B 2 .   ? -11.110 15.139  -12.843 1.00 48.75 ? 310 HOH A O   1 
HETATM 1376 O  O   . HOH B 2 .   ? 7.315   -13.487 -9.300  1.00 43.66 ? 311 HOH A O   1 
HETATM 1377 O  O   . HOH B 2 .   ? 10.229  10.485  -12.163 1.00 45.80 ? 312 HOH A O   1 
HETATM 1378 O  O   . HOH B 2 .   ? -12.079 8.015   -10.382 1.00 54.96 ? 313 HOH A O   1 
HETATM 1379 O  O   . HOH B 2 .   ? -1.656  -5.503  -12.995 1.00 38.76 ? 314 HOH A O   1 
HETATM 1380 O  O   . HOH B 2 .   ? 11.660  15.328  -3.381  1.00 40.66 ? 315 HOH A O   1 
HETATM 1381 O  O   . HOH B 2 .   ? -7.676  11.087  4.683   1.00 48.55 ? 316 HOH A O   1 
HETATM 1382 O  O   . HOH B 2 .   ? 8.998   -5.327  -15.015 1.00 48.69 ? 317 HOH A O   1 
HETATM 1383 O  O   . HOH B 2 .   ? 0.269   -2.177  -15.830 1.00 45.26 ? 318 HOH A O   1 
HETATM 1384 O  O   . HOH B 2 .   ? -1.805  13.601  5.190   1.00 35.04 ? 319 HOH A O   1 
# 
